data_9L1V
#
_entry.id   9L1V
#
_entity_poly.entity_id   1
_entity_poly.type   'polypeptide(L)'
_entity_poly.pdbx_seq_one_letter_code
;MLSQEQVLTKLREWMEDLFEIEPETVQLDSNLYSDLDVDSIDAVDLVVKIKELTGKQVKPEDFKNVRTVLDVVTVIQNMT
AE
;
_entity_poly.pdbx_strand_id   A
#
# COMPACT_ATOMS: atom_id res chain seq x y z
N MET A 1 -9.34 3.09 15.53
CA MET A 1 -8.65 3.96 14.52
C MET A 1 -7.21 3.59 14.38
N LEU A 2 -6.71 3.58 13.12
CA LEU A 2 -5.32 3.23 12.88
C LEU A 2 -4.66 4.42 12.26
N SER A 3 -3.32 4.52 12.45
CA SER A 3 -2.59 5.65 11.90
C SER A 3 -1.95 5.23 10.62
N GLN A 4 -1.85 6.19 9.68
CA GLN A 4 -1.26 5.95 8.39
C GLN A 4 0.22 5.82 8.55
N GLU A 5 0.77 6.40 9.65
CA GLU A 5 2.19 6.33 9.90
C GLU A 5 2.55 4.91 10.29
N GLN A 6 1.75 4.30 11.21
CA GLN A 6 2.03 2.94 11.62
C GLN A 6 1.65 2.03 10.49
N VAL A 7 0.67 2.46 9.66
CA VAL A 7 0.24 1.68 8.52
C VAL A 7 1.37 1.63 7.52
N LEU A 8 2.12 2.76 7.36
CA LEU A 8 3.24 2.77 6.42
C LEU A 8 4.29 1.79 6.88
N THR A 9 4.55 1.71 8.21
CA THR A 9 5.58 0.78 8.70
C THR A 9 5.21 -0.64 8.34
N LYS A 10 3.94 -1.06 8.53
CA LYS A 10 3.54 -2.42 8.20
C LYS A 10 3.63 -2.61 6.69
N LEU A 11 3.24 -1.58 5.91
CA LEU A 11 3.28 -1.68 4.46
C LEU A 11 4.70 -1.86 3.98
N ARG A 12 5.64 -1.12 4.57
CA ARG A 12 7.03 -1.18 4.17
C ARG A 12 7.61 -2.55 4.51
N GLU A 13 7.27 -3.08 5.69
CA GLU A 13 7.82 -4.36 6.11
C GLU A 13 7.33 -5.50 5.25
N TRP A 14 6.03 -5.49 4.86
CA TRP A 14 5.50 -6.59 4.09
C TRP A 14 6.03 -6.59 2.68
N MET A 15 6.27 -5.40 2.09
CA MET A 15 6.74 -5.35 0.73
C MET A 15 8.20 -5.73 0.69
N GLU A 16 8.94 -5.57 1.81
CA GLU A 16 10.35 -5.93 1.84
C GLU A 16 10.45 -7.43 2.08
N ASP A 17 9.52 -7.95 2.91
CA ASP A 17 9.51 -9.35 3.23
C ASP A 17 9.13 -10.17 2.01
N LEU A 18 8.23 -9.65 1.16
CA LEU A 18 7.77 -10.41 0.02
C LEU A 18 8.67 -10.25 -1.18
N PHE A 19 8.81 -9.01 -1.72
CA PHE A 19 9.59 -8.84 -2.92
C PHE A 19 10.93 -8.22 -2.60
N GLU A 20 11.23 -8.01 -1.30
CA GLU A 20 12.50 -7.44 -0.90
C GLU A 20 12.60 -6.03 -1.40
N ILE A 21 11.50 -5.26 -1.29
CA ILE A 21 11.53 -3.88 -1.71
C ILE A 21 11.95 -3.09 -0.49
N GLU A 22 13.00 -2.23 -0.64
CA GLU A 22 13.48 -1.48 0.49
C GLU A 22 12.45 -0.47 0.91
N PRO A 23 12.15 -0.53 2.20
CA PRO A 23 11.20 0.37 2.83
C PRO A 23 11.77 1.76 3.01
N GLU A 24 13.11 1.90 2.93
CA GLU A 24 13.72 3.20 3.07
C GLU A 24 13.42 4.03 1.84
N THR A 25 13.47 3.41 0.64
CA THR A 25 13.19 4.15 -0.58
C THR A 25 11.72 4.45 -0.63
N VAL A 26 10.88 3.47 -0.24
CA VAL A 26 9.44 3.63 -0.24
C VAL A 26 9.08 4.60 0.85
N GLN A 27 8.85 5.86 0.44
CA GLN A 27 8.48 6.88 1.38
C GLN A 27 7.10 7.31 0.99
N LEU A 28 6.63 8.45 1.51
CA LEU A 28 5.31 8.92 1.17
C LEU A 28 5.45 9.85 0.00
N ASP A 29 6.69 10.02 -0.49
CA ASP A 29 6.93 10.89 -1.60
C ASP A 29 7.50 10.03 -2.71
N SER A 30 7.23 8.70 -2.67
CA SER A 30 7.76 7.84 -3.70
C SER A 30 6.60 7.47 -4.60
N ASN A 31 6.78 7.67 -5.93
CA ASN A 31 5.74 7.34 -6.88
C ASN A 31 5.78 5.86 -7.06
N LEU A 32 4.60 5.20 -7.04
CA LEU A 32 4.58 3.75 -7.13
C LEU A 32 4.82 3.28 -8.54
N TYR A 33 4.05 3.78 -9.53
CA TYR A 33 4.21 3.32 -10.90
C TYR A 33 5.31 4.09 -11.58
N SER A 34 5.31 5.41 -11.37
CA SER A 34 6.30 6.24 -12.02
C SER A 34 7.69 5.99 -11.47
N ASP A 35 7.85 5.89 -10.14
CA ASP A 35 9.17 5.72 -9.59
C ASP A 35 9.51 4.26 -9.35
N LEU A 36 8.57 3.46 -8.79
CA LEU A 36 8.90 2.10 -8.47
C LEU A 36 8.50 1.15 -9.58
N ASP A 37 7.65 1.61 -10.53
CA ASP A 37 7.21 0.75 -11.61
C ASP A 37 6.55 -0.47 -11.00
N VAL A 38 5.46 -0.26 -10.23
CA VAL A 38 4.76 -1.35 -9.60
C VAL A 38 4.14 -2.21 -10.66
N ASP A 39 4.21 -3.56 -10.48
CA ASP A 39 3.67 -4.45 -11.47
C ASP A 39 2.47 -5.13 -10.88
N SER A 40 2.06 -6.26 -11.49
CA SER A 40 0.89 -6.97 -11.00
C SER A 40 1.26 -7.92 -9.90
N ILE A 41 2.56 -8.20 -9.68
CA ILE A 41 2.93 -9.11 -8.62
C ILE A 41 3.01 -8.34 -7.33
N ASP A 42 3.57 -7.12 -7.36
CA ASP A 42 3.66 -6.33 -6.14
C ASP A 42 2.25 -5.95 -5.73
N ALA A 43 1.39 -5.57 -6.71
CA ALA A 43 0.04 -5.17 -6.38
C ALA A 43 -0.76 -6.36 -5.88
N VAL A 44 -0.61 -7.54 -6.51
CA VAL A 44 -1.38 -8.70 -6.09
C VAL A 44 -0.99 -9.14 -4.71
N ASP A 45 0.33 -9.14 -4.38
CA ASP A 45 0.74 -9.58 -3.07
C ASP A 45 0.17 -8.67 -2.01
N LEU A 46 0.16 -7.34 -2.29
CA LEU A 46 -0.32 -6.37 -1.35
C LEU A 46 -1.82 -6.42 -1.24
N VAL A 47 -2.55 -6.76 -2.34
CA VAL A 47 -4.00 -6.81 -2.28
C VAL A 47 -4.44 -7.89 -1.34
N VAL A 48 -3.79 -9.07 -1.38
CA VAL A 48 -4.21 -10.15 -0.52
C VAL A 48 -3.91 -9.81 0.93
N LYS A 49 -2.76 -9.14 1.22
CA LYS A 49 -2.44 -8.84 2.60
C LYS A 49 -3.17 -7.59 3.05
N ILE A 50 -3.77 -6.84 2.10
CA ILE A 50 -4.51 -5.64 2.44
C ILE A 50 -5.92 -6.08 2.77
N LYS A 51 -6.47 -7.03 1.96
CA LYS A 51 -7.80 -7.55 2.18
C LYS A 51 -7.83 -8.29 3.49
N GLU A 52 -6.76 -9.05 3.80
CA GLU A 52 -6.70 -9.81 5.03
C GLU A 52 -6.52 -8.89 6.22
N LEU A 53 -5.68 -7.84 6.05
CA LEU A 53 -5.38 -6.93 7.14
C LEU A 53 -6.60 -6.15 7.59
N THR A 54 -7.44 -5.64 6.66
CA THR A 54 -8.60 -4.86 7.11
C THR A 54 -9.83 -5.73 7.15
N GLY A 55 -9.87 -6.80 6.34
CA GLY A 55 -11.01 -7.69 6.35
C GLY A 55 -12.02 -7.26 5.31
N LYS A 56 -11.68 -6.31 4.41
CA LYS A 56 -12.64 -5.89 3.42
C LYS A 56 -12.03 -6.01 2.06
N GLN A 57 -12.90 -6.22 1.04
CA GLN A 57 -12.46 -6.39 -0.32
C GLN A 57 -12.19 -5.02 -0.90
N VAL A 58 -11.23 -4.95 -1.85
CA VAL A 58 -10.90 -3.69 -2.46
C VAL A 58 -11.35 -3.72 -3.91
N LYS A 59 -11.65 -2.52 -4.48
CA LYS A 59 -12.07 -2.46 -5.85
C LYS A 59 -10.90 -1.96 -6.66
N PRO A 60 -10.84 -2.39 -7.90
CA PRO A 60 -9.77 -2.04 -8.81
C PRO A 60 -9.77 -0.60 -9.28
N GLU A 61 -10.92 0.09 -9.13
CA GLU A 61 -11.00 1.47 -9.55
C GLU A 61 -10.10 2.32 -8.69
N ASP A 62 -10.05 2.01 -7.38
CA ASP A 62 -9.24 2.77 -6.45
C ASP A 62 -7.77 2.61 -6.79
N PHE A 63 -7.36 1.38 -7.19
CA PHE A 63 -5.97 1.13 -7.51
C PHE A 63 -5.55 1.94 -8.71
N LYS A 64 -6.45 2.13 -9.69
CA LYS A 64 -6.09 2.92 -10.87
C LYS A 64 -5.82 4.35 -10.43
N ASN A 65 -6.63 4.88 -9.48
CA ASN A 65 -6.45 6.25 -9.03
C ASN A 65 -5.24 6.38 -8.12
N VAL A 66 -4.67 5.25 -7.62
CA VAL A 66 -3.50 5.34 -6.74
C VAL A 66 -2.30 5.78 -7.54
N ARG A 67 -1.55 6.79 -7.02
CA ARG A 67 -0.39 7.28 -7.73
C ARG A 67 0.82 7.26 -6.81
N THR A 68 0.63 7.52 -5.49
CA THR A 68 1.76 7.55 -4.59
C THR A 68 1.52 6.68 -3.38
N VAL A 69 2.62 6.37 -2.64
CA VAL A 69 2.53 5.56 -1.43
C VAL A 69 1.66 6.24 -0.39
N LEU A 70 1.77 7.59 -0.24
CA LEU A 70 0.95 8.30 0.73
C LEU A 70 -0.52 8.10 0.41
N ASP A 71 -0.89 8.08 -0.89
CA ASP A 71 -2.28 7.91 -1.27
C ASP A 71 -2.78 6.56 -0.78
N VAL A 72 -1.93 5.51 -0.83
CA VAL A 72 -2.33 4.18 -0.37
C VAL A 72 -2.60 4.18 1.12
N VAL A 73 -1.75 4.83 1.95
CA VAL A 73 -1.99 4.81 3.39
C VAL A 73 -3.17 5.69 3.71
N THR A 74 -3.44 6.73 2.87
CA THR A 74 -4.57 7.61 3.09
C THR A 74 -5.85 6.87 2.82
N VAL A 75 -5.88 6.07 1.72
CA VAL A 75 -7.06 5.32 1.34
C VAL A 75 -7.33 4.23 2.36
N ILE A 76 -6.26 3.58 2.87
CA ILE A 76 -6.45 2.51 3.84
C ILE A 76 -7.08 3.08 5.11
N GLN A 77 -6.58 4.24 5.61
CA GLN A 77 -7.11 4.82 6.83
C GLN A 77 -8.43 5.50 6.56
N ASN A 78 -8.69 5.87 5.30
CA ASN A 78 -9.91 6.55 4.94
C ASN A 78 -11.07 5.58 4.99
N MET A 79 -10.85 4.35 4.48
CA MET A 79 -11.92 3.37 4.43
C MET A 79 -11.86 2.52 5.68
N THR A 80 -10.82 2.68 6.52
CA THR A 80 -10.70 1.87 7.71
C THR A 80 -11.32 2.60 8.88
N ALA A 81 -11.08 3.93 8.99
CA ALA A 81 -11.64 4.67 10.08
C ALA A 81 -13.05 5.04 9.74
N GLU A 82 -14.00 4.66 10.63
CA GLU A 82 -15.39 4.96 10.39
C GLU A 82 -16.18 4.41 11.58
N MET A 1 -8.97 3.05 15.95
CA MET A 1 -8.41 3.90 14.85
C MET A 1 -6.95 3.60 14.63
N LEU A 2 -6.52 3.56 13.34
CA LEU A 2 -5.15 3.29 13.03
C LEU A 2 -4.61 4.46 12.27
N SER A 3 -3.29 4.71 12.37
CA SER A 3 -2.70 5.83 11.69
C SER A 3 -2.02 5.37 10.45
N GLN A 4 -1.79 6.34 9.52
CA GLN A 4 -1.16 6.07 8.27
C GLN A 4 0.31 5.87 8.49
N GLU A 5 0.86 6.44 9.61
CA GLU A 5 2.26 6.28 9.91
C GLU A 5 2.53 4.85 10.34
N GLN A 6 1.63 4.30 11.19
CA GLN A 6 1.80 2.93 11.64
C GLN A 6 1.53 2.01 10.49
N VAL A 7 0.55 2.41 9.64
CA VAL A 7 0.19 1.64 8.48
C VAL A 7 1.35 1.60 7.50
N LEU A 8 2.07 2.73 7.35
CA LEU A 8 3.21 2.76 6.43
C LEU A 8 4.26 1.78 6.90
N THR A 9 4.51 1.68 8.23
CA THR A 9 5.53 0.75 8.72
C THR A 9 5.16 -0.67 8.35
N LYS A 10 3.88 -1.09 8.54
CA LYS A 10 3.49 -2.45 8.19
C LYS A 10 3.59 -2.63 6.68
N LEU A 11 3.20 -1.59 5.90
CA LEU A 11 3.25 -1.67 4.45
C LEU A 11 4.67 -1.87 3.99
N ARG A 12 5.61 -1.11 4.58
CA ARG A 12 7.00 -1.18 4.18
C ARG A 12 7.59 -2.54 4.53
N GLU A 13 7.25 -3.07 5.71
CA GLU A 13 7.79 -4.33 6.15
C GLU A 13 7.31 -5.48 5.29
N TRP A 14 6.01 -5.49 4.88
CA TRP A 14 5.49 -6.58 4.11
C TRP A 14 6.03 -6.58 2.71
N MET A 15 6.28 -5.40 2.12
CA MET A 15 6.76 -5.35 0.77
C MET A 15 8.22 -5.72 0.73
N GLU A 16 8.95 -5.57 1.87
CA GLU A 16 10.36 -5.93 1.91
C GLU A 16 10.45 -7.41 2.16
N ASP A 17 9.53 -7.93 2.98
CA ASP A 17 9.51 -9.33 3.31
C ASP A 17 9.12 -10.16 2.10
N LEU A 18 8.23 -9.62 1.24
CA LEU A 18 7.76 -10.39 0.10
C LEU A 18 8.66 -10.24 -1.10
N PHE A 19 8.81 -9.02 -1.64
CA PHE A 19 9.59 -8.86 -2.85
C PHE A 19 10.94 -8.23 -2.54
N GLU A 20 11.24 -8.02 -1.23
CA GLU A 20 12.50 -7.44 -0.84
C GLU A 20 12.61 -6.02 -1.34
N ILE A 21 11.51 -5.25 -1.24
CA ILE A 21 11.55 -3.87 -1.66
C ILE A 21 11.96 -3.06 -0.45
N GLU A 22 12.99 -2.19 -0.61
CA GLU A 22 13.47 -1.40 0.49
C GLU A 22 12.43 -0.43 0.94
N PRO A 23 12.13 -0.50 2.21
CA PRO A 23 11.17 0.38 2.86
C PRO A 23 11.73 1.77 3.03
N GLU A 24 13.08 1.92 2.94
CA GLU A 24 13.70 3.21 3.08
C GLU A 24 13.37 4.05 1.85
N THR A 25 13.45 3.43 0.64
CA THR A 25 13.16 4.16 -0.58
C THR A 25 11.69 4.46 -0.65
N VAL A 26 10.85 3.48 -0.24
CA VAL A 26 9.41 3.65 -0.24
C VAL A 26 9.04 4.62 0.83
N GLN A 27 8.79 5.88 0.40
CA GLN A 27 8.40 6.89 1.33
C GLN A 27 7.03 7.31 0.92
N LEU A 28 6.53 8.44 1.45
CA LEU A 28 5.20 8.87 1.10
C LEU A 28 5.34 9.79 -0.10
N ASP A 29 6.60 10.05 -0.51
CA ASP A 29 6.84 10.89 -1.64
C ASP A 29 7.38 10.03 -2.75
N SER A 30 7.17 8.69 -2.67
CA SER A 30 7.68 7.83 -3.70
C SER A 30 6.53 7.44 -4.58
N ASN A 31 6.70 7.62 -5.92
CA ASN A 31 5.67 7.28 -6.87
C ASN A 31 5.75 5.79 -7.06
N LEU A 32 4.59 5.10 -7.01
CA LEU A 32 4.60 3.66 -7.12
C LEU A 32 4.85 3.20 -8.54
N TYR A 33 4.07 3.71 -9.52
CA TYR A 33 4.24 3.27 -10.90
C TYR A 33 5.31 4.06 -11.58
N SER A 34 5.31 5.38 -11.37
CA SER A 34 6.28 6.22 -12.03
C SER A 34 7.67 5.99 -11.47
N ASP A 35 7.82 5.90 -10.13
CA ASP A 35 9.14 5.77 -9.57
C ASP A 35 9.51 4.32 -9.33
N LEU A 36 8.59 3.50 -8.79
CA LEU A 36 8.98 2.14 -8.48
C LEU A 36 8.58 1.20 -9.58
N ASP A 37 7.73 1.63 -10.54
CA ASP A 37 7.30 0.76 -11.62
C ASP A 37 6.69 -0.48 -11.01
N VAL A 38 5.60 -0.29 -10.24
CA VAL A 38 4.93 -1.40 -9.59
C VAL A 38 4.35 -2.30 -10.65
N ASP A 39 4.51 -3.64 -10.47
CA ASP A 39 4.02 -4.57 -11.43
C ASP A 39 2.82 -5.25 -10.85
N SER A 40 2.31 -6.26 -11.58
CA SER A 40 1.14 -6.99 -11.14
C SER A 40 1.41 -7.76 -9.87
N ILE A 41 2.62 -8.38 -9.75
CA ILE A 41 2.95 -9.18 -8.58
C ILE A 41 3.00 -8.33 -7.32
N ASP A 42 3.61 -7.13 -7.36
CA ASP A 42 3.69 -6.31 -6.16
C ASP A 42 2.31 -5.91 -5.73
N ALA A 43 1.44 -5.53 -6.70
CA ALA A 43 0.10 -5.11 -6.35
C ALA A 43 -0.72 -6.27 -5.86
N VAL A 44 -0.58 -7.46 -6.49
CA VAL A 44 -1.35 -8.61 -6.10
C VAL A 44 -0.97 -9.05 -4.70
N ASP A 45 0.34 -9.05 -4.36
CA ASP A 45 0.74 -9.50 -3.05
C ASP A 45 0.16 -8.58 -2.01
N LEU A 46 0.19 -7.26 -2.28
CA LEU A 46 -0.30 -6.30 -1.33
C LEU A 46 -1.81 -6.33 -1.23
N VAL A 47 -2.53 -6.60 -2.35
CA VAL A 47 -3.98 -6.62 -2.31
C VAL A 47 -4.46 -7.74 -1.42
N VAL A 48 -3.82 -8.93 -1.49
CA VAL A 48 -4.25 -10.03 -0.67
C VAL A 48 -3.97 -9.75 0.79
N LYS A 49 -2.81 -9.11 1.12
CA LYS A 49 -2.50 -8.86 2.51
C LYS A 49 -3.22 -7.61 2.99
N ILE A 50 -3.80 -6.83 2.06
CA ILE A 50 -4.53 -5.63 2.43
C ILE A 50 -5.94 -6.07 2.74
N LYS A 51 -6.49 -6.99 1.91
CA LYS A 51 -7.83 -7.51 2.12
C LYS A 51 -7.87 -8.29 3.41
N GLU A 52 -6.80 -9.05 3.70
CA GLU A 52 -6.74 -9.84 4.91
C GLU A 52 -6.56 -8.95 6.12
N LEU A 53 -5.72 -7.89 5.99
CA LEU A 53 -5.42 -7.01 7.10
C LEU A 53 -6.65 -6.24 7.56
N THR A 54 -7.48 -5.69 6.64
CA THR A 54 -8.63 -4.92 7.09
C THR A 54 -9.87 -5.79 7.11
N GLY A 55 -9.90 -6.86 6.29
CA GLY A 55 -11.04 -7.74 6.27
C GLY A 55 -12.05 -7.28 5.25
N LYS A 56 -11.71 -6.29 4.39
CA LYS A 56 -12.67 -5.84 3.40
C LYS A 56 -12.06 -5.94 2.04
N GLN A 57 -12.93 -6.12 1.02
CA GLN A 57 -12.49 -6.24 -0.35
C GLN A 57 -12.19 -4.88 -0.89
N VAL A 58 -11.23 -4.80 -1.84
CA VAL A 58 -10.88 -3.52 -2.43
C VAL A 58 -11.35 -3.53 -3.86
N LYS A 59 -11.63 -2.32 -4.41
CA LYS A 59 -12.07 -2.24 -5.78
C LYS A 59 -10.89 -1.79 -6.61
N PRO A 60 -10.86 -2.28 -7.83
CA PRO A 60 -9.78 -1.97 -8.77
C PRO A 60 -9.79 -0.56 -9.30
N GLU A 61 -10.94 0.14 -9.19
CA GLU A 61 -11.03 1.50 -9.69
C GLU A 61 -10.16 2.39 -8.83
N ASP A 62 -10.12 2.11 -7.50
CA ASP A 62 -9.33 2.93 -6.60
C ASP A 62 -7.87 2.78 -6.92
N PHE A 63 -7.43 1.55 -7.26
CA PHE A 63 -6.04 1.29 -7.57
C PHE A 63 -5.62 2.08 -8.79
N LYS A 64 -6.52 2.19 -9.80
CA LYS A 64 -6.18 2.93 -11.00
C LYS A 64 -5.89 4.36 -10.64
N ASN A 65 -6.69 4.95 -9.70
CA ASN A 65 -6.45 6.34 -9.31
C ASN A 65 -5.30 6.41 -8.34
N VAL A 66 -4.82 5.25 -7.81
CA VAL A 66 -3.70 5.26 -6.88
C VAL A 66 -2.42 5.48 -7.65
N ARG A 67 -1.57 6.44 -7.17
CA ARG A 67 -0.33 6.71 -7.88
C ARG A 67 0.82 6.91 -6.91
N THR A 68 0.55 7.12 -5.59
CA THR A 68 1.66 7.32 -4.67
C THR A 68 1.44 6.49 -3.42
N VAL A 69 2.55 6.24 -2.68
CA VAL A 69 2.49 5.48 -1.44
C VAL A 69 1.60 6.19 -0.44
N LEU A 70 1.71 7.55 -0.35
CA LEU A 70 0.87 8.31 0.59
C LEU A 70 -0.59 8.09 0.27
N ASP A 71 -0.96 8.00 -1.03
CA ASP A 71 -2.35 7.80 -1.39
C ASP A 71 -2.86 6.47 -0.83
N VAL A 72 -2.01 5.42 -0.85
CA VAL A 72 -2.40 4.11 -0.34
C VAL A 72 -2.67 4.16 1.16
N VAL A 73 -1.81 4.85 1.96
CA VAL A 73 -2.03 4.89 3.40
C VAL A 73 -3.20 5.79 3.70
N THR A 74 -3.48 6.78 2.81
CA THR A 74 -4.59 7.68 3.03
C THR A 74 -5.88 6.91 2.83
N VAL A 75 -5.93 6.07 1.78
CA VAL A 75 -7.11 5.30 1.48
C VAL A 75 -7.32 4.21 2.50
N ILE A 76 -6.24 3.54 2.98
CA ILE A 76 -6.38 2.47 3.94
C ILE A 76 -6.96 3.00 5.24
N GLN A 77 -6.38 4.09 5.78
CA GLN A 77 -6.84 4.67 7.03
C GLN A 77 -8.20 5.31 6.83
N ASN A 78 -8.44 5.90 5.65
CA ASN A 78 -9.70 6.57 5.36
C ASN A 78 -10.86 5.60 5.39
N MET A 79 -10.68 4.40 4.80
CA MET A 79 -11.76 3.43 4.74
C MET A 79 -11.69 2.51 5.94
N THR A 80 -10.63 2.63 6.76
CA THR A 80 -10.50 1.76 7.91
C THR A 80 -11.16 2.43 9.08
N ALA A 81 -10.95 3.75 9.24
CA ALA A 81 -11.57 4.46 10.32
C ALA A 81 -13.03 4.64 9.99
N GLU A 82 -13.90 4.53 11.02
CA GLU A 82 -15.33 4.67 10.82
C GLU A 82 -15.84 3.36 10.19
N MET A 1 -9.17 3.23 15.74
CA MET A 1 -8.50 4.08 14.70
C MET A 1 -7.05 3.70 14.53
N LEU A 2 -6.59 3.65 13.26
CA LEU A 2 -5.22 3.28 13.01
C LEU A 2 -4.54 4.47 12.37
N SER A 3 -3.21 4.57 12.53
CA SER A 3 -2.49 5.69 11.96
C SER A 3 -1.87 5.25 10.67
N GLN A 4 -1.77 6.22 9.72
CA GLN A 4 -1.20 5.95 8.42
C GLN A 4 0.30 5.82 8.58
N GLU A 5 0.86 6.40 9.66
CA GLU A 5 2.28 6.31 9.91
C GLU A 5 2.63 4.90 10.31
N GLN A 6 1.83 4.30 11.23
CA GLN A 6 2.09 2.94 11.65
C GLN A 6 1.72 2.02 10.52
N VAL A 7 0.73 2.44 9.70
CA VAL A 7 0.29 1.68 8.56
C VAL A 7 1.41 1.63 7.55
N LEU A 8 2.15 2.75 7.37
CA LEU A 8 3.26 2.76 6.43
C LEU A 8 4.32 1.78 6.88
N THR A 9 4.58 1.69 8.21
CA THR A 9 5.61 0.77 8.69
C THR A 9 5.25 -0.66 8.33
N LYS A 10 3.97 -1.08 8.54
CA LYS A 10 3.59 -2.44 8.20
C LYS A 10 3.66 -2.62 6.69
N LEU A 11 3.24 -1.59 5.93
CA LEU A 11 3.26 -1.67 4.48
C LEU A 11 4.67 -1.85 3.97
N ARG A 12 5.63 -1.12 4.55
CA ARG A 12 7.00 -1.19 4.11
C ARG A 12 7.59 -2.55 4.42
N GLU A 13 7.27 -3.10 5.61
CA GLU A 13 7.83 -4.38 6.01
C GLU A 13 7.26 -5.52 5.19
N TRP A 14 5.95 -5.49 4.83
CA TRP A 14 5.38 -6.59 4.08
C TRP A 14 5.90 -6.61 2.67
N MET A 15 6.17 -5.42 2.09
CA MET A 15 6.65 -5.37 0.74
C MET A 15 8.12 -5.69 0.74
N GLU A 16 8.78 -5.59 1.92
CA GLU A 16 10.19 -5.88 2.01
C GLU A 16 10.35 -7.37 2.23
N ASP A 17 9.35 -7.99 2.86
CA ASP A 17 9.40 -9.39 3.16
C ASP A 17 8.97 -10.20 1.96
N LEU A 18 8.11 -9.64 1.10
CA LEU A 18 7.61 -10.39 -0.02
C LEU A 18 8.51 -10.24 -1.22
N PHE A 19 8.86 -9.00 -1.61
CA PHE A 19 9.66 -8.84 -2.79
C PHE A 19 10.98 -8.18 -2.44
N GLU A 20 11.27 -8.03 -1.12
CA GLU A 20 12.51 -7.43 -0.69
C GLU A 20 12.62 -6.02 -1.20
N ILE A 21 11.50 -5.26 -1.16
CA ILE A 21 11.54 -3.89 -1.61
C ILE A 21 11.98 -3.07 -0.42
N GLU A 22 12.99 -2.19 -0.62
CA GLU A 22 13.49 -1.37 0.47
C GLU A 22 12.44 -0.41 0.91
N PRO A 23 12.22 -0.42 2.21
CA PRO A 23 11.26 0.45 2.85
C PRO A 23 11.78 1.85 3.02
N GLU A 24 13.14 2.02 2.93
CA GLU A 24 13.72 3.33 3.06
C GLU A 24 13.39 4.13 1.82
N THR A 25 13.45 3.49 0.62
CA THR A 25 13.15 4.19 -0.61
C THR A 25 11.67 4.47 -0.67
N VAL A 26 10.84 3.49 -0.26
CA VAL A 26 9.41 3.64 -0.25
C VAL A 26 9.03 4.61 0.83
N GLN A 27 8.79 5.88 0.43
CA GLN A 27 8.41 6.89 1.34
C GLN A 27 7.04 7.31 0.94
N LEU A 28 6.54 8.44 1.46
CA LEU A 28 5.22 8.90 1.10
C LEU A 28 5.38 9.81 -0.08
N ASP A 29 6.65 10.08 -0.48
CA ASP A 29 6.90 10.93 -1.61
C ASP A 29 7.42 10.06 -2.73
N SER A 30 7.22 8.73 -2.65
CA SER A 30 7.71 7.86 -3.69
C SER A 30 6.54 7.50 -4.58
N ASN A 31 6.73 7.68 -5.91
CA ASN A 31 5.69 7.36 -6.88
C ASN A 31 5.74 5.87 -7.06
N LEU A 32 4.57 5.20 -7.05
CA LEU A 32 4.54 3.77 -7.16
C LEU A 32 4.80 3.30 -8.56
N TYR A 33 4.05 3.81 -9.56
CA TYR A 33 4.22 3.34 -10.93
C TYR A 33 5.32 4.12 -11.59
N SER A 34 5.35 5.43 -11.38
CA SER A 34 6.34 6.26 -12.02
C SER A 34 7.72 6.00 -11.46
N ASP A 35 7.86 5.92 -10.11
CA ASP A 35 9.16 5.75 -9.55
C ASP A 35 9.50 4.29 -9.28
N LEU A 36 8.55 3.50 -8.76
CA LEU A 36 8.89 2.13 -8.43
C LEU A 36 8.51 1.19 -9.54
N ASP A 37 7.67 1.65 -10.51
CA ASP A 37 7.25 0.78 -11.60
C ASP A 37 6.60 -0.45 -11.00
N VAL A 38 5.49 -0.23 -10.24
CA VAL A 38 4.80 -1.34 -9.61
C VAL A 38 4.23 -2.22 -10.68
N ASP A 39 4.38 -3.56 -10.49
CA ASP A 39 3.90 -4.49 -11.47
C ASP A 39 2.71 -5.21 -10.89
N SER A 40 2.21 -6.22 -11.63
CA SER A 40 1.04 -6.96 -11.19
C SER A 40 1.34 -7.74 -9.93
N ILE A 41 2.54 -8.34 -9.81
CA ILE A 41 2.87 -9.16 -8.64
C ILE A 41 2.93 -8.32 -7.38
N ASP A 42 3.54 -7.12 -7.42
CA ASP A 42 3.62 -6.30 -6.21
C ASP A 42 2.24 -5.91 -5.76
N ALA A 43 1.37 -5.52 -6.72
CA ALA A 43 0.03 -5.11 -6.37
C ALA A 43 -0.79 -6.28 -5.88
N VAL A 44 -0.64 -7.46 -6.52
CA VAL A 44 -1.42 -8.63 -6.13
C VAL A 44 -1.04 -9.08 -4.75
N ASP A 45 0.27 -9.08 -4.41
CA ASP A 45 0.69 -9.54 -3.10
C ASP A 45 0.11 -8.62 -2.05
N LEU A 46 0.13 -7.30 -2.32
CA LEU A 46 -0.35 -6.33 -1.36
C LEU A 46 -1.86 -6.38 -1.25
N VAL A 47 -2.58 -6.69 -2.35
CA VAL A 47 -4.05 -6.74 -2.30
C VAL A 47 -4.50 -7.83 -1.38
N VAL A 48 -3.85 -9.01 -1.43
CA VAL A 48 -4.27 -10.11 -0.58
C VAL A 48 -3.97 -9.78 0.86
N LYS A 49 -2.82 -9.13 1.17
CA LYS A 49 -2.50 -8.86 2.56
C LYS A 49 -3.21 -7.61 3.02
N ILE A 50 -3.81 -6.84 2.08
CA ILE A 50 -4.54 -5.65 2.44
C ILE A 50 -5.95 -6.08 2.76
N LYS A 51 -6.50 -7.01 1.94
CA LYS A 51 -7.83 -7.52 2.17
C LYS A 51 -7.87 -8.28 3.47
N GLU A 52 -6.79 -9.04 3.77
CA GLU A 52 -6.75 -9.81 4.99
C GLU A 52 -6.55 -8.90 6.18
N LEU A 53 -5.70 -7.85 6.03
CA LEU A 53 -5.39 -6.96 7.13
C LEU A 53 -6.61 -6.17 7.58
N THR A 54 -7.45 -5.64 6.66
CA THR A 54 -8.59 -4.85 7.10
C THR A 54 -9.83 -5.72 7.14
N GLY A 55 -9.87 -6.79 6.32
CA GLY A 55 -11.02 -7.67 6.33
C GLY A 55 -12.03 -7.24 5.30
N LYS A 56 -11.71 -6.27 4.42
CA LYS A 56 -12.67 -5.86 3.43
C LYS A 56 -12.07 -5.96 2.05
N GLN A 57 -12.94 -6.17 1.04
CA GLN A 57 -12.50 -6.32 -0.32
C GLN A 57 -12.22 -4.95 -0.88
N VAL A 58 -11.27 -4.87 -1.84
CA VAL A 58 -10.93 -3.60 -2.44
C VAL A 58 -11.38 -3.63 -3.88
N LYS A 59 -11.63 -2.43 -4.46
CA LYS A 59 -12.05 -2.36 -5.84
C LYS A 59 -10.85 -1.91 -6.64
N PRO A 60 -10.77 -2.42 -7.85
CA PRO A 60 -9.67 -2.11 -8.76
C PRO A 60 -9.67 -0.71 -9.31
N GLU A 61 -10.82 -0.03 -9.26
CA GLU A 61 -10.90 1.33 -9.77
C GLU A 61 -10.05 2.24 -8.92
N ASP A 62 -10.05 1.98 -7.58
CA ASP A 62 -9.30 2.81 -6.67
C ASP A 62 -7.82 2.65 -6.93
N PHE A 63 -7.36 1.42 -7.24
CA PHE A 63 -5.96 1.18 -7.47
C PHE A 63 -5.48 1.91 -8.69
N LYS A 64 -6.30 2.02 -9.76
CA LYS A 64 -5.87 2.71 -10.95
C LYS A 64 -5.64 4.18 -10.61
N ASN A 65 -6.53 4.77 -9.77
CA ASN A 65 -6.40 6.17 -9.42
C ASN A 65 -5.20 6.40 -8.49
N VAL A 66 -4.77 5.37 -7.74
CA VAL A 66 -3.64 5.53 -6.82
C VAL A 66 -2.36 5.73 -7.59
N ARG A 67 -1.53 6.72 -7.17
CA ARG A 67 -0.29 6.96 -7.88
C ARG A 67 0.85 7.13 -6.89
N THR A 68 0.58 7.29 -5.56
CA THR A 68 1.67 7.47 -4.62
C THR A 68 1.45 6.60 -3.40
N VAL A 69 2.57 6.33 -2.67
CA VAL A 69 2.51 5.52 -1.46
C VAL A 69 1.63 6.20 -0.42
N LEU A 70 1.71 7.55 -0.28
CA LEU A 70 0.89 8.27 0.68
C LEU A 70 -0.58 8.02 0.37
N ASP A 71 -0.96 7.98 -0.93
CA ASP A 71 -2.34 7.76 -1.29
C ASP A 71 -2.82 6.43 -0.76
N VAL A 72 -1.96 5.39 -0.80
CA VAL A 72 -2.33 4.07 -0.32
C VAL A 72 -2.59 4.09 1.18
N VAL A 73 -1.74 4.76 1.98
CA VAL A 73 -1.95 4.76 3.44
C VAL A 73 -3.14 5.64 3.76
N THR A 74 -3.42 6.67 2.91
CA THR A 74 -4.55 7.55 3.15
C THR A 74 -5.84 6.82 2.90
N VAL A 75 -5.88 6.02 1.80
CA VAL A 75 -7.06 5.26 1.44
C VAL A 75 -7.32 4.19 2.48
N ILE A 76 -6.25 3.54 2.98
CA ILE A 76 -6.42 2.47 3.96
C ILE A 76 -7.04 3.05 5.23
N GLN A 77 -6.53 4.20 5.72
CA GLN A 77 -7.04 4.80 6.94
C GLN A 77 -8.38 5.47 6.68
N ASN A 78 -8.65 5.83 5.42
CA ASN A 78 -9.88 6.50 5.07
C ASN A 78 -11.03 5.52 5.13
N MET A 79 -10.81 4.29 4.63
CA MET A 79 -11.86 3.30 4.60
C MET A 79 -11.79 2.45 5.85
N THR A 80 -10.75 2.64 6.69
CA THR A 80 -10.63 1.83 7.89
C THR A 80 -11.25 2.58 9.05
N ALA A 81 -10.97 3.89 9.17
CA ALA A 81 -11.53 4.64 10.26
C ALA A 81 -12.93 5.05 9.89
N GLU A 82 -13.86 4.93 10.85
CA GLU A 82 -15.23 5.29 10.58
C GLU A 82 -15.92 5.56 11.92
N MET A 1 -9.23 3.10 15.59
CA MET A 1 -8.58 3.99 14.59
C MET A 1 -7.12 3.63 14.43
N LEU A 2 -6.64 3.59 13.16
CA LEU A 2 -5.27 3.26 12.92
C LEU A 2 -4.63 4.44 12.25
N SER A 3 -3.29 4.58 12.40
CA SER A 3 -2.59 5.70 11.82
C SER A 3 -1.97 5.28 10.54
N GLN A 4 -1.81 6.26 9.61
CA GLN A 4 -1.21 6.01 8.33
C GLN A 4 0.27 5.82 8.52
N GLU A 5 0.82 6.39 9.62
CA GLU A 5 2.24 6.27 9.90
C GLU A 5 2.52 4.84 10.32
N GLN A 6 1.65 4.28 11.21
CA GLN A 6 1.82 2.92 11.65
C GLN A 6 1.55 2.00 10.49
N VAL A 7 0.57 2.40 9.64
CA VAL A 7 0.21 1.64 8.47
C VAL A 7 1.37 1.61 7.51
N LEU A 8 2.12 2.73 7.37
CA LEU A 8 3.25 2.76 6.46
C LEU A 8 4.30 1.77 6.93
N THR A 9 4.54 1.66 8.25
CA THR A 9 5.57 0.74 8.74
C THR A 9 5.21 -0.68 8.36
N LYS A 10 3.93 -1.10 8.54
CA LYS A 10 3.54 -2.46 8.19
C LYS A 10 3.66 -2.63 6.69
N LEU A 11 3.27 -1.60 5.91
CA LEU A 11 3.33 -1.68 4.46
C LEU A 11 4.75 -1.86 3.99
N ARG A 12 5.69 -1.10 4.59
CA ARG A 12 7.08 -1.17 4.20
C ARG A 12 7.65 -2.52 4.53
N GLU A 13 7.31 -3.08 5.72
CA GLU A 13 7.86 -4.34 6.14
C GLU A 13 7.37 -5.48 5.27
N TRP A 14 6.08 -5.48 4.87
CA TRP A 14 5.56 -6.57 4.08
C TRP A 14 6.09 -6.56 2.68
N MET A 15 6.34 -5.37 2.09
CA MET A 15 6.82 -5.32 0.74
C MET A 15 8.28 -5.70 0.71
N GLU A 16 9.01 -5.54 1.84
CA GLU A 16 10.42 -5.92 1.87
C GLU A 16 10.51 -7.40 2.11
N ASP A 17 9.59 -7.92 2.93
CA ASP A 17 9.58 -9.32 3.25
C ASP A 17 9.18 -10.14 2.04
N LEU A 18 8.29 -9.61 1.18
CA LEU A 18 7.81 -10.37 0.05
C LEU A 18 8.71 -10.22 -1.16
N PHE A 19 8.86 -8.99 -1.70
CA PHE A 19 9.64 -8.83 -2.90
C PHE A 19 10.98 -8.19 -2.59
N GLU A 20 11.28 -7.97 -1.29
CA GLU A 20 12.55 -7.40 -0.91
C GLU A 20 12.64 -5.98 -1.39
N ILE A 21 11.54 -5.22 -1.27
CA ILE A 21 11.57 -3.84 -1.67
C ILE A 21 11.98 -3.05 -0.45
N GLU A 22 13.03 -2.20 -0.59
CA GLU A 22 13.51 -1.44 0.54
C GLU A 22 12.48 -0.44 0.98
N PRO A 23 12.17 -0.51 2.25
CA PRO A 23 11.23 0.38 2.89
C PRO A 23 11.77 1.78 3.05
N GLU A 24 13.12 1.92 2.98
CA GLU A 24 13.72 3.24 3.11
C GLU A 24 13.42 4.05 1.88
N THR A 25 13.49 3.42 0.68
CA THR A 25 13.22 4.14 -0.55
C THR A 25 11.75 4.44 -0.63
N VAL A 26 10.90 3.46 -0.22
CA VAL A 26 9.46 3.62 -0.24
C VAL A 26 9.09 4.60 0.85
N GLN A 27 8.86 5.86 0.44
CA GLN A 27 8.49 6.89 1.36
C GLN A 27 7.09 7.29 0.98
N LEU A 28 6.62 8.43 1.50
CA LEU A 28 5.29 8.87 1.17
C LEU A 28 5.41 9.80 -0.02
N ASP A 29 6.65 9.98 -0.52
CA ASP A 29 6.86 10.83 -1.64
C ASP A 29 7.44 9.98 -2.74
N SER A 30 7.19 8.65 -2.69
CA SER A 30 7.72 7.78 -3.71
C SER A 30 6.55 7.40 -4.60
N ASN A 31 6.73 7.59 -5.94
CA ASN A 31 5.69 7.26 -6.88
C ASN A 31 5.76 5.76 -7.06
N LEU A 32 4.59 5.07 -7.02
CA LEU A 32 4.60 3.63 -7.13
C LEU A 32 4.84 3.18 -8.55
N TYR A 33 4.06 3.70 -9.53
CA TYR A 33 4.21 3.24 -10.90
C TYR A 33 5.29 4.05 -11.58
N SER A 34 5.28 5.36 -11.36
CA SER A 34 6.24 6.22 -12.01
C SER A 34 7.64 5.97 -11.48
N ASP A 35 7.80 5.88 -10.14
CA ASP A 35 9.14 5.72 -9.60
C ASP A 35 9.49 4.27 -9.37
N LEU A 36 8.57 3.45 -8.82
CA LEU A 36 8.94 2.08 -8.51
C LEU A 36 8.54 1.14 -9.62
N ASP A 37 7.68 1.59 -10.57
CA ASP A 37 7.25 0.73 -11.65
C ASP A 37 6.62 -0.51 -11.05
N VAL A 38 5.53 -0.31 -10.27
CA VAL A 38 4.86 -1.43 -9.62
C VAL A 38 4.25 -2.31 -10.69
N ASP A 39 4.33 -3.64 -10.50
CA ASP A 39 3.80 -4.55 -11.49
C ASP A 39 2.60 -5.24 -10.88
N SER A 40 2.21 -6.39 -11.48
CA SER A 40 1.04 -7.10 -10.99
C SER A 40 1.41 -8.01 -9.86
N ILE A 41 2.71 -8.28 -9.61
CA ILE A 41 3.08 -9.16 -8.52
C ILE A 41 3.12 -8.36 -7.25
N ASP A 42 3.68 -7.12 -7.29
CA ASP A 42 3.73 -6.31 -6.11
C ASP A 42 2.33 -5.92 -5.71
N ALA A 43 1.48 -5.57 -6.72
CA ALA A 43 0.13 -5.16 -6.41
C ALA A 43 -0.70 -6.33 -5.91
N VAL A 44 -0.54 -7.52 -6.52
CA VAL A 44 -1.33 -8.66 -6.10
C VAL A 44 -0.94 -9.09 -4.71
N ASP A 45 0.37 -9.08 -4.36
CA ASP A 45 0.78 -9.52 -3.05
C ASP A 45 0.19 -8.59 -2.00
N LEU A 46 0.20 -7.27 -2.30
CA LEU A 46 -0.30 -6.29 -1.35
C LEU A 46 -1.81 -6.34 -1.26
N VAL A 47 -2.52 -6.63 -2.38
CA VAL A 47 -3.98 -6.66 -2.33
C VAL A 47 -4.45 -7.77 -1.43
N VAL A 48 -3.81 -8.94 -1.48
CA VAL A 48 -4.23 -10.05 -0.65
C VAL A 48 -3.95 -9.74 0.81
N LYS A 49 -2.80 -9.09 1.13
CA LYS A 49 -2.48 -8.82 2.52
C LYS A 49 -3.20 -7.58 2.99
N ILE A 50 -3.79 -6.80 2.04
CA ILE A 50 -4.53 -5.61 2.40
C ILE A 50 -5.94 -6.05 2.73
N LYS A 51 -6.48 -7.00 1.91
CA LYS A 51 -7.81 -7.51 2.12
C LYS A 51 -7.84 -8.29 3.42
N GLU A 52 -6.76 -9.03 3.72
CA GLU A 52 -6.70 -9.82 4.92
C GLU A 52 -6.53 -8.90 6.13
N LEU A 53 -5.70 -7.85 5.99
CA LEU A 53 -5.42 -6.96 7.09
C LEU A 53 -6.64 -6.19 7.55
N THR A 54 -7.48 -5.67 6.62
CA THR A 54 -8.64 -4.90 7.06
C THR A 54 -9.86 -5.79 7.11
N GLY A 55 -9.87 -6.89 6.31
CA GLY A 55 -10.99 -7.79 6.32
C GLY A 55 -12.01 -7.39 5.29
N LYS A 56 -11.72 -6.40 4.42
CA LYS A 56 -12.70 -6.01 3.42
C LYS A 56 -12.08 -6.07 2.06
N GLN A 57 -12.94 -6.29 1.05
CA GLN A 57 -12.48 -6.40 -0.32
C GLN A 57 -12.23 -5.01 -0.85
N VAL A 58 -11.28 -4.89 -1.80
CA VAL A 58 -10.95 -3.61 -2.36
C VAL A 58 -11.46 -3.55 -3.78
N LYS A 59 -11.70 -2.31 -4.29
CA LYS A 59 -12.17 -2.15 -5.65
C LYS A 59 -10.99 -1.77 -6.50
N PRO A 60 -11.04 -2.18 -7.74
CA PRO A 60 -9.98 -1.91 -8.71
C PRO A 60 -9.93 -0.49 -9.18
N GLU A 61 -11.05 0.25 -9.03
CA GLU A 61 -11.10 1.63 -9.47
C GLU A 61 -10.16 2.46 -8.62
N ASP A 62 -10.08 2.14 -7.31
CA ASP A 62 -9.24 2.89 -6.41
C ASP A 62 -7.79 2.73 -6.79
N PHE A 63 -7.37 1.51 -7.21
CA PHE A 63 -5.98 1.26 -7.58
C PHE A 63 -5.62 2.10 -8.78
N LYS A 64 -6.57 2.25 -9.74
CA LYS A 64 -6.27 3.05 -10.92
C LYS A 64 -6.00 4.47 -10.51
N ASN A 65 -6.72 4.99 -9.50
CA ASN A 65 -6.50 6.36 -9.06
C ASN A 65 -5.33 6.41 -8.09
N VAL A 66 -4.77 5.24 -7.69
CA VAL A 66 -3.63 5.21 -6.79
C VAL A 66 -2.40 5.62 -7.56
N ARG A 67 -1.61 6.60 -7.01
CA ARG A 67 -0.42 7.06 -7.71
C ARG A 67 0.78 7.03 -6.80
N THR A 68 0.60 7.33 -5.48
CA THR A 68 1.75 7.37 -4.61
C THR A 68 1.51 6.54 -3.37
N VAL A 69 2.62 6.25 -2.63
CA VAL A 69 2.54 5.46 -1.40
C VAL A 69 1.65 6.16 -0.39
N LEU A 70 1.76 7.51 -0.25
CA LEU A 70 0.93 8.24 0.71
C LEU A 70 -0.53 8.04 0.37
N ASP A 71 -0.89 8.00 -0.94
CA ASP A 71 -2.27 7.83 -1.33
C ASP A 71 -2.80 6.50 -0.82
N VAL A 72 -1.96 5.44 -0.86
CA VAL A 72 -2.38 4.12 -0.38
C VAL A 72 -2.64 4.13 1.11
N VAL A 73 -1.78 4.78 1.93
CA VAL A 73 -2.01 4.78 3.36
C VAL A 73 -3.18 5.66 3.68
N THR A 74 -3.45 6.69 2.83
CA THR A 74 -4.58 7.58 3.05
C THR A 74 -5.86 6.84 2.78
N VAL A 75 -5.90 6.04 1.69
CA VAL A 75 -7.08 5.29 1.32
C VAL A 75 -7.35 4.23 2.35
N ILE A 76 -6.29 3.56 2.88
CA ILE A 76 -6.47 2.52 3.86
C ILE A 76 -7.09 3.09 5.13
N GLN A 77 -6.59 4.25 5.62
CA GLN A 77 -7.10 4.84 6.84
C GLN A 77 -8.42 5.52 6.57
N ASN A 78 -8.69 5.89 5.30
CA ASN A 78 -9.91 6.57 4.95
C ASN A 78 -11.08 5.61 5.01
N MET A 79 -10.88 4.38 4.50
CA MET A 79 -11.94 3.41 4.47
C MET A 79 -11.88 2.53 5.72
N THR A 80 -10.83 2.70 6.55
CA THR A 80 -10.71 1.89 7.73
C THR A 80 -11.33 2.62 8.90
N ALA A 81 -11.04 3.92 9.05
CA ALA A 81 -11.59 4.67 10.16
C ALA A 81 -12.99 5.07 9.79
N GLU A 82 -13.92 4.92 10.76
CA GLU A 82 -15.29 5.28 10.51
C GLU A 82 -15.98 5.51 11.86
N MET A 1 -9.59 2.41 14.82
CA MET A 1 -8.90 3.50 14.07
C MET A 1 -7.42 3.23 13.98
N LEU A 2 -6.87 3.29 12.75
CA LEU A 2 -5.46 3.04 12.56
C LEU A 2 -4.86 4.26 11.93
N SER A 3 -3.54 4.48 12.15
CA SER A 3 -2.89 5.65 11.59
C SER A 3 -2.13 5.26 10.37
N GLN A 4 -1.87 6.27 9.51
CA GLN A 4 -1.18 6.06 8.26
C GLN A 4 0.29 5.87 8.54
N GLU A 5 0.78 6.39 9.69
CA GLU A 5 2.18 6.26 10.03
C GLU A 5 2.46 4.82 10.40
N GLN A 6 1.59 4.21 11.24
CA GLN A 6 1.78 2.83 11.62
C GLN A 6 1.50 1.95 10.43
N VAL A 7 0.53 2.37 9.58
CA VAL A 7 0.17 1.61 8.41
C VAL A 7 1.34 1.60 7.45
N LEU A 8 2.08 2.73 7.32
CA LEU A 8 3.22 2.78 6.41
C LEU A 8 4.26 1.78 6.87
N THR A 9 4.49 1.66 8.21
CA THR A 9 5.49 0.73 8.70
C THR A 9 5.14 -0.69 8.31
N LYS A 10 3.85 -1.09 8.48
CA LYS A 10 3.46 -2.45 8.11
C LYS A 10 3.57 -2.62 6.61
N LEU A 11 3.19 -1.57 5.83
CA LEU A 11 3.25 -1.65 4.39
C LEU A 11 4.67 -1.84 3.92
N ARG A 12 5.61 -1.09 4.53
CA ARG A 12 7.00 -1.17 4.16
C ARG A 12 7.58 -2.53 4.50
N GLU A 13 7.23 -3.08 5.68
CA GLU A 13 7.77 -4.35 6.10
C GLU A 13 7.29 -5.48 5.24
N TRP A 14 6.00 -5.47 4.83
CA TRP A 14 5.47 -6.57 4.04
C TRP A 14 6.03 -6.57 2.64
N MET A 15 6.29 -5.39 2.06
CA MET A 15 6.77 -5.34 0.72
C MET A 15 8.24 -5.74 0.70
N GLU A 16 8.96 -5.58 1.84
CA GLU A 16 10.36 -5.98 1.88
C GLU A 16 10.42 -7.46 2.11
N ASP A 17 9.49 -7.98 2.92
CA ASP A 17 9.45 -9.38 3.24
C ASP A 17 9.08 -10.19 2.01
N LEU A 18 8.21 -9.64 1.14
CA LEU A 18 7.76 -10.40 -0.01
C LEU A 18 8.67 -10.24 -1.20
N PHE A 19 8.81 -9.00 -1.74
CA PHE A 19 9.61 -8.84 -2.93
C PHE A 19 10.95 -8.22 -2.59
N GLU A 20 11.24 -8.02 -1.29
CA GLU A 20 12.51 -7.46 -0.88
C GLU A 20 12.63 -6.04 -1.37
N ILE A 21 11.53 -5.26 -1.26
CA ILE A 21 11.58 -3.89 -1.68
C ILE A 21 11.97 -3.09 -0.45
N GLU A 22 13.02 -2.23 -0.58
CA GLU A 22 13.48 -1.47 0.55
C GLU A 22 12.45 -0.47 0.96
N PRO A 23 12.13 -0.53 2.24
CA PRO A 23 11.18 0.37 2.87
C PRO A 23 11.73 1.75 3.04
N GLU A 24 13.09 1.90 2.99
CA GLU A 24 13.69 3.20 3.14
C GLU A 24 13.41 4.03 1.90
N THR A 25 13.49 3.41 0.71
CA THR A 25 13.23 4.14 -0.53
C THR A 25 11.76 4.44 -0.61
N VAL A 26 10.91 3.46 -0.21
CA VAL A 26 9.48 3.63 -0.23
C VAL A 26 9.09 4.61 0.84
N GLN A 27 8.86 5.86 0.42
CA GLN A 27 8.49 6.89 1.34
C GLN A 27 7.11 7.30 0.93
N LEU A 28 6.62 8.44 1.47
CA LEU A 28 5.30 8.88 1.11
C LEU A 28 5.44 9.79 -0.09
N ASP A 29 6.70 10.04 -0.50
CA ASP A 29 6.94 10.88 -1.65
C ASP A 29 7.47 10.02 -2.76
N SER A 30 7.27 8.67 -2.67
CA SER A 30 7.77 7.80 -3.70
C SER A 30 6.61 7.43 -4.59
N ASN A 31 6.77 7.64 -5.92
CA ASN A 31 5.73 7.32 -6.87
C ASN A 31 5.79 5.82 -7.05
N LEU A 32 4.63 5.15 -7.04
CA LEU A 32 4.62 3.71 -7.15
C LEU A 32 4.87 3.26 -8.57
N TYR A 33 4.10 3.77 -9.55
CA TYR A 33 4.27 3.32 -10.93
C TYR A 33 5.35 4.13 -11.58
N SER A 34 5.34 5.45 -11.36
CA SER A 34 6.32 6.30 -11.99
C SER A 34 7.72 6.04 -11.45
N ASP A 35 7.87 5.93 -10.11
CA ASP A 35 9.19 5.76 -9.56
C ASP A 35 9.54 4.31 -9.35
N LEU A 36 8.61 3.49 -8.81
CA LEU A 36 8.96 2.12 -8.52
C LEU A 36 8.56 1.19 -9.63
N ASP A 37 7.71 1.65 -10.57
CA ASP A 37 7.26 0.80 -11.66
C ASP A 37 6.63 -0.44 -11.07
N VAL A 38 5.54 -0.25 -10.28
CA VAL A 38 4.86 -1.37 -9.65
C VAL A 38 4.22 -2.22 -10.72
N ASP A 39 4.32 -3.57 -10.56
CA ASP A 39 3.76 -4.45 -11.55
C ASP A 39 2.56 -5.12 -10.94
N SER A 40 2.14 -6.27 -11.53
CA SER A 40 0.97 -6.95 -11.04
C SER A 40 1.34 -7.90 -9.93
N ILE A 41 2.65 -8.16 -9.71
CA ILE A 41 3.03 -9.06 -8.63
C ILE A 41 3.08 -8.29 -7.34
N ASP A 42 3.64 -7.05 -7.39
CA ASP A 42 3.71 -6.26 -6.18
C ASP A 42 2.31 -5.86 -5.78
N ALA A 43 1.45 -5.51 -6.77
CA ALA A 43 0.11 -5.10 -6.46
C ALA A 43 -0.71 -6.27 -5.96
N VAL A 44 -0.56 -7.46 -6.57
CA VAL A 44 -1.32 -8.62 -6.16
C VAL A 44 -0.93 -9.05 -4.77
N ASP A 45 0.38 -9.04 -4.43
CA ASP A 45 0.79 -9.48 -3.12
C ASP A 45 0.20 -8.55 -2.07
N LEU A 46 0.20 -7.23 -2.36
CA LEU A 46 -0.31 -6.26 -1.41
C LEU A 46 -1.81 -6.34 -1.31
N VAL A 47 -2.52 -6.67 -2.40
CA VAL A 47 -3.98 -6.73 -2.36
C VAL A 47 -4.41 -7.84 -1.43
N VAL A 48 -3.73 -9.00 -1.47
CA VAL A 48 -4.11 -10.10 -0.63
C VAL A 48 -3.83 -9.77 0.83
N LYS A 49 -2.71 -9.07 1.13
CA LYS A 49 -2.41 -8.77 2.52
C LYS A 49 -3.16 -7.54 2.97
N ILE A 50 -3.77 -6.79 2.03
CA ILE A 50 -4.54 -5.62 2.38
C ILE A 50 -5.93 -6.11 2.69
N LYS A 51 -6.44 -7.08 1.88
CA LYS A 51 -7.76 -7.65 2.09
C LYS A 51 -7.76 -8.42 3.38
N GLU A 52 -6.67 -9.14 3.68
CA GLU A 52 -6.59 -9.92 4.89
C GLU A 52 -6.46 -9.01 6.10
N LEU A 53 -5.68 -7.92 5.95
CA LEU A 53 -5.43 -7.01 7.05
C LEU A 53 -6.70 -6.32 7.52
N THR A 54 -7.59 -5.87 6.60
CA THR A 54 -8.80 -5.19 7.06
C THR A 54 -9.96 -6.15 7.08
N GLY A 55 -9.91 -7.22 6.27
CA GLY A 55 -10.97 -8.19 6.26
C GLY A 55 -12.02 -7.86 5.22
N LYS A 56 -11.79 -6.84 4.36
CA LYS A 56 -12.79 -6.52 3.36
C LYS A 56 -12.14 -6.42 2.01
N GLN A 57 -12.94 -6.74 0.96
CA GLN A 57 -12.44 -6.73 -0.40
C GLN A 57 -12.25 -5.30 -0.86
N VAL A 58 -11.27 -5.09 -1.77
CA VAL A 58 -11.00 -3.77 -2.27
C VAL A 58 -11.48 -3.71 -3.71
N LYS A 59 -11.73 -2.49 -4.23
CA LYS A 59 -12.18 -2.36 -5.59
C LYS A 59 -11.00 -1.92 -6.42
N PRO A 60 -10.99 -2.37 -7.65
CA PRO A 60 -9.92 -2.07 -8.60
C PRO A 60 -9.87 -0.65 -9.09
N GLU A 61 -10.99 0.10 -8.95
CA GLU A 61 -11.03 1.47 -9.42
C GLU A 61 -10.09 2.30 -8.57
N ASP A 62 -10.02 1.99 -7.26
CA ASP A 62 -9.18 2.74 -6.34
C ASP A 62 -7.72 2.54 -6.72
N PHE A 63 -7.33 1.31 -7.11
CA PHE A 63 -5.95 1.04 -7.44
C PHE A 63 -5.54 1.81 -8.68
N LYS A 64 -6.46 1.98 -9.65
CA LYS A 64 -6.13 2.74 -10.84
C LYS A 64 -5.84 4.18 -10.46
N ASN A 65 -6.60 4.74 -9.48
CA ASN A 65 -6.39 6.12 -9.09
C ASN A 65 -5.19 6.25 -8.15
N VAL A 66 -4.62 5.13 -7.65
CA VAL A 66 -3.47 5.22 -6.75
C VAL A 66 -2.26 5.66 -7.55
N ARG A 67 -1.52 6.68 -7.04
CA ARG A 67 -0.37 7.18 -7.75
C ARG A 67 0.85 7.16 -6.83
N THR A 68 0.65 7.39 -5.51
CA THR A 68 1.80 7.44 -4.61
C THR A 68 1.53 6.59 -3.39
N VAL A 69 2.64 6.28 -2.65
CA VAL A 69 2.54 5.49 -1.43
C VAL A 69 1.67 6.20 -0.41
N LEU A 70 1.78 7.55 -0.30
CA LEU A 70 0.96 8.30 0.64
C LEU A 70 -0.50 8.09 0.31
N ASP A 71 -0.87 8.02 -0.99
CA ASP A 71 -2.26 7.84 -1.36
C ASP A 71 -2.77 6.51 -0.83
N VAL A 72 -1.93 5.45 -0.85
CA VAL A 72 -2.35 4.14 -0.34
C VAL A 72 -2.64 4.21 1.15
N VAL A 73 -1.80 4.90 1.96
CA VAL A 73 -2.05 4.96 3.39
C VAL A 73 -3.21 5.90 3.64
N THR A 74 -3.48 6.85 2.71
CA THR A 74 -4.58 7.76 2.87
C THR A 74 -5.87 7.00 2.69
N VAL A 75 -5.91 6.11 1.67
CA VAL A 75 -7.09 5.33 1.38
C VAL A 75 -7.33 4.28 2.46
N ILE A 76 -6.25 3.63 2.96
CA ILE A 76 -6.44 2.58 3.97
C ILE A 76 -6.97 3.21 5.25
N GLN A 77 -6.35 4.34 5.71
CA GLN A 77 -6.78 4.99 6.94
C GLN A 77 -8.14 5.64 6.74
N ASN A 78 -8.40 6.14 5.51
CA ASN A 78 -9.64 6.81 5.21
C ASN A 78 -10.81 5.85 5.32
N MET A 79 -10.61 4.57 4.94
CA MET A 79 -11.69 3.61 4.98
C MET A 79 -11.75 2.94 6.33
N THR A 80 -10.72 3.11 7.19
CA THR A 80 -10.78 2.49 8.51
C THR A 80 -11.30 3.50 9.50
N ALA A 81 -11.51 4.77 9.07
CA ALA A 81 -12.00 5.76 9.98
C ALA A 81 -13.46 5.94 9.72
N GLU A 82 -14.29 5.39 10.64
CA GLU A 82 -15.72 5.50 10.48
C GLU A 82 -16.36 4.73 11.65
N MET A 1 -9.59 2.81 14.91
CA MET A 1 -8.85 3.83 14.11
C MET A 1 -7.38 3.48 14.07
N LEU A 2 -6.80 3.51 12.86
CA LEU A 2 -5.40 3.18 12.71
C LEU A 2 -4.70 4.38 12.11
N SER A 3 -3.38 4.51 12.37
CA SER A 3 -2.65 5.65 11.84
C SER A 3 -2.00 5.25 10.56
N GLN A 4 -1.82 6.25 9.67
CA GLN A 4 -1.22 6.02 8.37
C GLN A 4 0.26 5.83 8.56
N GLU A 5 0.81 6.38 9.67
CA GLU A 5 2.23 6.25 9.93
C GLU A 5 2.54 4.83 10.33
N GLN A 6 1.68 4.23 11.19
CA GLN A 6 1.89 2.86 11.60
C GLN A 6 1.56 1.97 10.44
N VAL A 7 0.60 2.41 9.59
CA VAL A 7 0.19 1.67 8.43
C VAL A 7 1.35 1.64 7.45
N LEU A 8 2.09 2.75 7.32
CA LEU A 8 3.24 2.78 6.40
C LEU A 8 4.27 1.79 6.87
N THR A 9 4.51 1.68 8.20
CA THR A 9 5.52 0.75 8.69
C THR A 9 5.16 -0.68 8.31
N LYS A 10 3.88 -1.09 8.48
CA LYS A 10 3.50 -2.45 8.13
C LYS A 10 3.59 -2.61 6.62
N LEU A 11 3.20 -1.57 5.86
CA LEU A 11 3.24 -1.65 4.40
C LEU A 11 4.66 -1.82 3.91
N ARG A 12 5.62 -1.09 4.52
CA ARG A 12 7.00 -1.17 4.11
C ARG A 12 7.57 -2.53 4.42
N GLU A 13 7.24 -3.08 5.61
CA GLU A 13 7.78 -4.36 6.01
C GLU A 13 7.22 -5.50 5.20
N TRP A 14 5.92 -5.47 4.81
CA TRP A 14 5.36 -6.57 4.06
C TRP A 14 5.90 -6.59 2.66
N MET A 15 6.19 -5.41 2.08
CA MET A 15 6.69 -5.36 0.74
C MET A 15 8.16 -5.69 0.76
N GLU A 16 8.80 -5.57 1.95
CA GLU A 16 10.21 -5.88 2.08
C GLU A 16 10.36 -7.36 2.31
N ASP A 17 9.34 -7.98 2.91
CA ASP A 17 9.40 -9.38 3.21
C ASP A 17 8.97 -10.20 2.02
N LEU A 18 8.12 -9.62 1.13
CA LEU A 18 7.64 -10.38 0.01
C LEU A 18 8.56 -10.24 -1.18
N PHE A 19 8.92 -9.00 -1.56
CA PHE A 19 9.75 -8.86 -2.73
C PHE A 19 11.06 -8.20 -2.36
N GLU A 20 11.33 -8.04 -1.03
CA GLU A 20 12.57 -7.45 -0.58
C GLU A 20 12.69 -6.04 -1.10
N ILE A 21 11.58 -5.28 -1.08
CA ILE A 21 11.62 -3.91 -1.53
C ILE A 21 12.05 -3.08 -0.34
N GLU A 22 13.06 -2.19 -0.52
CA GLU A 22 13.54 -1.38 0.58
C GLU A 22 12.47 -0.41 1.00
N PRO A 23 12.24 -0.42 2.29
CA PRO A 23 11.27 0.45 2.91
C PRO A 23 11.79 1.86 3.07
N GLU A 24 13.14 2.02 3.01
CA GLU A 24 13.72 3.34 3.12
C GLU A 24 13.42 4.12 1.87
N THR A 25 13.50 3.48 0.69
CA THR A 25 13.23 4.15 -0.57
C THR A 25 11.75 4.44 -0.66
N VAL A 26 10.91 3.46 -0.23
CA VAL A 26 9.48 3.62 -0.27
C VAL A 26 9.08 4.60 0.80
N GLN A 27 8.87 5.86 0.39
CA GLN A 27 8.47 6.88 1.30
C GLN A 27 7.08 7.28 0.89
N LEU A 28 6.58 8.41 1.43
CA LEU A 28 5.26 8.85 1.07
C LEU A 28 5.40 9.75 -0.13
N ASP A 29 6.66 10.01 -0.54
CA ASP A 29 6.90 10.86 -1.68
C ASP A 29 7.44 9.99 -2.79
N SER A 30 7.24 8.65 -2.70
CA SER A 30 7.74 7.78 -3.74
C SER A 30 6.58 7.38 -4.61
N ASN A 31 6.74 7.60 -5.94
CA ASN A 31 5.70 7.24 -6.88
C ASN A 31 5.78 5.75 -7.07
N LEU A 32 4.63 5.05 -7.04
CA LEU A 32 4.64 3.61 -7.16
C LEU A 32 4.89 3.17 -8.58
N TYR A 33 4.09 3.67 -9.55
CA TYR A 33 4.25 3.23 -10.92
C TYR A 33 5.30 4.06 -11.60
N SER A 34 5.27 5.37 -11.37
CA SER A 34 6.22 6.24 -12.02
C SER A 34 7.62 6.03 -11.50
N ASP A 35 7.79 5.91 -10.16
CA ASP A 35 9.12 5.78 -9.62
C ASP A 35 9.52 4.34 -9.41
N LEU A 36 8.61 3.50 -8.85
CA LEU A 36 9.00 2.14 -8.56
C LEU A 36 8.62 1.20 -9.67
N ASP A 37 7.76 1.64 -10.62
CA ASP A 37 7.32 0.78 -11.71
C ASP A 37 6.73 -0.47 -11.10
N VAL A 38 5.64 -0.30 -10.31
CA VAL A 38 4.99 -1.42 -9.67
C VAL A 38 4.40 -2.32 -10.73
N ASP A 39 4.55 -3.65 -10.55
CA ASP A 39 4.04 -4.59 -11.51
C ASP A 39 2.81 -5.22 -10.93
N SER A 40 2.35 -6.34 -11.56
CA SER A 40 1.16 -6.99 -11.09
C SER A 40 1.48 -7.93 -9.96
N ILE A 41 2.77 -8.21 -9.70
CA ILE A 41 3.11 -9.12 -8.61
C ILE A 41 3.16 -8.32 -7.33
N ASP A 42 3.75 -7.11 -7.35
CA ASP A 42 3.81 -6.30 -6.15
C ASP A 42 2.41 -5.88 -5.77
N ALA A 43 1.58 -5.51 -6.77
CA ALA A 43 0.23 -5.07 -6.48
C ALA A 43 -0.63 -6.21 -6.01
N VAL A 44 -0.50 -7.41 -6.61
CA VAL A 44 -1.31 -8.54 -6.22
C VAL A 44 -0.94 -8.99 -4.83
N ASP A 45 0.37 -9.01 -4.48
CA ASP A 45 0.76 -9.45 -3.17
C ASP A 45 0.18 -8.53 -2.12
N LEU A 46 0.20 -7.20 -2.40
CA LEU A 46 -0.29 -6.23 -1.46
C LEU A 46 -1.80 -6.28 -1.35
N VAL A 47 -2.52 -6.56 -2.46
CA VAL A 47 -3.97 -6.60 -2.41
C VAL A 47 -4.42 -7.72 -1.52
N VAL A 48 -3.74 -8.88 -1.59
CA VAL A 48 -4.15 -10.01 -0.76
C VAL A 48 -3.87 -9.72 0.70
N LYS A 49 -2.74 -9.04 1.03
CA LYS A 49 -2.44 -8.79 2.43
C LYS A 49 -3.18 -7.55 2.91
N ILE A 50 -3.77 -6.79 1.97
CA ILE A 50 -4.53 -5.61 2.34
C ILE A 50 -5.92 -6.09 2.64
N LYS A 51 -6.43 -7.04 1.82
CA LYS A 51 -7.74 -7.62 2.02
C LYS A 51 -7.76 -8.41 3.30
N GLU A 52 -6.66 -9.13 3.59
CA GLU A 52 -6.59 -9.93 4.80
C GLU A 52 -6.45 -9.03 6.01
N LEU A 53 -5.67 -7.94 5.88
CA LEU A 53 -5.42 -7.05 6.99
C LEU A 53 -6.69 -6.37 7.47
N THR A 54 -7.58 -5.90 6.57
CA THR A 54 -8.79 -5.23 7.05
C THR A 54 -9.94 -6.19 7.05
N GLY A 55 -9.89 -7.25 6.23
CA GLY A 55 -10.94 -8.23 6.21
C GLY A 55 -12.00 -7.89 5.18
N LYS A 56 -11.77 -6.86 4.34
CA LYS A 56 -12.78 -6.53 3.35
C LYS A 56 -12.15 -6.42 1.99
N GLN A 57 -12.96 -6.71 0.94
CA GLN A 57 -12.48 -6.69 -0.43
C GLN A 57 -12.26 -5.25 -0.85
N VAL A 58 -11.29 -5.05 -1.77
CA VAL A 58 -10.99 -3.72 -2.25
C VAL A 58 -11.50 -3.62 -3.67
N LYS A 59 -11.77 -2.37 -4.13
CA LYS A 59 -12.26 -2.19 -5.48
C LYS A 59 -11.09 -1.77 -6.32
N PRO A 60 -11.11 -2.19 -7.57
CA PRO A 60 -10.05 -1.90 -8.52
C PRO A 60 -9.99 -0.48 -9.00
N GLU A 61 -11.09 0.29 -8.83
CA GLU A 61 -11.09 1.66 -9.28
C GLU A 61 -10.23 2.49 -8.36
N ASP A 62 -10.04 2.03 -7.10
CA ASP A 62 -9.23 2.77 -6.17
C ASP A 62 -7.78 2.66 -6.59
N PHE A 63 -7.36 1.46 -7.05
CA PHE A 63 -5.98 1.23 -7.46
C PHE A 63 -5.68 2.09 -8.67
N LYS A 64 -6.66 2.25 -9.59
CA LYS A 64 -6.42 3.06 -10.77
C LYS A 64 -6.11 4.48 -10.33
N ASN A 65 -6.82 4.99 -9.29
CA ASN A 65 -6.56 6.34 -8.83
C ASN A 65 -5.34 6.37 -7.93
N VAL A 66 -4.79 5.19 -7.55
CA VAL A 66 -3.62 5.14 -6.70
C VAL A 66 -2.40 5.54 -7.52
N ARG A 67 -1.59 6.51 -6.99
CA ARG A 67 -0.43 6.97 -7.73
C ARG A 67 0.79 6.95 -6.82
N THR A 68 0.62 7.25 -5.52
CA THR A 68 1.78 7.30 -4.64
C THR A 68 1.53 6.46 -3.40
N VAL A 69 2.64 6.18 -2.66
CA VAL A 69 2.56 5.40 -1.44
C VAL A 69 1.68 6.12 -0.43
N LEU A 70 1.78 7.48 -0.33
CA LEU A 70 0.95 8.22 0.60
C LEU A 70 -0.51 7.99 0.28
N ASP A 71 -0.87 7.92 -1.03
CA ASP A 71 -2.26 7.71 -1.42
C ASP A 71 -2.76 6.39 -0.88
N VAL A 72 -1.92 5.34 -0.87
CA VAL A 72 -2.33 4.02 -0.37
C VAL A 72 -2.59 4.09 1.13
N VAL A 73 -1.75 4.78 1.92
CA VAL A 73 -1.98 4.83 3.36
C VAL A 73 -3.17 5.73 3.62
N THR A 74 -3.45 6.70 2.69
CA THR A 74 -4.59 7.59 2.85
C THR A 74 -5.86 6.81 2.63
N VAL A 75 -5.87 5.93 1.60
CA VAL A 75 -7.05 5.14 1.28
C VAL A 75 -7.32 4.15 2.40
N ILE A 76 -6.26 3.52 2.95
CA ILE A 76 -6.45 2.55 4.00
C ILE A 76 -7.00 3.24 5.25
N GLN A 77 -6.48 4.44 5.60
CA GLN A 77 -6.96 5.13 6.79
C GLN A 77 -8.31 5.76 6.51
N ASN A 78 -8.62 5.98 5.22
CA ASN A 78 -9.87 6.58 4.84
C ASN A 78 -10.98 5.56 5.02
N MET A 79 -10.65 4.27 4.82
CA MET A 79 -11.63 3.22 4.91
C MET A 79 -11.69 2.68 6.32
N THR A 80 -10.70 3.02 7.20
CA THR A 80 -10.75 2.52 8.56
C THR A 80 -11.24 3.59 9.49
N ALA A 81 -11.28 4.86 9.02
CA ALA A 81 -11.72 5.91 9.90
C ALA A 81 -13.15 6.22 9.55
N GLU A 82 -14.06 5.96 10.52
CA GLU A 82 -15.44 6.23 10.29
C GLU A 82 -16.11 6.48 11.64
N MET A 1 -9.26 2.51 15.14
CA MET A 1 -8.62 3.54 14.27
C MET A 1 -7.14 3.28 14.12
N LEU A 2 -6.63 3.43 12.88
CA LEU A 2 -5.22 3.19 12.64
C LEU A 2 -4.67 4.41 11.97
N SER A 3 -3.35 4.65 12.13
CA SER A 3 -2.74 5.81 11.53
C SER A 3 -2.00 5.42 10.29
N GLN A 4 -1.69 6.45 9.47
CA GLN A 4 -0.99 6.27 8.23
C GLN A 4 0.46 5.97 8.50
N GLU A 5 0.98 6.47 9.65
CA GLU A 5 2.37 6.24 9.99
C GLU A 5 2.59 4.79 10.39
N GLN A 6 1.67 4.24 11.23
CA GLN A 6 1.81 2.87 11.64
C GLN A 6 1.51 1.96 10.48
N VAL A 7 0.54 2.38 9.62
CA VAL A 7 0.17 1.61 8.46
C VAL A 7 1.33 1.59 7.50
N LEU A 8 2.07 2.71 7.35
CA LEU A 8 3.21 2.73 6.44
C LEU A 8 4.25 1.74 6.90
N THR A 9 4.48 1.61 8.24
CA THR A 9 5.49 0.68 8.72
C THR A 9 5.11 -0.74 8.33
N LYS A 10 3.83 -1.15 8.50
CA LYS A 10 3.44 -2.50 8.13
C LYS A 10 3.54 -2.67 6.63
N LEU A 11 3.17 -1.61 5.86
CA LEU A 11 3.21 -1.68 4.41
C LEU A 11 4.63 -1.87 3.95
N ARG A 12 5.58 -1.12 4.55
CA ARG A 12 6.98 -1.20 4.16
C ARG A 12 7.55 -2.56 4.50
N GLU A 13 7.20 -3.10 5.69
CA GLU A 13 7.74 -4.37 6.11
C GLU A 13 7.27 -5.51 5.24
N TRP A 14 5.98 -5.50 4.83
CA TRP A 14 5.46 -6.60 4.04
C TRP A 14 6.01 -6.58 2.64
N MET A 15 6.25 -5.39 2.06
CA MET A 15 6.73 -5.33 0.71
C MET A 15 8.20 -5.71 0.68
N GLU A 16 8.93 -5.55 1.82
CA GLU A 16 10.33 -5.92 1.86
C GLU A 16 10.43 -7.40 2.09
N ASP A 17 9.51 -7.93 2.91
CA ASP A 17 9.50 -9.33 3.23
C ASP A 17 9.13 -10.14 2.00
N LEU A 18 8.23 -9.61 1.15
CA LEU A 18 7.77 -10.36 0.00
C LEU A 18 8.68 -10.20 -1.20
N PHE A 19 8.82 -8.97 -1.73
CA PHE A 19 9.61 -8.80 -2.93
C PHE A 19 10.94 -8.17 -2.60
N GLU A 20 11.23 -7.96 -1.30
CA GLU A 20 12.50 -7.39 -0.89
C GLU A 20 12.61 -5.97 -1.38
N ILE A 21 11.50 -5.21 -1.26
CA ILE A 21 11.54 -3.82 -1.67
C ILE A 21 11.95 -3.02 -0.45
N GLU A 22 12.98 -2.16 -0.60
CA GLU A 22 13.46 -1.39 0.53
C GLU A 22 12.41 -0.41 0.98
N PRO A 23 12.11 -0.50 2.24
CA PRO A 23 11.15 0.37 2.90
C PRO A 23 11.69 1.77 3.08
N GLU A 24 13.03 1.93 3.04
CA GLU A 24 13.62 3.24 3.20
C GLU A 24 13.33 4.08 1.97
N THR A 25 13.42 3.47 0.77
CA THR A 25 13.16 4.19 -0.46
C THR A 25 11.68 4.50 -0.55
N VAL A 26 10.84 3.52 -0.15
CA VAL A 26 9.40 3.68 -0.18
C VAL A 26 9.01 4.66 0.90
N GLN A 27 8.75 5.91 0.47
CA GLN A 27 8.36 6.93 1.40
C GLN A 27 6.98 7.34 0.97
N LEU A 28 6.48 8.49 1.47
CA LEU A 28 5.17 8.92 1.07
C LEU A 28 5.33 9.82 -0.13
N ASP A 29 6.61 10.08 -0.50
CA ASP A 29 6.88 10.92 -1.64
C ASP A 29 7.41 10.05 -2.74
N SER A 30 7.19 8.71 -2.66
CA SER A 30 7.70 7.84 -3.67
C SER A 30 6.55 7.46 -4.57
N ASN A 31 6.74 7.64 -5.90
CA ASN A 31 5.70 7.30 -6.86
C ASN A 31 5.75 5.81 -7.03
N LEU A 32 4.58 5.14 -7.04
CA LEU A 32 4.55 3.70 -7.14
C LEU A 32 4.83 3.24 -8.56
N TYR A 33 4.06 3.73 -9.55
CA TYR A 33 4.24 3.28 -10.92
C TYR A 33 5.34 4.05 -11.58
N SER A 34 5.35 5.38 -11.35
CA SER A 34 6.34 6.22 -11.99
C SER A 34 7.72 5.96 -11.42
N ASP A 35 7.85 5.88 -10.08
CA ASP A 35 9.18 5.73 -9.51
C ASP A 35 9.52 4.27 -9.26
N LEU A 36 8.58 3.46 -8.73
CA LEU A 36 8.92 2.10 -8.40
C LEU A 36 8.55 1.16 -9.52
N ASP A 37 7.71 1.60 -10.48
CA ASP A 37 7.29 0.74 -11.57
C ASP A 37 6.64 -0.49 -10.97
N VAL A 38 5.54 -0.29 -10.21
CA VAL A 38 4.84 -1.39 -9.58
C VAL A 38 4.22 -2.25 -10.65
N ASP A 39 4.32 -3.60 -10.50
CA ASP A 39 3.77 -4.48 -11.49
C ASP A 39 2.56 -5.15 -10.89
N SER A 40 2.12 -6.28 -11.49
CA SER A 40 0.94 -6.95 -11.00
C SER A 40 1.31 -7.90 -9.89
N ILE A 41 2.61 -8.18 -9.66
CA ILE A 41 2.98 -9.09 -8.60
C ILE A 41 3.03 -8.31 -7.31
N ASP A 42 3.61 -7.08 -7.33
CA ASP A 42 3.69 -6.29 -6.13
C ASP A 42 2.29 -5.88 -5.73
N ALA A 43 1.45 -5.50 -6.73
CA ALA A 43 0.10 -5.08 -6.42
C ALA A 43 -0.73 -6.24 -5.93
N VAL A 44 -0.59 -7.43 -6.55
CA VAL A 44 -1.38 -8.58 -6.13
C VAL A 44 -0.99 -9.02 -4.74
N ASP A 45 0.32 -9.03 -4.41
CA ASP A 45 0.71 -9.49 -3.09
C ASP A 45 0.13 -8.57 -2.05
N LEU A 46 0.15 -7.25 -2.33
CA LEU A 46 -0.34 -6.27 -1.37
C LEU A 46 -1.85 -6.33 -1.27
N VAL A 47 -2.56 -6.61 -2.38
CA VAL A 47 -4.01 -6.67 -2.34
C VAL A 47 -4.47 -7.77 -1.42
N VAL A 48 -3.81 -8.94 -1.48
CA VAL A 48 -4.21 -10.05 -0.65
C VAL A 48 -3.94 -9.75 0.81
N LYS A 49 -2.79 -9.07 1.13
CA LYS A 49 -2.50 -8.80 2.52
C LYS A 49 -3.24 -7.57 2.99
N ILE A 50 -3.83 -6.81 2.04
CA ILE A 50 -4.58 -5.62 2.40
C ILE A 50 -5.99 -6.08 2.70
N LYS A 51 -6.51 -7.03 1.86
CA LYS A 51 -7.84 -7.57 2.05
C LYS A 51 -7.88 -8.37 3.34
N GLU A 52 -6.79 -9.10 3.64
CA GLU A 52 -6.74 -9.90 4.85
C GLU A 52 -6.58 -9.01 6.07
N LEU A 53 -5.76 -7.94 5.94
CA LEU A 53 -5.49 -7.06 7.05
C LEU A 53 -6.75 -6.34 7.54
N THR A 54 -7.63 -5.84 6.63
CA THR A 54 -8.79 -5.13 7.11
C THR A 54 -10.00 -6.04 7.08
N GLY A 55 -10.00 -7.08 6.22
CA GLY A 55 -11.11 -8.00 6.17
C GLY A 55 -12.13 -7.55 5.14
N LYS A 56 -11.80 -6.53 4.30
CA LYS A 56 -12.77 -6.09 3.32
C LYS A 56 -12.14 -6.16 1.95
N GLN A 57 -13.01 -6.33 0.93
CA GLN A 57 -12.54 -6.45 -0.44
C GLN A 57 -12.27 -5.06 -0.97
N VAL A 58 -11.30 -4.95 -1.90
CA VAL A 58 -10.97 -3.67 -2.46
C VAL A 58 -11.40 -3.66 -3.91
N LYS A 59 -11.64 -2.45 -4.47
CA LYS A 59 -12.05 -2.35 -5.85
C LYS A 59 -10.82 -1.93 -6.63
N PRO A 60 -10.72 -2.45 -7.83
CA PRO A 60 -9.60 -2.17 -8.73
C PRO A 60 -9.58 -0.79 -9.31
N GLU A 61 -10.74 -0.10 -9.31
CA GLU A 61 -10.81 1.24 -9.85
C GLU A 61 -10.02 2.17 -8.98
N ASP A 62 -10.05 1.94 -7.64
CA ASP A 62 -9.35 2.79 -6.71
C ASP A 62 -7.85 2.65 -6.92
N PHE A 63 -7.37 1.42 -7.20
CA PHE A 63 -5.94 1.21 -7.39
C PHE A 63 -5.45 1.93 -8.61
N LYS A 64 -6.26 1.99 -9.70
CA LYS A 64 -5.84 2.69 -10.89
C LYS A 64 -5.65 4.16 -10.57
N ASN A 65 -6.55 4.73 -9.74
CA ASN A 65 -6.48 6.14 -9.38
C ASN A 65 -5.28 6.40 -8.49
N VAL A 66 -4.82 5.38 -7.72
CA VAL A 66 -3.68 5.56 -6.82
C VAL A 66 -2.41 5.69 -7.61
N ARG A 67 -1.55 6.69 -7.24
CA ARG A 67 -0.30 6.88 -7.95
C ARG A 67 0.85 7.04 -6.97
N THR A 68 0.57 7.22 -5.66
CA THR A 68 1.67 7.39 -4.72
C THR A 68 1.44 6.54 -3.48
N VAL A 69 2.56 6.28 -2.74
CA VAL A 69 2.49 5.50 -1.51
C VAL A 69 1.62 6.22 -0.49
N LEU A 70 1.72 7.57 -0.41
CA LEU A 70 0.90 8.33 0.52
C LEU A 70 -0.57 8.08 0.22
N ASP A 71 -0.94 7.98 -1.07
CA ASP A 71 -2.33 7.75 -1.43
C ASP A 71 -2.82 6.43 -0.86
N VAL A 72 -1.95 5.39 -0.85
CA VAL A 72 -2.34 4.08 -0.32
C VAL A 72 -2.62 4.17 1.18
N VAL A 73 -1.77 4.89 1.97
CA VAL A 73 -2.01 4.97 3.41
C VAL A 73 -3.18 5.90 3.66
N THR A 74 -3.47 6.83 2.71
CA THR A 74 -4.60 7.74 2.87
C THR A 74 -5.87 6.94 2.73
N VAL A 75 -5.90 6.04 1.73
CA VAL A 75 -7.07 5.22 1.46
C VAL A 75 -7.28 4.21 2.57
N ILE A 76 -6.19 3.58 3.07
CA ILE A 76 -6.33 2.57 4.11
C ILE A 76 -6.81 3.21 5.39
N GLN A 77 -6.21 4.36 5.78
CA GLN A 77 -6.57 5.02 7.01
C GLN A 77 -8.00 5.54 6.94
N ASN A 78 -8.43 6.04 5.75
CA ASN A 78 -9.78 6.58 5.63
C ASN A 78 -10.80 5.46 5.67
N MET A 79 -10.43 4.23 5.25
CA MET A 79 -11.39 3.15 5.25
C MET A 79 -11.41 2.47 6.60
N THR A 80 -10.43 2.78 7.48
CA THR A 80 -10.44 2.17 8.79
C THR A 80 -11.04 3.14 9.77
N ALA A 81 -11.31 4.38 9.32
CA ALA A 81 -11.88 5.36 10.20
C ALA A 81 -13.35 5.43 9.92
N GLU A 82 -14.16 4.85 10.83
CA GLU A 82 -15.59 4.86 10.63
C GLU A 82 -16.22 4.22 11.88
N MET A 1 -9.64 2.76 14.92
CA MET A 1 -8.89 3.76 14.10
C MET A 1 -7.42 3.43 14.09
N LEU A 2 -6.81 3.45 12.87
CA LEU A 2 -5.41 3.14 12.75
C LEU A 2 -4.73 4.34 12.15
N SER A 3 -3.41 4.49 12.42
CA SER A 3 -2.68 5.62 11.90
C SER A 3 -2.02 5.22 10.62
N GLN A 4 -1.91 6.20 9.69
CA GLN A 4 -1.32 5.97 8.39
C GLN A 4 0.17 5.86 8.56
N GLU A 5 0.72 6.43 9.66
CA GLU A 5 2.14 6.37 9.91
C GLU A 5 2.51 4.94 10.28
N GLN A 6 1.70 4.32 11.18
CA GLN A 6 1.97 2.97 11.59
C GLN A 6 1.60 2.05 10.45
N VAL A 7 0.63 2.50 9.61
CA VAL A 7 0.21 1.73 8.47
C VAL A 7 1.34 1.68 7.47
N LEU A 8 2.09 2.80 7.31
CA LEU A 8 3.20 2.81 6.38
C LEU A 8 4.25 1.82 6.85
N THR A 9 4.50 1.73 8.19
CA THR A 9 5.51 0.81 8.69
C THR A 9 5.14 -0.62 8.33
N LYS A 10 3.86 -1.03 8.52
CA LYS A 10 3.48 -2.40 8.18
C LYS A 10 3.57 -2.59 6.68
N LEU A 11 3.19 -1.57 5.90
CA LEU A 11 3.24 -1.66 4.45
C LEU A 11 4.66 -1.85 3.98
N ARG A 12 5.60 -1.11 4.58
CA ARG A 12 7.00 -1.19 4.19
C ARG A 12 7.56 -2.54 4.54
N GLU A 13 7.21 -3.08 5.72
CA GLU A 13 7.76 -4.34 6.16
C GLU A 13 7.27 -5.49 5.30
N TRP A 14 5.98 -5.48 4.90
CA TRP A 14 5.46 -6.59 4.12
C TRP A 14 6.00 -6.59 2.72
N MET A 15 6.25 -5.41 2.13
CA MET A 15 6.73 -5.37 0.76
C MET A 15 8.20 -5.75 0.73
N GLU A 16 8.92 -5.58 1.87
CA GLU A 16 10.32 -5.95 1.90
C GLU A 16 10.41 -7.43 2.17
N ASP A 17 9.48 -7.95 2.98
CA ASP A 17 9.47 -9.33 3.33
C ASP A 17 9.10 -10.17 2.12
N LEU A 18 8.23 -9.65 1.23
CA LEU A 18 7.78 -10.42 0.10
C LEU A 18 8.69 -10.28 -1.09
N PHE A 19 8.82 -9.06 -1.65
CA PHE A 19 9.62 -8.89 -2.84
C PHE A 19 10.96 -8.29 -2.52
N GLU A 20 11.24 -8.05 -1.21
CA GLU A 20 12.50 -7.49 -0.80
C GLU A 20 12.62 -6.08 -1.31
N ILE A 21 11.52 -5.30 -1.22
CA ILE A 21 11.57 -3.93 -1.65
C ILE A 21 11.98 -3.11 -0.45
N GLU A 22 13.01 -2.25 -0.61
CA GLU A 22 13.49 -1.47 0.52
C GLU A 22 12.45 -0.47 0.94
N PRO A 23 12.14 -0.54 2.21
CA PRO A 23 11.19 0.34 2.85
C PRO A 23 11.73 1.74 3.02
N GLU A 24 13.09 1.88 2.96
CA GLU A 24 13.69 3.19 3.12
C GLU A 24 13.40 4.03 1.88
N THR A 25 13.47 3.40 0.68
CA THR A 25 13.21 4.13 -0.55
C THR A 25 11.73 4.44 -0.63
N VAL A 26 10.88 3.45 -0.24
CA VAL A 26 9.45 3.62 -0.25
C VAL A 26 9.06 4.59 0.82
N GLN A 27 8.82 5.84 0.40
CA GLN A 27 8.42 6.87 1.31
C GLN A 27 7.06 7.31 0.88
N LEU A 28 6.55 8.42 1.43
CA LEU A 28 5.25 8.88 1.04
C LEU A 28 5.43 9.80 -0.14
N ASP A 29 6.70 10.05 -0.52
CA ASP A 29 6.98 10.90 -1.64
C ASP A 29 7.49 10.02 -2.76
N SER A 30 7.26 8.69 -2.68
CA SER A 30 7.76 7.81 -3.72
C SER A 30 6.59 7.45 -4.61
N ASN A 31 6.77 7.63 -5.94
CA ASN A 31 5.72 7.29 -6.89
C ASN A 31 5.78 5.81 -7.06
N LEU A 32 4.60 5.14 -7.05
CA LEU A 32 4.59 3.69 -7.14
C LEU A 32 4.83 3.21 -8.55
N TYR A 33 4.05 3.69 -9.54
CA TYR A 33 4.21 3.22 -10.90
C TYR A 33 5.29 4.01 -11.58
N SER A 34 5.28 5.33 -11.37
CA SER A 34 6.25 6.18 -12.03
C SER A 34 7.66 5.93 -11.49
N ASP A 35 7.82 5.85 -10.15
CA ASP A 35 9.15 5.70 -9.62
C ASP A 35 9.50 4.25 -9.37
N LEU A 36 8.58 3.45 -8.80
CA LEU A 36 8.92 2.09 -8.48
C LEU A 36 8.55 1.15 -9.59
N ASP A 37 7.70 1.59 -10.56
CA ASP A 37 7.29 0.73 -11.64
C ASP A 37 6.67 -0.52 -11.05
N VAL A 38 5.58 -0.33 -10.27
CA VAL A 38 4.90 -1.46 -9.65
C VAL A 38 4.27 -2.30 -10.72
N ASP A 39 4.36 -3.65 -10.57
CA ASP A 39 3.81 -4.53 -11.57
C ASP A 39 2.60 -5.21 -10.98
N SER A 40 2.19 -6.35 -11.59
CA SER A 40 1.02 -7.04 -11.12
C SER A 40 1.36 -7.98 -9.99
N ILE A 41 2.66 -8.27 -9.75
CA ILE A 41 3.02 -9.16 -8.66
C ILE A 41 3.09 -8.38 -7.39
N ASP A 42 3.68 -7.16 -7.42
CA ASP A 42 3.76 -6.36 -6.22
C ASP A 42 2.37 -5.95 -5.82
N ALA A 43 1.51 -5.58 -6.81
CA ALA A 43 0.16 -5.15 -6.49
C ALA A 43 -0.67 -6.30 -5.99
N VAL A 44 -0.53 -7.51 -6.59
CA VAL A 44 -1.33 -8.64 -6.18
C VAL A 44 -0.94 -9.08 -4.78
N ASP A 45 0.38 -9.09 -4.45
CA ASP A 45 0.78 -9.54 -3.14
C ASP A 45 0.22 -8.61 -2.09
N LEU A 46 0.23 -7.29 -2.39
CA LEU A 46 -0.24 -6.30 -1.44
C LEU A 46 -1.75 -6.35 -1.32
N VAL A 47 -2.47 -6.62 -2.42
CA VAL A 47 -3.93 -6.66 -2.37
C VAL A 47 -4.38 -7.77 -1.46
N VAL A 48 -3.74 -8.94 -1.53
CA VAL A 48 -4.15 -10.05 -0.70
C VAL A 48 -3.86 -9.75 0.76
N LYS A 49 -2.71 -9.09 1.08
CA LYS A 49 -2.40 -8.83 2.47
C LYS A 49 -3.13 -7.59 2.95
N ILE A 50 -3.72 -6.82 2.02
CA ILE A 50 -4.46 -5.63 2.38
C ILE A 50 -5.86 -6.09 2.69
N LYS A 51 -6.39 -7.03 1.87
CA LYS A 51 -7.72 -7.57 2.06
C LYS A 51 -7.75 -8.35 3.35
N GLU A 52 -6.66 -9.11 3.64
CA GLU A 52 -6.60 -9.91 4.84
C GLU A 52 -6.43 -9.03 6.05
N LEU A 53 -5.61 -7.95 5.93
CA LEU A 53 -5.32 -7.07 7.03
C LEU A 53 -6.57 -6.38 7.55
N THR A 54 -7.47 -5.87 6.68
CA THR A 54 -8.64 -5.17 7.20
C THR A 54 -9.84 -6.09 7.18
N GLY A 55 -9.83 -7.12 6.30
CA GLY A 55 -10.94 -8.04 6.26
C GLY A 55 -11.97 -7.59 5.24
N LYS A 56 -11.66 -6.57 4.41
CA LYS A 56 -12.64 -6.13 3.44
C LYS A 56 -12.04 -6.19 2.07
N GLN A 57 -12.92 -6.36 1.06
CA GLN A 57 -12.49 -6.46 -0.32
C GLN A 57 -12.20 -5.08 -0.84
N VAL A 58 -11.25 -4.98 -1.81
CA VAL A 58 -10.90 -3.69 -2.36
C VAL A 58 -11.36 -3.67 -3.80
N LYS A 59 -11.62 -2.44 -4.33
CA LYS A 59 -12.05 -2.31 -5.70
C LYS A 59 -10.86 -1.85 -6.50
N PRO A 60 -10.81 -2.29 -7.73
CA PRO A 60 -9.72 -1.95 -8.66
C PRO A 60 -9.74 -0.52 -9.13
N GLU A 61 -10.91 0.16 -9.01
CA GLU A 61 -11.02 1.52 -9.45
C GLU A 61 -10.16 2.40 -8.58
N ASP A 62 -10.09 2.08 -7.27
CA ASP A 62 -9.31 2.86 -6.33
C ASP A 62 -7.84 2.75 -6.68
N PHE A 63 -7.38 1.55 -7.09
CA PHE A 63 -5.99 1.34 -7.42
C PHE A 63 -5.61 2.21 -8.61
N LYS A 64 -6.53 2.38 -9.59
CA LYS A 64 -6.22 3.21 -10.74
C LYS A 64 -5.97 4.62 -10.26
N ASN A 65 -6.77 5.10 -9.27
CA ASN A 65 -6.59 6.45 -8.76
C ASN A 65 -5.34 6.50 -7.90
N VAL A 66 -4.79 5.32 -7.49
CA VAL A 66 -3.59 5.31 -6.66
C VAL A 66 -2.40 5.69 -7.51
N ARG A 67 -1.58 6.67 -7.00
CA ARG A 67 -0.42 7.12 -7.74
C ARG A 67 0.80 7.12 -6.84
N THR A 68 0.61 7.39 -5.52
CA THR A 68 1.76 7.45 -4.62
C THR A 68 1.51 6.60 -3.41
N VAL A 69 2.62 6.29 -2.68
CA VAL A 69 2.53 5.49 -1.46
C VAL A 69 1.64 6.19 -0.44
N LEU A 70 1.74 7.54 -0.32
CA LEU A 70 0.91 8.27 0.63
C LEU A 70 -0.55 8.05 0.30
N ASP A 71 -0.92 7.98 -1.00
CA ASP A 71 -2.30 7.78 -1.38
C ASP A 71 -2.80 6.44 -0.85
N VAL A 72 -1.94 5.39 -0.88
CA VAL A 72 -2.33 4.07 -0.38
C VAL A 72 -2.61 4.12 1.10
N VAL A 73 -1.77 4.81 1.92
CA VAL A 73 -2.02 4.84 3.35
C VAL A 73 -3.20 5.73 3.63
N THR A 74 -3.48 6.71 2.72
CA THR A 74 -4.62 7.60 2.90
C THR A 74 -5.90 6.83 2.67
N VAL A 75 -5.92 5.97 1.62
CA VAL A 75 -7.08 5.18 1.30
C VAL A 75 -7.33 4.15 2.39
N ILE A 76 -6.27 3.54 2.92
CA ILE A 76 -6.43 2.52 3.94
C ILE A 76 -7.01 3.18 5.20
N GLN A 77 -6.51 4.39 5.58
CA GLN A 77 -7.02 5.05 6.78
C GLN A 77 -8.37 5.65 6.50
N ASN A 78 -8.70 5.87 5.22
CA ASN A 78 -9.97 6.44 4.85
C ASN A 78 -11.05 5.40 5.03
N MET A 79 -10.68 4.11 4.80
CA MET A 79 -11.65 3.05 4.89
C MET A 79 -11.68 2.50 6.30
N THR A 80 -10.70 2.85 7.16
CA THR A 80 -10.72 2.33 8.52
C THR A 80 -11.26 3.39 9.45
N ALA A 81 -11.38 4.64 8.97
CA ALA A 81 -11.87 5.68 9.83
C ALA A 81 -13.32 5.90 9.51
N GLU A 82 -14.21 5.42 10.40
CA GLU A 82 -15.62 5.58 10.18
C GLU A 82 -16.35 5.04 11.42
N MET A 1 -9.05 2.88 15.84
CA MET A 1 -8.46 3.81 14.82
C MET A 1 -7.00 3.49 14.61
N LEU A 2 -6.56 3.49 13.32
CA LEU A 2 -5.18 3.20 13.02
C LEU A 2 -4.63 4.39 12.30
N SER A 3 -3.30 4.61 12.42
CA SER A 3 -2.67 5.74 11.78
C SER A 3 -2.00 5.30 10.52
N GLN A 4 -1.80 6.29 9.62
CA GLN A 4 -1.18 6.03 8.34
C GLN A 4 0.31 5.87 8.54
N GLU A 5 0.86 6.45 9.64
CA GLU A 5 2.28 6.33 9.91
C GLU A 5 2.59 4.90 10.33
N GLN A 6 1.75 4.33 11.22
CA GLN A 6 1.97 2.97 11.66
C GLN A 6 1.66 2.04 10.52
N VAL A 7 0.66 2.43 9.69
CA VAL A 7 0.26 1.65 8.54
C VAL A 7 1.40 1.62 7.56
N LEU A 8 2.13 2.76 7.38
CA LEU A 8 3.25 2.78 6.44
C LEU A 8 4.31 1.81 6.90
N THR A 9 4.57 1.71 8.22
CA THR A 9 5.59 0.79 8.71
C THR A 9 5.23 -0.63 8.34
N LYS A 10 3.96 -1.05 8.53
CA LYS A 10 3.57 -2.42 8.18
C LYS A 10 3.65 -2.59 6.68
N LEU A 11 3.23 -1.55 5.92
CA LEU A 11 3.25 -1.63 4.46
C LEU A 11 4.66 -1.82 3.96
N ARG A 12 5.62 -1.08 4.54
CA ARG A 12 7.00 -1.16 4.11
C ARG A 12 7.57 -2.53 4.42
N GLU A 13 7.26 -3.08 5.61
CA GLU A 13 7.80 -4.35 6.02
C GLU A 13 7.24 -5.50 5.21
N TRP A 14 5.93 -5.45 4.84
CA TRP A 14 5.35 -6.56 4.09
C TRP A 14 5.89 -6.59 2.69
N MET A 15 6.15 -5.41 2.10
CA MET A 15 6.65 -5.36 0.75
C MET A 15 8.12 -5.70 0.76
N GLU A 16 8.78 -5.59 1.94
CA GLU A 16 10.18 -5.89 2.05
C GLU A 16 10.34 -7.38 2.29
N ASP A 17 9.32 -7.99 2.89
CA ASP A 17 9.36 -9.39 3.22
C ASP A 17 8.93 -10.21 2.01
N LEU A 18 8.08 -9.64 1.14
CA LEU A 18 7.60 -10.39 0.01
C LEU A 18 8.50 -10.26 -1.18
N PHE A 19 8.87 -9.01 -1.57
CA PHE A 19 9.69 -8.87 -2.74
C PHE A 19 11.00 -8.21 -2.38
N GLU A 20 11.28 -8.05 -1.06
CA GLU A 20 12.52 -7.46 -0.62
C GLU A 20 12.64 -6.05 -1.14
N ILE A 21 11.51 -5.29 -1.11
CA ILE A 21 11.56 -3.92 -1.56
C ILE A 21 11.99 -3.08 -0.37
N GLU A 22 13.01 -2.21 -0.57
CA GLU A 22 13.50 -1.40 0.52
C GLU A 22 12.45 -0.42 0.94
N PRO A 23 12.23 -0.41 2.24
CA PRO A 23 11.27 0.46 2.88
C PRO A 23 11.82 1.86 3.03
N GLU A 24 13.16 2.02 2.92
CA GLU A 24 13.76 3.32 3.03
C GLU A 24 13.42 4.12 1.80
N THR A 25 13.46 3.46 0.61
CA THR A 25 13.16 4.15 -0.63
C THR A 25 11.69 4.44 -0.69
N VAL A 26 10.86 3.47 -0.25
CA VAL A 26 9.41 3.63 -0.25
C VAL A 26 9.05 4.59 0.82
N GLN A 27 8.83 5.86 0.42
CA GLN A 27 8.45 6.89 1.34
C GLN A 27 7.08 7.31 0.93
N LEU A 28 6.59 8.44 1.47
CA LEU A 28 5.27 8.89 1.11
C LEU A 28 5.42 9.79 -0.08
N ASP A 29 6.69 10.05 -0.49
CA ASP A 29 6.94 10.89 -1.62
C ASP A 29 7.45 10.02 -2.74
N SER A 30 7.22 8.68 -2.67
CA SER A 30 7.71 7.81 -3.70
C SER A 30 6.53 7.44 -4.58
N ASN A 31 6.70 7.62 -5.92
CA ASN A 31 5.65 7.30 -6.86
C ASN A 31 5.70 5.80 -7.04
N LEU A 32 4.53 5.14 -7.03
CA LEU A 32 4.51 3.70 -7.13
C LEU A 32 4.76 3.23 -8.55
N TYR A 33 3.99 3.74 -9.53
CA TYR A 33 4.14 3.29 -10.89
C TYR A 33 5.23 4.07 -11.57
N SER A 34 5.23 5.40 -11.35
CA SER A 34 6.21 6.24 -12.00
C SER A 34 7.61 5.98 -11.46
N ASP A 35 7.76 5.89 -10.13
CA ASP A 35 9.09 5.73 -9.57
C ASP A 35 9.43 4.28 -9.34
N LEU A 36 8.50 3.46 -8.80
CA LEU A 36 8.85 2.10 -8.49
C LEU A 36 8.46 1.15 -9.59
N ASP A 37 7.61 1.61 -10.55
CA ASP A 37 7.17 0.75 -11.63
C ASP A 37 6.53 -0.49 -11.04
N VAL A 38 5.44 -0.28 -10.26
CA VAL A 38 4.75 -1.40 -9.63
C VAL A 38 4.17 -2.27 -10.70
N ASP A 39 4.27 -3.61 -10.51
CA ASP A 39 3.77 -4.53 -11.50
C ASP A 39 2.57 -5.22 -10.91
N SER A 40 2.18 -6.38 -11.51
CA SER A 40 1.02 -7.08 -11.04
C SER A 40 1.39 -8.02 -9.91
N ILE A 41 2.70 -8.26 -9.68
CA ILE A 41 3.07 -9.16 -8.60
C ILE A 41 3.12 -8.38 -7.31
N ASP A 42 3.68 -7.16 -7.34
CA ASP A 42 3.74 -6.35 -6.14
C ASP A 42 2.35 -5.95 -5.75
N ALA A 43 1.49 -5.58 -6.75
CA ALA A 43 0.15 -5.16 -6.45
C ALA A 43 -0.68 -6.33 -5.97
N VAL A 44 -0.55 -7.52 -6.59
CA VAL A 44 -1.34 -8.66 -6.19
C VAL A 44 -0.98 -9.11 -4.80
N ASP A 45 0.33 -9.12 -4.45
CA ASP A 45 0.72 -9.57 -3.14
C ASP A 45 0.14 -8.64 -2.10
N LEU A 46 0.16 -7.32 -2.38
CA LEU A 46 -0.33 -6.35 -1.43
C LEU A 46 -1.83 -6.39 -1.34
N VAL A 47 -2.55 -6.69 -2.44
CA VAL A 47 -4.01 -6.72 -2.41
C VAL A 47 -4.49 -7.80 -1.48
N VAL A 48 -3.85 -8.99 -1.53
CA VAL A 48 -4.29 -10.08 -0.68
C VAL A 48 -3.99 -9.77 0.77
N LYS A 49 -2.83 -9.12 1.07
CA LYS A 49 -2.51 -8.85 2.46
C LYS A 49 -3.21 -7.59 2.92
N ILE A 50 -3.79 -6.82 1.98
CA ILE A 50 -4.52 -5.61 2.34
C ILE A 50 -5.93 -6.02 2.66
N LYS A 51 -6.48 -6.95 1.84
CA LYS A 51 -7.83 -7.45 2.07
C LYS A 51 -7.88 -8.21 3.36
N GLU A 52 -6.81 -8.99 3.66
CA GLU A 52 -6.76 -9.77 4.88
C GLU A 52 -6.57 -8.85 6.08
N LEU A 53 -5.71 -7.81 5.92
CA LEU A 53 -5.39 -6.93 7.03
C LEU A 53 -6.60 -6.12 7.48
N THR A 54 -7.42 -5.58 6.55
CA THR A 54 -8.56 -4.78 6.99
C THR A 54 -9.81 -5.61 7.02
N GLY A 55 -9.89 -6.67 6.19
CA GLY A 55 -11.05 -7.52 6.19
C GLY A 55 -12.06 -7.06 5.17
N LYS A 56 -11.70 -6.10 4.29
CA LYS A 56 -12.65 -5.64 3.30
C LYS A 56 -12.06 -5.80 1.93
N GLN A 57 -12.94 -5.94 0.93
CA GLN A 57 -12.50 -6.13 -0.44
C GLN A 57 -12.18 -4.78 -1.04
N VAL A 58 -11.17 -4.77 -1.94
CA VAL A 58 -10.77 -3.54 -2.59
C VAL A 58 -11.03 -3.69 -4.07
N LYS A 59 -11.72 -2.67 -4.66
CA LYS A 59 -12.02 -2.71 -6.07
C LYS A 59 -10.82 -2.18 -6.82
N PRO A 60 -10.67 -2.63 -8.05
CA PRO A 60 -9.56 -2.25 -8.92
C PRO A 60 -9.59 -0.81 -9.39
N GLU A 61 -10.78 -0.15 -9.31
CA GLU A 61 -10.88 1.22 -9.75
C GLU A 61 -10.07 2.08 -8.80
N ASP A 62 -10.06 1.72 -7.51
CA ASP A 62 -9.35 2.47 -6.50
C ASP A 62 -7.86 2.42 -6.80
N PHE A 63 -7.34 1.26 -7.25
CA PHE A 63 -5.93 1.14 -7.53
C PHE A 63 -5.52 1.98 -8.72
N LYS A 64 -6.40 2.12 -9.74
CA LYS A 64 -6.05 2.91 -10.90
C LYS A 64 -5.85 4.36 -10.48
N ASN A 65 -6.70 4.87 -9.57
CA ASN A 65 -6.58 6.25 -9.13
C ASN A 65 -5.33 6.44 -8.28
N VAL A 66 -4.91 5.41 -7.51
CA VAL A 66 -3.74 5.54 -6.64
C VAL A 66 -2.48 5.69 -7.48
N ARG A 67 -1.61 6.66 -7.08
CA ARG A 67 -0.38 6.87 -7.83
C ARG A 67 0.78 7.04 -6.88
N THR A 68 0.54 7.25 -5.55
CA THR A 68 1.65 7.42 -4.63
C THR A 68 1.43 6.58 -3.40
N VAL A 69 2.55 6.31 -2.66
CA VAL A 69 2.48 5.53 -1.43
C VAL A 69 1.62 6.26 -0.41
N LEU A 70 1.73 7.60 -0.29
CA LEU A 70 0.92 8.35 0.65
C LEU A 70 -0.55 8.14 0.35
N ASP A 71 -0.94 8.09 -0.95
CA ASP A 71 -2.33 7.89 -1.29
C ASP A 71 -2.84 6.57 -0.75
N VAL A 72 -1.99 5.51 -0.78
CA VAL A 72 -2.40 4.20 -0.29
C VAL A 72 -2.66 4.23 1.21
N VAL A 73 -1.78 4.90 2.02
CA VAL A 73 -2.00 4.92 3.46
C VAL A 73 -3.15 5.82 3.78
N THR A 74 -3.44 6.83 2.92
CA THR A 74 -4.55 7.73 3.15
C THR A 74 -5.83 6.97 2.96
N VAL A 75 -5.90 6.15 1.89
CA VAL A 75 -7.09 5.39 1.57
C VAL A 75 -7.30 4.27 2.59
N ILE A 76 -6.22 3.59 3.04
CA ILE A 76 -6.37 2.49 3.98
C ILE A 76 -6.95 3.01 5.29
N GLN A 77 -6.38 4.10 5.85
CA GLN A 77 -6.84 4.66 7.09
C GLN A 77 -8.19 5.32 6.90
N ASN A 78 -8.42 5.94 5.73
CA ASN A 78 -9.67 6.64 5.45
C ASN A 78 -10.85 5.66 5.45
N MET A 79 -10.68 4.47 4.85
CA MET A 79 -11.78 3.54 4.77
C MET A 79 -11.73 2.59 5.96
N THR A 80 -10.66 2.67 6.78
CA THR A 80 -10.56 1.80 7.92
C THR A 80 -11.23 2.46 9.10
N ALA A 81 -10.99 3.78 9.27
CA ALA A 81 -11.61 4.49 10.36
C ALA A 81 -13.06 4.68 10.03
N GLU A 82 -13.94 4.59 11.06
CA GLU A 82 -15.37 4.76 10.84
C GLU A 82 -15.90 3.48 10.21
N MET A 1 -9.22 2.68 15.04
CA MET A 1 -8.61 3.70 14.14
C MET A 1 -7.13 3.49 14.01
N LEU A 2 -6.62 3.52 12.75
CA LEU A 2 -5.21 3.31 12.54
C LEU A 2 -4.67 4.53 11.82
N SER A 3 -3.37 4.83 12.02
CA SER A 3 -2.78 5.98 11.38
C SER A 3 -2.01 5.56 10.17
N GLN A 4 -1.66 6.56 9.33
CA GLN A 4 -0.94 6.30 8.11
C GLN A 4 0.51 6.00 8.44
N GLU A 5 1.00 6.52 9.59
CA GLU A 5 2.38 6.29 9.97
C GLU A 5 2.57 4.86 10.40
N GLN A 6 1.64 4.31 11.22
CA GLN A 6 1.77 2.94 11.65
C GLN A 6 1.49 2.03 10.48
N VAL A 7 0.53 2.44 9.61
CA VAL A 7 0.19 1.66 8.45
C VAL A 7 1.35 1.62 7.50
N LEU A 8 2.11 2.73 7.35
CA LEU A 8 3.25 2.76 6.46
C LEU A 8 4.29 1.77 6.93
N THR A 9 4.52 1.66 8.27
CA THR A 9 5.52 0.73 8.78
C THR A 9 5.15 -0.69 8.39
N LYS A 10 3.87 -1.09 8.54
CA LYS A 10 3.47 -2.45 8.18
C LYS A 10 3.58 -2.62 6.68
N LEU A 11 3.19 -1.57 5.91
CA LEU A 11 3.22 -1.64 4.46
C LEU A 11 4.64 -1.85 3.98
N ARG A 12 5.60 -1.11 4.57
CA ARG A 12 6.99 -1.19 4.16
C ARG A 12 7.55 -2.57 4.47
N GLU A 13 7.21 -3.11 5.65
CA GLU A 13 7.73 -4.39 6.05
C GLU A 13 7.16 -5.53 5.23
N TRP A 14 5.87 -5.48 4.84
CA TRP A 14 5.30 -6.57 4.08
C TRP A 14 5.85 -6.59 2.68
N MET A 15 6.13 -5.41 2.10
CA MET A 15 6.65 -5.37 0.76
C MET A 15 8.12 -5.71 0.79
N GLU A 16 8.76 -5.60 1.99
CA GLU A 16 10.17 -5.90 2.11
C GLU A 16 10.32 -7.38 2.33
N ASP A 17 9.29 -8.01 2.91
CA ASP A 17 9.33 -9.41 3.21
C ASP A 17 8.93 -10.22 2.01
N LEU A 18 8.08 -9.65 1.12
CA LEU A 18 7.62 -10.39 -0.02
C LEU A 18 8.55 -10.24 -1.20
N PHE A 19 8.91 -8.99 -1.56
CA PHE A 19 9.75 -8.82 -2.72
C PHE A 19 11.05 -8.16 -2.33
N GLU A 20 11.31 -8.01 -1.01
CA GLU A 20 12.54 -7.41 -0.54
C GLU A 20 12.65 -6.00 -1.05
N ILE A 21 11.53 -5.25 -1.04
CA ILE A 21 11.58 -3.88 -1.48
C ILE A 21 12.02 -3.05 -0.29
N GLU A 22 13.02 -2.16 -0.50
CA GLU A 22 13.53 -1.35 0.60
C GLU A 22 12.44 -0.42 1.05
N PRO A 23 12.23 -0.42 2.34
CA PRO A 23 11.25 0.43 2.99
C PRO A 23 11.76 1.84 3.14
N GLU A 24 13.11 2.00 3.03
CA GLU A 24 13.70 3.31 3.14
C GLU A 24 13.37 4.11 1.90
N THR A 25 13.45 3.46 0.70
CA THR A 25 13.16 4.14 -0.53
C THR A 25 11.68 4.42 -0.62
N VAL A 26 10.85 3.44 -0.19
CA VAL A 26 9.40 3.60 -0.21
C VAL A 26 9.02 4.57 0.87
N GLN A 27 8.78 5.82 0.45
CA GLN A 27 8.38 6.85 1.37
C GLN A 27 7.00 7.27 0.95
N LEU A 28 6.52 8.42 1.45
CA LEU A 28 5.21 8.86 1.07
C LEU A 28 5.38 9.75 -0.14
N ASP A 29 6.65 10.01 -0.52
CA ASP A 29 6.93 10.84 -1.66
C ASP A 29 7.44 9.94 -2.77
N SER A 30 7.21 8.62 -2.67
CA SER A 30 7.72 7.73 -3.70
C SER A 30 6.55 7.36 -4.59
N ASN A 31 6.73 7.56 -5.92
CA ASN A 31 5.69 7.22 -6.87
C ASN A 31 5.75 5.73 -7.04
N LEU A 32 4.59 5.04 -7.05
CA LEU A 32 4.59 3.61 -7.15
C LEU A 32 4.85 3.16 -8.56
N TYR A 33 4.07 3.65 -9.55
CA TYR A 33 4.24 3.20 -10.92
C TYR A 33 5.31 4.02 -11.58
N SER A 34 5.29 5.34 -11.34
CA SER A 34 6.25 6.22 -11.97
C SER A 34 7.64 5.98 -11.44
N ASP A 35 7.81 5.86 -10.09
CA ASP A 35 9.13 5.72 -9.55
C ASP A 35 9.51 4.26 -9.32
N LEU A 36 8.58 3.44 -8.80
CA LEU A 36 8.96 2.07 -8.50
C LEU A 36 8.58 1.13 -9.62
N ASP A 37 7.72 1.59 -10.57
CA ASP A 37 7.31 0.73 -11.66
C ASP A 37 6.69 -0.52 -11.08
N VAL A 38 5.60 -0.34 -10.30
CA VAL A 38 4.93 -1.47 -9.67
C VAL A 38 4.32 -2.32 -10.74
N ASP A 39 4.43 -3.68 -10.58
CA ASP A 39 3.90 -4.58 -11.57
C ASP A 39 2.69 -5.24 -10.97
N SER A 40 2.29 -6.40 -11.56
CA SER A 40 1.11 -7.08 -11.09
C SER A 40 1.47 -8.02 -9.95
N ILE A 41 2.77 -8.28 -9.71
CA ILE A 41 3.12 -9.16 -8.62
C ILE A 41 3.17 -8.38 -7.34
N ASP A 42 3.75 -7.15 -7.38
CA ASP A 42 3.81 -6.33 -6.19
C ASP A 42 2.41 -5.91 -5.81
N ALA A 43 1.57 -5.55 -6.81
CA ALA A 43 0.22 -5.10 -6.52
C ALA A 43 -0.63 -6.25 -6.03
N VAL A 44 -0.51 -7.45 -6.65
CA VAL A 44 -1.32 -8.58 -6.24
C VAL A 44 -0.95 -9.02 -4.85
N ASP A 45 0.37 -9.05 -4.50
CA ASP A 45 0.75 -9.49 -3.19
C ASP A 45 0.18 -8.56 -2.14
N LEU A 46 0.21 -7.24 -2.43
CA LEU A 46 -0.28 -6.25 -1.49
C LEU A 46 -1.78 -6.29 -1.38
N VAL A 47 -2.50 -6.57 -2.49
CA VAL A 47 -3.96 -6.60 -2.44
C VAL A 47 -4.42 -7.71 -1.54
N VAL A 48 -3.78 -8.89 -1.61
CA VAL A 48 -4.19 -10.00 -0.79
C VAL A 48 -3.90 -9.72 0.67
N LYS A 49 -2.76 -9.07 1.00
CA LYS A 49 -2.45 -8.81 2.39
C LYS A 49 -3.16 -7.57 2.87
N ILE A 50 -3.75 -6.79 1.94
CA ILE A 50 -4.49 -5.60 2.31
C ILE A 50 -5.90 -6.06 2.62
N LYS A 51 -6.41 -7.01 1.80
CA LYS A 51 -7.75 -7.56 1.99
C LYS A 51 -7.78 -8.34 3.28
N GLU A 52 -6.69 -9.09 3.56
CA GLU A 52 -6.63 -9.89 4.77
C GLU A 52 -6.46 -9.02 5.98
N LEU A 53 -5.66 -7.93 5.86
CA LEU A 53 -5.37 -7.07 6.98
C LEU A 53 -6.63 -6.35 7.47
N THR A 54 -7.50 -5.83 6.57
CA THR A 54 -8.68 -5.13 7.06
C THR A 54 -9.87 -6.05 7.05
N GLY A 55 -9.85 -7.10 6.21
CA GLY A 55 -10.96 -8.03 6.17
C GLY A 55 -11.99 -7.61 5.15
N LYS A 56 -11.71 -6.59 4.31
CA LYS A 56 -12.69 -6.18 3.34
C LYS A 56 -12.07 -6.21 1.97
N GLN A 57 -12.95 -6.42 0.95
CA GLN A 57 -12.49 -6.51 -0.41
C GLN A 57 -12.22 -5.12 -0.93
N VAL A 58 -11.27 -5.01 -1.88
CA VAL A 58 -10.93 -3.71 -2.43
C VAL A 58 -11.39 -3.69 -3.88
N LYS A 59 -11.68 -2.48 -4.41
CA LYS A 59 -12.12 -2.38 -5.78
C LYS A 59 -10.94 -1.89 -6.59
N PRO A 60 -10.90 -2.32 -7.83
CA PRO A 60 -9.83 -1.97 -8.76
C PRO A 60 -9.85 -0.54 -9.21
N GLU A 61 -11.00 0.16 -9.05
CA GLU A 61 -11.09 1.54 -9.47
C GLU A 61 -10.21 2.38 -8.59
N ASP A 62 -10.13 2.04 -7.28
CA ASP A 62 -9.32 2.81 -6.37
C ASP A 62 -7.87 2.69 -6.74
N PHE A 63 -7.42 1.49 -7.17
CA PHE A 63 -6.03 1.28 -7.52
C PHE A 63 -5.68 2.15 -8.72
N LYS A 64 -6.62 2.32 -9.68
CA LYS A 64 -6.33 3.14 -10.84
C LYS A 64 -6.05 4.56 -10.38
N ASN A 65 -6.82 5.04 -9.36
CA ASN A 65 -6.60 6.39 -8.87
C ASN A 65 -5.37 6.42 -7.97
N VAL A 66 -4.83 5.25 -7.58
CA VAL A 66 -3.65 5.20 -6.73
C VAL A 66 -2.43 5.60 -7.55
N ARG A 67 -1.63 6.57 -7.04
CA ARG A 67 -0.46 7.01 -7.77
C ARG A 67 0.76 7.00 -6.87
N THR A 68 0.59 7.29 -5.56
CA THR A 68 1.74 7.33 -4.68
C THR A 68 1.48 6.51 -3.43
N VAL A 69 2.58 6.22 -2.69
CA VAL A 69 2.49 5.45 -1.46
C VAL A 69 1.62 6.18 -0.46
N LEU A 70 1.73 7.54 -0.37
CA LEU A 70 0.90 8.31 0.56
C LEU A 70 -0.56 8.08 0.23
N ASP A 71 -0.92 7.99 -1.06
CA ASP A 71 -2.31 7.79 -1.44
C ASP A 71 -2.82 6.46 -0.89
N VAL A 72 -1.96 5.41 -0.88
CA VAL A 72 -2.37 4.11 -0.35
C VAL A 72 -2.66 4.19 1.13
N VAL A 73 -1.81 4.90 1.93
CA VAL A 73 -2.05 4.97 3.37
C VAL A 73 -3.23 5.89 3.61
N THR A 74 -3.53 6.81 2.64
CA THR A 74 -4.66 7.70 2.79
C THR A 74 -5.92 6.89 2.64
N VAL A 75 -5.93 5.98 1.63
CA VAL A 75 -7.09 5.15 1.37
C VAL A 75 -7.32 4.16 2.49
N ILE A 76 -6.24 3.51 2.99
CA ILE A 76 -6.39 2.52 4.05
C ILE A 76 -6.86 3.19 5.32
N GLN A 77 -6.27 4.36 5.68
CA GLN A 77 -6.64 5.04 6.91
C GLN A 77 -8.08 5.53 6.83
N ASN A 78 -8.51 6.02 5.64
CA ASN A 78 -9.87 6.53 5.51
C ASN A 78 -10.88 5.40 5.59
N MET A 79 -10.48 4.18 5.18
CA MET A 79 -11.42 3.07 5.19
C MET A 79 -11.44 2.42 6.56
N THR A 80 -10.47 2.75 7.44
CA THR A 80 -10.49 2.16 8.77
C THR A 80 -11.08 3.15 9.73
N ALA A 81 -11.36 4.38 9.27
CA ALA A 81 -11.92 5.39 10.15
C ALA A 81 -13.40 5.45 9.88
N GLU A 82 -14.21 4.98 10.85
CA GLU A 82 -15.63 5.02 10.67
C GLU A 82 -16.28 5.04 12.06
N MET A 1 -9.34 2.49 15.07
CA MET A 1 -8.69 3.55 14.25
C MET A 1 -7.21 3.31 14.15
N LEU A 2 -6.67 3.34 12.91
CA LEU A 2 -5.26 3.12 12.72
C LEU A 2 -4.70 4.32 12.01
N SER A 3 -3.39 4.58 12.20
CA SER A 3 -2.78 5.74 11.57
C SER A 3 -2.02 5.31 10.36
N GLN A 4 -1.76 6.29 9.46
CA GLN A 4 -1.07 6.04 8.23
C GLN A 4 0.40 5.84 8.53
N GLU A 5 0.88 6.37 9.68
CA GLU A 5 2.28 6.22 10.04
C GLU A 5 2.55 4.78 10.41
N GLN A 6 1.67 4.18 11.25
CA GLN A 6 1.85 2.81 11.65
C GLN A 6 1.57 1.92 10.46
N VAL A 7 0.61 2.34 9.61
CA VAL A 7 0.25 1.58 8.45
C VAL A 7 1.41 1.57 7.49
N LEU A 8 2.14 2.70 7.35
CA LEU A 8 3.28 2.73 6.43
C LEU A 8 4.32 1.74 6.91
N THR A 9 4.56 1.62 8.24
CA THR A 9 5.56 0.69 8.72
C THR A 9 5.21 -0.73 8.33
N LYS A 10 3.93 -1.14 8.50
CA LYS A 10 3.55 -2.50 8.13
C LYS A 10 3.63 -2.65 6.62
N LEU A 11 3.23 -1.60 5.87
CA LEU A 11 3.26 -1.66 4.41
C LEU A 11 4.68 -1.85 3.92
N ARG A 12 5.63 -1.12 4.52
CA ARG A 12 7.02 -1.20 4.11
C ARG A 12 7.59 -2.57 4.42
N GLU A 13 7.27 -3.13 5.60
CA GLU A 13 7.81 -4.41 5.99
C GLU A 13 7.25 -5.54 5.16
N TRP A 14 5.95 -5.50 4.80
CA TRP A 14 5.37 -6.60 4.04
C TRP A 14 5.91 -6.61 2.64
N MET A 15 6.18 -5.42 2.06
CA MET A 15 6.67 -5.36 0.71
C MET A 15 8.15 -5.69 0.72
N GLU A 16 8.80 -5.58 1.91
CA GLU A 16 10.21 -5.87 2.01
C GLU A 16 10.38 -7.36 2.22
N ASP A 17 9.36 -8.00 2.84
CA ASP A 17 9.42 -9.40 3.13
C ASP A 17 8.99 -10.20 1.94
N LEU A 18 8.13 -9.63 1.07
CA LEU A 18 7.63 -10.37 -0.06
C LEU A 18 8.53 -10.22 -1.26
N PHE A 19 8.88 -8.97 -1.64
CA PHE A 19 9.69 -8.81 -2.83
C PHE A 19 11.00 -8.16 -2.46
N GLU A 20 11.29 -8.01 -1.14
CA GLU A 20 12.54 -7.42 -0.69
C GLU A 20 12.64 -6.01 -1.20
N ILE A 21 11.54 -5.25 -1.15
CA ILE A 21 11.57 -3.87 -1.59
C ILE A 21 12.01 -3.05 -0.40
N GLU A 22 13.02 -2.16 -0.58
CA GLU A 22 13.51 -1.35 0.52
C GLU A 22 12.45 -0.40 0.97
N PRO A 23 12.23 -0.42 2.26
CA PRO A 23 11.26 0.44 2.91
C PRO A 23 11.79 1.84 3.08
N GLU A 24 13.13 2.01 3.01
CA GLU A 24 13.71 3.32 3.14
C GLU A 24 13.39 4.14 1.90
N THR A 25 13.46 3.50 0.70
CA THR A 25 13.18 4.18 -0.54
C THR A 25 11.69 4.48 -0.61
N VAL A 26 10.86 3.49 -0.19
CA VAL A 26 9.42 3.65 -0.21
C VAL A 26 9.04 4.61 0.88
N GLN A 27 8.77 5.87 0.47
CA GLN A 27 8.38 6.88 1.39
C GLN A 27 7.00 7.29 0.99
N LEU A 28 6.51 8.43 1.52
CA LEU A 28 5.18 8.87 1.16
C LEU A 28 5.32 9.77 -0.04
N ASP A 29 6.59 10.05 -0.44
CA ASP A 29 6.81 10.88 -1.59
C ASP A 29 7.37 10.02 -2.69
N SER A 30 7.17 8.68 -2.61
CA SER A 30 7.69 7.81 -3.64
C SER A 30 6.53 7.43 -4.54
N ASN A 31 6.71 7.64 -5.87
CA ASN A 31 5.68 7.29 -6.82
C ASN A 31 5.76 5.80 -7.02
N LEU A 32 4.60 5.11 -7.00
CA LEU A 32 4.62 3.67 -7.12
C LEU A 32 4.88 3.24 -8.55
N TYR A 33 4.12 3.75 -9.53
CA TYR A 33 4.28 3.32 -10.90
C TYR A 33 5.37 4.13 -11.55
N SER A 34 5.34 5.45 -11.33
CA SER A 34 6.31 6.32 -11.96
C SER A 34 7.71 6.08 -11.40
N ASP A 35 7.85 5.96 -10.07
CA ASP A 35 9.16 5.82 -9.51
C ASP A 35 9.54 4.37 -9.28
N LEU A 36 8.61 3.53 -8.77
CA LEU A 36 9.00 2.17 -8.47
C LEU A 36 8.62 1.23 -9.59
N ASP A 37 7.77 1.69 -10.53
CA ASP A 37 7.33 0.83 -11.62
C ASP A 37 6.71 -0.42 -11.04
N VAL A 38 5.61 -0.23 -10.27
CA VAL A 38 4.93 -1.35 -9.64
C VAL A 38 4.35 -2.24 -10.70
N ASP A 39 4.52 -3.57 -10.53
CA ASP A 39 4.02 -4.51 -11.50
C ASP A 39 2.83 -5.20 -10.91
N SER A 40 2.31 -6.21 -11.64
CA SER A 40 1.13 -6.93 -11.20
C SER A 40 1.42 -7.70 -9.94
N ILE A 41 2.62 -8.33 -9.82
CA ILE A 41 2.96 -9.12 -8.64
C ILE A 41 3.00 -8.29 -7.39
N ASP A 42 3.61 -7.08 -7.42
CA ASP A 42 3.68 -6.27 -6.21
C ASP A 42 2.29 -5.87 -5.79
N ALA A 43 1.42 -5.50 -6.75
CA ALA A 43 0.08 -5.08 -6.41
C ALA A 43 -0.74 -6.25 -5.93
N VAL A 44 -0.60 -7.43 -6.56
CA VAL A 44 -1.37 -8.59 -6.18
C VAL A 44 -1.00 -9.04 -4.79
N ASP A 45 0.32 -9.03 -4.45
CA ASP A 45 0.73 -9.48 -3.13
C ASP A 45 0.13 -8.57 -2.08
N LEU A 46 0.14 -7.24 -2.36
CA LEU A 46 -0.35 -6.27 -1.40
C LEU A 46 -1.85 -6.35 -1.31
N VAL A 47 -2.57 -6.67 -2.41
CA VAL A 47 -4.02 -6.74 -2.37
C VAL A 47 -4.46 -7.83 -1.44
N VAL A 48 -3.79 -9.00 -1.49
CA VAL A 48 -4.19 -10.10 -0.64
C VAL A 48 -3.89 -9.78 0.81
N LYS A 49 -2.76 -9.10 1.12
CA LYS A 49 -2.44 -8.82 2.50
C LYS A 49 -3.18 -7.58 2.96
N ILE A 50 -3.80 -6.83 2.02
CA ILE A 50 -4.55 -5.64 2.39
C ILE A 50 -5.95 -6.10 2.72
N LYS A 51 -6.48 -7.05 1.90
CA LYS A 51 -7.80 -7.60 2.11
C LYS A 51 -7.82 -8.38 3.40
N GLU A 52 -6.73 -9.13 3.69
CA GLU A 52 -6.65 -9.92 4.89
C GLU A 52 -6.47 -9.02 6.09
N LEU A 53 -5.67 -7.95 5.96
CA LEU A 53 -5.37 -7.07 7.06
C LEU A 53 -6.61 -6.36 7.57
N THR A 54 -7.51 -5.85 6.69
CA THR A 54 -8.67 -5.14 7.20
C THR A 54 -9.88 -6.04 7.18
N GLY A 55 -9.89 -7.06 6.31
CA GLY A 55 -11.01 -7.97 6.26
C GLY A 55 -12.03 -7.50 5.23
N LYS A 56 -11.70 -6.49 4.40
CA LYS A 56 -12.66 -6.04 3.43
C LYS A 56 -12.06 -6.12 2.05
N GLN A 57 -12.93 -6.29 1.03
CA GLN A 57 -12.49 -6.42 -0.33
C GLN A 57 -12.23 -5.03 -0.87
N VAL A 58 -11.28 -4.93 -1.83
CA VAL A 58 -10.96 -3.65 -2.41
C VAL A 58 -11.47 -3.65 -3.85
N LYS A 59 -11.73 -2.44 -4.40
CA LYS A 59 -12.20 -2.35 -5.76
C LYS A 59 -11.04 -1.92 -6.61
N PRO A 60 -11.05 -2.38 -7.84
CA PRO A 60 -9.99 -2.09 -8.80
C PRO A 60 -9.95 -0.67 -9.28
N GLU A 61 -11.05 0.09 -9.13
CA GLU A 61 -11.08 1.46 -9.57
C GLU A 61 -10.13 2.28 -8.73
N ASP A 62 -10.04 1.98 -7.43
CA ASP A 62 -9.18 2.73 -6.54
C ASP A 62 -7.73 2.50 -6.92
N PHE A 63 -7.35 1.25 -7.29
CA PHE A 63 -5.97 0.97 -7.64
C PHE A 63 -5.57 1.74 -8.88
N LYS A 64 -6.50 1.92 -9.84
CA LYS A 64 -6.17 2.66 -11.04
C LYS A 64 -5.87 4.10 -10.66
N ASN A 65 -6.61 4.66 -9.66
CA ASN A 65 -6.39 6.04 -9.27
C ASN A 65 -5.24 6.16 -8.29
N VAL A 66 -4.64 5.03 -7.82
CA VAL A 66 -3.53 5.13 -6.88
C VAL A 66 -2.29 5.59 -7.64
N ARG A 67 -1.58 6.60 -7.09
CA ARG A 67 -0.40 7.11 -7.77
C ARG A 67 0.80 7.06 -6.84
N THR A 68 0.61 7.31 -5.52
CA THR A 68 1.75 7.35 -4.62
C THR A 68 1.48 6.51 -3.38
N VAL A 69 2.57 6.21 -2.64
CA VAL A 69 2.48 5.44 -1.41
C VAL A 69 1.60 6.17 -0.42
N LEU A 70 1.72 7.52 -0.33
CA LEU A 70 0.90 8.29 0.59
C LEU A 70 -0.56 8.07 0.26
N ASP A 71 -0.92 7.99 -1.04
CA ASP A 71 -2.31 7.80 -1.43
C ASP A 71 -2.83 6.48 -0.88
N VAL A 72 -1.99 5.42 -0.86
CA VAL A 72 -2.41 4.12 -0.34
C VAL A 72 -2.69 4.19 1.15
N VAL A 73 -1.84 4.88 1.94
CA VAL A 73 -2.07 4.94 3.39
C VAL A 73 -3.24 5.88 3.64
N THR A 74 -3.52 6.82 2.70
CA THR A 74 -4.64 7.73 2.86
C THR A 74 -5.92 6.94 2.70
N VAL A 75 -5.94 6.03 1.69
CA VAL A 75 -7.11 5.23 1.41
C VAL A 75 -7.33 4.20 2.50
N ILE A 76 -6.25 3.57 3.01
CA ILE A 76 -6.40 2.55 4.02
C ILE A 76 -6.92 3.18 5.31
N GLN A 77 -6.31 4.31 5.74
CA GLN A 77 -6.73 4.97 6.97
C GLN A 77 -8.10 5.59 6.79
N ASN A 78 -8.39 6.06 5.55
CA ASN A 78 -9.67 6.69 5.25
C ASN A 78 -10.79 5.70 5.41
N MET A 79 -10.56 4.42 5.05
CA MET A 79 -11.61 3.43 5.12
C MET A 79 -11.63 2.78 6.48
N THR A 80 -10.59 2.99 7.32
CA THR A 80 -10.62 2.40 8.65
C THR A 80 -11.15 3.39 9.63
N ALA A 81 -11.42 4.64 9.18
CA ALA A 81 -11.92 5.63 10.10
C ALA A 81 -13.40 5.74 9.86
N GLU A 82 -14.19 5.18 10.79
CA GLU A 82 -15.62 5.22 10.66
C GLU A 82 -16.22 4.54 11.90
N MET A 1 -9.54 2.69 14.96
CA MET A 1 -8.79 3.72 14.18
C MET A 1 -7.32 3.40 14.17
N LEU A 2 -6.72 3.43 12.96
CA LEU A 2 -5.31 3.12 12.83
C LEU A 2 -4.64 4.33 12.22
N SER A 3 -3.32 4.48 12.50
CA SER A 3 -2.59 5.62 11.97
C SER A 3 -1.95 5.22 10.68
N GLN A 4 -1.81 6.21 9.78
CA GLN A 4 -1.23 5.99 8.48
C GLN A 4 0.26 5.83 8.65
N GLU A 5 0.83 6.39 9.74
CA GLU A 5 2.25 6.27 9.98
C GLU A 5 2.58 4.86 10.37
N GLN A 6 1.74 4.25 11.25
CA GLN A 6 1.99 2.88 11.65
C GLN A 6 1.63 1.98 10.51
N VAL A 7 0.67 2.43 9.67
CA VAL A 7 0.25 1.68 8.51
C VAL A 7 1.38 1.65 7.52
N LEU A 8 2.14 2.77 7.37
CA LEU A 8 3.25 2.79 6.44
C LEU A 8 4.30 1.80 6.89
N THR A 9 4.56 1.69 8.22
CA THR A 9 5.56 0.76 8.71
C THR A 9 5.19 -0.66 8.33
N LYS A 10 3.91 -1.08 8.51
CA LYS A 10 3.53 -2.44 8.16
C LYS A 10 3.60 -2.60 6.66
N LEU A 11 3.21 -1.56 5.89
CA LEU A 11 3.23 -1.64 4.44
C LEU A 11 4.64 -1.83 3.95
N ARG A 12 5.61 -1.10 4.54
CA ARG A 12 6.98 -1.18 4.12
C ARG A 12 7.56 -2.55 4.43
N GLU A 13 7.22 -3.10 5.61
CA GLU A 13 7.76 -4.39 6.01
C GLU A 13 7.19 -5.52 5.18
N TRP A 14 5.89 -5.47 4.81
CA TRP A 14 5.32 -6.57 4.05
C TRP A 14 5.86 -6.59 2.65
N MET A 15 6.14 -5.42 2.07
CA MET A 15 6.64 -5.36 0.71
C MET A 15 8.11 -5.70 0.74
N GLU A 16 8.75 -5.59 1.92
CA GLU A 16 10.16 -5.90 2.05
C GLU A 16 10.31 -7.38 2.27
N ASP A 17 9.28 -8.01 2.88
CA ASP A 17 9.33 -9.40 3.19
C ASP A 17 8.92 -10.21 1.98
N LEU A 18 8.08 -9.64 1.10
CA LEU A 18 7.62 -10.39 -0.04
C LEU A 18 8.54 -10.25 -1.22
N PHE A 19 8.90 -9.01 -1.60
CA PHE A 19 9.73 -8.84 -2.77
C PHE A 19 11.03 -8.19 -2.38
N GLU A 20 11.30 -8.04 -1.06
CA GLU A 20 12.54 -7.45 -0.59
C GLU A 20 12.65 -6.04 -1.11
N ILE A 21 11.54 -5.28 -1.10
CA ILE A 21 11.59 -3.92 -1.55
C ILE A 21 12.03 -3.08 -0.37
N GLU A 22 13.03 -2.19 -0.57
CA GLU A 22 13.52 -1.37 0.50
C GLU A 22 12.45 -0.41 0.95
N PRO A 23 12.23 -0.44 2.23
CA PRO A 23 11.25 0.42 2.88
C PRO A 23 11.77 1.82 3.04
N GLU A 24 13.12 1.98 2.96
CA GLU A 24 13.71 3.30 3.08
C GLU A 24 13.40 4.10 1.85
N THR A 25 13.47 3.45 0.65
CA THR A 25 13.18 4.16 -0.59
C THR A 25 11.71 4.44 -0.67
N VAL A 26 10.87 3.46 -0.25
CA VAL A 26 9.43 3.62 -0.26
C VAL A 26 9.06 4.59 0.81
N GLN A 27 8.82 5.85 0.39
CA GLN A 27 8.44 6.88 1.31
C GLN A 27 7.07 7.30 0.89
N LEU A 28 6.56 8.42 1.44
CA LEU A 28 5.26 8.87 1.08
C LEU A 28 5.40 9.78 -0.11
N ASP A 29 6.67 10.03 -0.53
CA ASP A 29 6.91 10.87 -1.66
C ASP A 29 7.44 10.00 -2.78
N SER A 30 7.21 8.66 -2.69
CA SER A 30 7.71 7.79 -3.73
C SER A 30 6.54 7.42 -4.60
N ASN A 31 6.70 7.61 -5.94
CA ASN A 31 5.65 7.27 -6.87
C ASN A 31 5.72 5.78 -7.06
N LEU A 32 4.56 5.10 -7.03
CA LEU A 32 4.56 3.66 -7.14
C LEU A 32 4.81 3.21 -8.57
N TYR A 33 4.02 3.70 -9.54
CA TYR A 33 4.19 3.25 -10.91
C TYR A 33 5.25 4.06 -11.58
N SER A 34 5.23 5.38 -11.37
CA SER A 34 6.19 6.24 -12.01
C SER A 34 7.59 6.00 -11.48
N ASP A 35 7.76 5.90 -10.15
CA ASP A 35 9.09 5.75 -9.60
C ASP A 35 9.46 4.31 -9.39
N LEU A 36 8.55 3.48 -8.83
CA LEU A 36 8.92 2.12 -8.54
C LEU A 36 8.54 1.19 -9.65
N ASP A 37 7.68 1.64 -10.60
CA ASP A 37 7.26 0.78 -11.70
C ASP A 37 6.66 -0.47 -11.10
N VAL A 38 5.58 -0.30 -10.32
CA VAL A 38 4.93 -1.43 -9.68
C VAL A 38 4.33 -2.32 -10.74
N ASP A 39 4.48 -3.66 -10.58
CA ASP A 39 3.97 -4.58 -11.55
C ASP A 39 2.74 -5.22 -10.98
N SER A 40 2.28 -6.32 -11.62
CA SER A 40 1.08 -6.99 -11.16
C SER A 40 1.40 -7.93 -10.03
N ILE A 41 2.70 -8.24 -9.77
CA ILE A 41 3.02 -9.14 -8.69
C ILE A 41 3.10 -8.36 -7.41
N ASP A 42 3.70 -7.15 -7.43
CA ASP A 42 3.78 -6.35 -6.23
C ASP A 42 2.39 -5.92 -5.83
N ALA A 43 1.54 -5.53 -6.82
CA ALA A 43 0.20 -5.09 -6.51
C ALA A 43 -0.65 -6.24 -6.02
N VAL A 44 -0.52 -7.43 -6.64
CA VAL A 44 -1.34 -8.56 -6.24
C VAL A 44 -0.97 -9.01 -4.85
N ASP A 45 0.34 -9.04 -4.50
CA ASP A 45 0.73 -9.49 -3.20
C ASP A 45 0.16 -8.56 -2.15
N LEU A 46 0.21 -7.23 -2.43
CA LEU A 46 -0.26 -6.24 -1.49
C LEU A 46 -1.77 -6.28 -1.38
N VAL A 47 -2.50 -6.53 -2.48
CA VAL A 47 -3.95 -6.54 -2.43
C VAL A 47 -4.43 -7.66 -1.54
N VAL A 48 -3.80 -8.83 -1.61
CA VAL A 48 -4.23 -9.94 -0.80
C VAL A 48 -3.94 -9.67 0.66
N LYS A 49 -2.78 -9.04 1.00
CA LYS A 49 -2.46 -8.81 2.39
C LYS A 49 -3.17 -7.55 2.88
N ILE A 50 -3.74 -6.75 1.96
CA ILE A 50 -4.47 -5.56 2.34
C ILE A 50 -5.88 -6.01 2.65
N LYS A 51 -6.41 -6.93 1.81
CA LYS A 51 -7.75 -7.46 2.02
C LYS A 51 -7.79 -8.25 3.29
N GLU A 52 -6.72 -9.03 3.56
CA GLU A 52 -6.66 -9.84 4.76
C GLU A 52 -6.48 -8.97 5.98
N LEU A 53 -5.66 -7.90 5.87
CA LEU A 53 -5.35 -7.05 7.00
C LEU A 53 -6.59 -6.32 7.51
N THR A 54 -7.48 -5.80 6.63
CA THR A 54 -8.64 -5.08 7.15
C THR A 54 -9.86 -5.97 7.11
N GLY A 55 -9.89 -6.97 6.23
CA GLY A 55 -11.02 -7.86 6.17
C GLY A 55 -12.04 -7.38 5.15
N LYS A 56 -11.71 -6.35 4.34
CA LYS A 56 -12.67 -5.88 3.37
C LYS A 56 -12.07 -5.99 2.00
N GLN A 57 -12.97 -6.11 0.98
CA GLN A 57 -12.53 -6.25 -0.38
C GLN A 57 -12.21 -4.89 -0.95
N VAL A 58 -11.21 -4.85 -1.87
CA VAL A 58 -10.82 -3.61 -2.49
C VAL A 58 -11.09 -3.71 -3.97
N LYS A 59 -11.76 -2.67 -4.53
CA LYS A 59 -12.07 -2.67 -5.94
C LYS A 59 -10.85 -2.18 -6.68
N PRO A 60 -10.72 -2.64 -7.91
CA PRO A 60 -9.60 -2.28 -8.77
C PRO A 60 -9.60 -0.85 -9.24
N GLU A 61 -10.78 -0.18 -9.15
CA GLU A 61 -10.88 1.20 -9.56
C GLU A 61 -10.04 2.05 -8.64
N ASP A 62 -9.99 1.65 -7.35
CA ASP A 62 -9.25 2.40 -6.36
C ASP A 62 -7.77 2.38 -6.70
N PHE A 63 -7.25 1.21 -7.17
CA PHE A 63 -5.84 1.10 -7.50
C PHE A 63 -5.51 2.01 -8.65
N LYS A 64 -6.43 2.15 -9.64
CA LYS A 64 -6.16 3.01 -10.78
C LYS A 64 -5.97 4.43 -10.28
N ASN A 65 -6.78 4.87 -9.29
CA ASN A 65 -6.64 6.22 -8.77
C ASN A 65 -5.40 6.31 -7.90
N VAL A 66 -4.84 5.15 -7.47
CA VAL A 66 -3.64 5.16 -6.63
C VAL A 66 -2.44 5.57 -7.47
N ARG A 67 -1.65 6.57 -6.96
CA ARG A 67 -0.50 7.04 -7.70
C ARG A 67 0.72 7.05 -6.79
N THR A 68 0.55 7.33 -5.48
CA THR A 68 1.70 7.40 -4.60
C THR A 68 1.46 6.56 -3.36
N VAL A 69 2.58 6.26 -2.64
CA VAL A 69 2.51 5.47 -1.42
C VAL A 69 1.64 6.17 -0.39
N LEU A 70 1.73 7.52 -0.28
CA LEU A 70 0.91 8.26 0.68
C LEU A 70 -0.56 8.03 0.37
N ASP A 71 -0.94 7.98 -0.92
CA ASP A 71 -2.33 7.78 -1.29
C ASP A 71 -2.81 6.45 -0.76
N VAL A 72 -1.96 5.39 -0.79
CA VAL A 72 -2.35 4.08 -0.29
C VAL A 72 -2.61 4.12 1.20
N VAL A 73 -1.76 4.82 2.00
CA VAL A 73 -1.99 4.86 3.44
C VAL A 73 -3.20 5.74 3.71
N THR A 74 -3.48 6.71 2.79
CA THR A 74 -4.63 7.59 2.98
C THR A 74 -5.89 6.82 2.76
N VAL A 75 -5.91 5.95 1.72
CA VAL A 75 -7.09 5.16 1.41
C VAL A 75 -7.35 4.15 2.51
N ILE A 76 -6.28 3.52 3.04
CA ILE A 76 -6.45 2.54 4.08
C ILE A 76 -7.00 3.21 5.33
N GLN A 77 -6.48 4.40 5.71
CA GLN A 77 -6.96 5.07 6.92
C GLN A 77 -8.30 5.71 6.66
N ASN A 78 -8.62 5.97 5.38
CA ASN A 78 -9.86 6.60 5.02
C ASN A 78 -10.98 5.59 5.19
N MET A 79 -10.68 4.30 4.94
CA MET A 79 -11.70 3.28 5.04
C MET A 79 -11.72 2.70 6.45
N THR A 80 -10.70 2.98 7.28
CA THR A 80 -10.72 2.44 8.64
C THR A 80 -11.21 3.49 9.58
N ALA A 81 -11.33 4.75 9.12
CA ALA A 81 -11.79 5.79 10.00
C ALA A 81 -13.24 6.03 9.72
N GLU A 82 -14.11 5.55 10.64
CA GLU A 82 -15.52 5.72 10.46
C GLU A 82 -16.21 5.10 11.68
N MET A 1 -8.96 3.17 15.86
CA MET A 1 -8.38 4.04 14.79
C MET A 1 -6.93 3.69 14.54
N LEU A 2 -6.52 3.70 13.25
CA LEU A 2 -5.15 3.39 12.92
C LEU A 2 -4.58 4.58 12.20
N SER A 3 -3.24 4.77 12.32
CA SER A 3 -2.61 5.90 11.68
C SER A 3 -1.94 5.45 10.42
N GLN A 4 -1.72 6.44 9.52
CA GLN A 4 -1.10 6.17 8.24
C GLN A 4 0.38 5.95 8.47
N GLU A 5 0.93 6.52 9.56
CA GLU A 5 2.34 6.37 9.85
C GLU A 5 2.61 4.95 10.30
N GLN A 6 1.75 4.40 11.18
CA GLN A 6 1.94 3.04 11.64
C GLN A 6 1.62 2.10 10.51
N VAL A 7 0.62 2.48 9.68
CA VAL A 7 0.23 1.68 8.55
C VAL A 7 1.37 1.63 7.56
N LEU A 8 2.10 2.75 7.38
CA LEU A 8 3.22 2.77 6.44
C LEU A 8 4.28 1.79 6.91
N THR A 9 4.53 1.70 8.25
CA THR A 9 5.54 0.78 8.75
C THR A 9 5.18 -0.64 8.39
N LYS A 10 3.90 -1.05 8.57
CA LYS A 10 3.51 -2.43 8.24
C LYS A 10 3.60 -2.62 6.75
N LEU A 11 3.20 -1.59 5.95
CA LEU A 11 3.24 -1.69 4.50
C LEU A 11 4.67 -1.88 4.03
N ARG A 12 5.61 -1.13 4.63
CA ARG A 12 6.99 -1.20 4.25
C ARG A 12 7.58 -2.55 4.58
N GLU A 13 7.23 -3.10 5.76
CA GLU A 13 7.77 -4.37 6.18
C GLU A 13 7.28 -5.51 5.30
N TRP A 14 5.99 -5.50 4.89
CA TRP A 14 5.46 -6.60 4.11
C TRP A 14 6.01 -6.59 2.71
N MET A 15 6.26 -5.40 2.13
CA MET A 15 6.75 -5.35 0.78
C MET A 15 8.21 -5.75 0.76
N GLU A 16 8.94 -5.59 1.89
CA GLU A 16 10.34 -5.99 1.92
C GLU A 16 10.41 -7.47 2.14
N ASP A 17 9.48 -7.99 2.96
CA ASP A 17 9.44 -9.39 3.27
C ASP A 17 9.07 -10.20 2.04
N LEU A 18 8.19 -9.67 1.18
CA LEU A 18 7.74 -10.42 0.03
C LEU A 18 8.65 -10.25 -1.16
N PHE A 19 8.80 -9.01 -1.69
CA PHE A 19 9.59 -8.84 -2.88
C PHE A 19 10.92 -8.19 -2.55
N GLU A 20 11.22 -8.01 -1.25
CA GLU A 20 12.47 -7.42 -0.84
C GLU A 20 12.57 -6.00 -1.33
N ILE A 21 11.45 -5.25 -1.24
CA ILE A 21 11.46 -3.86 -1.66
C ILE A 21 11.90 -3.07 -0.45
N GLU A 22 12.92 -2.20 -0.61
CA GLU A 22 13.41 -1.43 0.51
C GLU A 22 12.38 -0.43 0.95
N PRO A 23 12.08 -0.53 2.22
CA PRO A 23 11.13 0.36 2.87
C PRO A 23 11.68 1.75 3.05
N GLU A 24 13.03 1.89 2.99
CA GLU A 24 13.63 3.21 3.15
C GLU A 24 13.33 4.04 1.93
N THR A 25 13.39 3.44 0.72
CA THR A 25 13.12 4.17 -0.50
C THR A 25 11.64 4.47 -0.56
N VAL A 26 10.81 3.48 -0.17
CA VAL A 26 9.36 3.64 -0.18
C VAL A 26 8.99 4.61 0.89
N GLN A 27 8.72 5.86 0.47
CA GLN A 27 8.34 6.88 1.39
C GLN A 27 6.96 7.31 0.97
N LEU A 28 6.47 8.45 1.51
CA LEU A 28 5.16 8.91 1.14
C LEU A 28 5.32 9.80 -0.07
N ASP A 29 6.60 10.05 -0.46
CA ASP A 29 6.86 10.89 -1.60
C ASP A 29 7.40 10.01 -2.71
N SER A 30 7.16 8.67 -2.63
CA SER A 30 7.67 7.80 -3.66
C SER A 30 6.51 7.44 -4.56
N ASN A 31 6.71 7.63 -5.89
CA ASN A 31 5.67 7.31 -6.85
C ASN A 31 5.73 5.81 -7.03
N LEU A 32 4.55 5.16 -7.06
CA LEU A 32 4.52 3.71 -7.16
C LEU A 32 4.80 3.24 -8.56
N TYR A 33 4.06 3.73 -9.57
CA TYR A 33 4.26 3.25 -10.93
C TYR A 33 5.37 4.03 -11.58
N SER A 34 5.36 5.36 -11.36
CA SER A 34 6.36 6.20 -11.99
C SER A 34 7.74 5.94 -11.41
N ASP A 35 7.85 5.84 -10.08
CA ASP A 35 9.16 5.68 -9.49
C ASP A 35 9.50 4.22 -9.25
N LEU A 36 8.55 3.43 -8.72
CA LEU A 36 8.88 2.06 -8.39
C LEU A 36 8.52 1.12 -9.51
N ASP A 37 7.69 1.57 -10.48
CA ASP A 37 7.28 0.71 -11.57
C ASP A 37 6.63 -0.53 -10.99
N VAL A 38 5.52 -0.32 -10.24
CA VAL A 38 4.82 -1.42 -9.61
C VAL A 38 4.22 -2.29 -10.70
N ASP A 39 4.31 -3.64 -10.51
CA ASP A 39 3.81 -4.54 -11.50
C ASP A 39 2.58 -5.21 -10.92
N SER A 40 2.17 -6.36 -11.54
CA SER A 40 0.99 -7.04 -11.08
C SER A 40 1.34 -7.99 -9.95
N ILE A 41 2.63 -8.29 -9.72
CA ILE A 41 2.98 -9.19 -8.64
C ILE A 41 3.05 -8.41 -7.35
N ASP A 42 3.61 -7.18 -7.39
CA ASP A 42 3.69 -6.38 -6.19
C ASP A 42 2.30 -5.97 -5.78
N ALA A 43 1.45 -5.60 -6.78
CA ALA A 43 0.10 -5.18 -6.45
C ALA A 43 -0.72 -6.34 -5.96
N VAL A 44 -0.58 -7.53 -6.57
CA VAL A 44 -1.37 -8.67 -6.15
C VAL A 44 -0.98 -9.12 -4.77
N ASP A 45 0.33 -9.11 -4.43
CA ASP A 45 0.73 -9.56 -3.12
C ASP A 45 0.16 -8.64 -2.07
N LEU A 46 0.18 -7.32 -2.36
CA LEU A 46 -0.30 -6.34 -1.41
C LEU A 46 -1.81 -6.37 -1.30
N VAL A 47 -2.53 -6.64 -2.42
CA VAL A 47 -3.99 -6.66 -2.36
C VAL A 47 -4.47 -7.76 -1.47
N VAL A 48 -3.85 -8.95 -1.53
CA VAL A 48 -4.29 -10.05 -0.71
C VAL A 48 -3.99 -9.77 0.75
N LYS A 49 -2.82 -9.14 1.07
CA LYS A 49 -2.50 -8.89 2.46
C LYS A 49 -3.19 -7.64 2.94
N ILE A 50 -3.77 -6.85 2.01
CA ILE A 50 -4.48 -5.64 2.39
C ILE A 50 -5.90 -6.06 2.72
N LYS A 51 -6.46 -6.98 1.90
CA LYS A 51 -7.80 -7.48 2.12
C LYS A 51 -7.84 -8.26 3.40
N GLU A 52 -6.77 -9.05 3.68
CA GLU A 52 -6.72 -9.84 4.88
C GLU A 52 -6.51 -8.96 6.09
N LEU A 53 -5.67 -7.92 5.96
CA LEU A 53 -5.35 -7.05 7.08
C LEU A 53 -6.56 -6.27 7.55
N THR A 54 -7.40 -5.71 6.65
CA THR A 54 -8.54 -4.94 7.11
C THR A 54 -9.78 -5.79 7.14
N GLY A 55 -9.83 -6.85 6.32
CA GLY A 55 -10.98 -7.73 6.31
C GLY A 55 -12.00 -7.27 5.30
N LYS A 56 -11.66 -6.28 4.44
CA LYS A 56 -12.65 -5.82 3.48
C LYS A 56 -12.05 -5.92 2.09
N GLN A 57 -12.94 -6.09 1.09
CA GLN A 57 -12.51 -6.23 -0.29
C GLN A 57 -12.21 -4.86 -0.83
N VAL A 58 -11.25 -4.80 -1.81
CA VAL A 58 -10.89 -3.53 -2.38
C VAL A 58 -11.33 -3.53 -3.83
N LYS A 59 -11.56 -2.32 -4.39
CA LYS A 59 -11.97 -2.23 -5.78
C LYS A 59 -10.76 -1.81 -6.57
N PRO A 60 -10.67 -2.35 -7.77
CA PRO A 60 -9.55 -2.07 -8.67
C PRO A 60 -9.56 -0.70 -9.30
N GLU A 61 -10.73 -0.04 -9.32
CA GLU A 61 -10.82 1.28 -9.90
C GLU A 61 -10.05 2.26 -9.05
N ASP A 62 -10.09 2.05 -7.71
CA ASP A 62 -9.42 2.93 -6.80
C ASP A 62 -7.92 2.83 -7.00
N PHE A 63 -7.41 1.61 -7.28
CA PHE A 63 -5.99 1.41 -7.47
C PHE A 63 -5.51 2.18 -8.69
N LYS A 64 -6.35 2.21 -9.77
CA LYS A 64 -5.95 2.94 -10.96
C LYS A 64 -5.77 4.39 -10.61
N ASN A 65 -6.66 4.95 -9.75
CA ASN A 65 -6.55 6.34 -9.35
C ASN A 65 -5.34 6.53 -8.44
N VAL A 66 -4.88 5.42 -7.79
CA VAL A 66 -3.75 5.49 -6.89
C VAL A 66 -2.47 5.69 -7.67
N ARG A 67 -1.59 6.63 -7.21
CA ARG A 67 -0.35 6.87 -7.93
C ARG A 67 0.79 7.06 -6.94
N THR A 68 0.51 7.24 -5.63
CA THR A 68 1.61 7.43 -4.68
C THR A 68 1.39 6.58 -3.45
N VAL A 69 2.51 6.32 -2.72
CA VAL A 69 2.44 5.54 -1.48
C VAL A 69 1.57 6.25 -0.46
N LEU A 70 1.66 7.60 -0.36
CA LEU A 70 0.84 8.35 0.58
C LEU A 70 -0.62 8.12 0.27
N ASP A 71 -1.01 8.05 -1.02
CA ASP A 71 -2.40 7.85 -1.36
C ASP A 71 -2.88 6.52 -0.81
N VAL A 72 -2.03 5.47 -0.84
CA VAL A 72 -2.42 4.16 -0.34
C VAL A 72 -2.66 4.19 1.16
N VAL A 73 -1.80 4.88 1.96
CA VAL A 73 -2.01 4.91 3.41
C VAL A 73 -3.19 5.81 3.72
N THR A 74 -3.49 6.80 2.84
CA THR A 74 -4.61 7.69 3.08
C THR A 74 -5.89 6.92 2.89
N VAL A 75 -5.94 6.08 1.83
CA VAL A 75 -7.13 5.30 1.52
C VAL A 75 -7.31 4.20 2.55
N ILE A 76 -6.22 3.53 2.99
CA ILE A 76 -6.35 2.44 3.94
C ILE A 76 -6.94 2.96 5.25
N GLN A 77 -6.37 4.05 5.80
CA GLN A 77 -6.84 4.62 7.05
C GLN A 77 -8.21 5.25 6.85
N ASN A 78 -8.44 5.86 5.68
CA ASN A 78 -9.71 6.52 5.40
C ASN A 78 -10.86 5.54 5.41
N MET A 79 -10.68 4.34 4.81
CA MET A 79 -11.75 3.37 4.77
C MET A 79 -11.68 2.45 5.95
N THR A 80 -10.61 2.56 6.77
CA THR A 80 -10.48 1.71 7.92
C THR A 80 -11.16 2.36 9.09
N ALA A 81 -10.96 3.69 9.26
CA ALA A 81 -11.58 4.39 10.35
C ALA A 81 -13.03 4.56 10.00
N GLU A 82 -13.92 4.47 11.04
CA GLU A 82 -15.34 4.61 10.82
C GLU A 82 -15.86 3.30 10.22
N MET A 1 -9.52 2.55 15.03
CA MET A 1 -8.79 3.58 14.24
C MET A 1 -7.31 3.27 14.20
N LEU A 2 -6.72 3.32 12.98
CA LEU A 2 -5.32 3.03 12.84
C LEU A 2 -4.67 4.24 12.23
N SER A 3 -3.35 4.40 12.49
CA SER A 3 -2.63 5.55 11.96
C SER A 3 -1.96 5.16 10.68
N GLN A 4 -1.81 6.16 9.78
CA GLN A 4 -1.20 5.95 8.49
C GLN A 4 0.28 5.79 8.68
N GLU A 5 0.82 6.33 9.80
CA GLU A 5 2.24 6.21 10.07
C GLU A 5 2.56 4.79 10.42
N GLN A 6 1.73 4.16 11.28
CA GLN A 6 1.96 2.78 11.66
C GLN A 6 1.61 1.91 10.48
N VAL A 7 0.65 2.38 9.65
CA VAL A 7 0.23 1.64 8.48
C VAL A 7 1.37 1.61 7.49
N LEU A 8 2.12 2.73 7.35
CA LEU A 8 3.24 2.76 6.43
C LEU A 8 4.28 1.76 6.88
N THR A 9 4.52 1.64 8.21
CA THR A 9 5.53 0.70 8.70
C THR A 9 5.17 -0.72 8.31
N LYS A 10 3.88 -1.13 8.49
CA LYS A 10 3.49 -2.49 8.13
C LYS A 10 3.60 -2.66 6.63
N LEU A 11 3.22 -1.62 5.86
CA LEU A 11 3.26 -1.69 4.41
C LEU A 11 4.69 -1.86 3.93
N ARG A 12 5.63 -1.12 4.55
CA ARG A 12 7.02 -1.18 4.15
C ARG A 12 7.61 -2.54 4.48
N GLU A 13 7.26 -3.09 5.66
CA GLU A 13 7.81 -4.36 6.09
C GLU A 13 7.33 -5.50 5.21
N TRP A 14 6.04 -5.49 4.81
CA TRP A 14 5.52 -6.59 4.03
C TRP A 14 6.06 -6.57 2.63
N MET A 15 6.30 -5.39 2.05
CA MET A 15 6.78 -5.33 0.70
C MET A 15 8.24 -5.70 0.65
N GLU A 16 8.97 -5.55 1.79
CA GLU A 16 10.37 -5.91 1.81
C GLU A 16 10.48 -7.39 2.06
N ASP A 17 9.56 -7.92 2.87
CA ASP A 17 9.55 -9.32 3.20
C ASP A 17 9.16 -10.13 1.99
N LEU A 18 8.26 -9.60 1.13
CA LEU A 18 7.80 -10.36 0.00
C LEU A 18 8.69 -10.20 -1.21
N PHE A 19 8.83 -8.98 -1.75
CA PHE A 19 9.60 -8.81 -2.96
C PHE A 19 10.95 -8.18 -2.64
N GLU A 20 11.25 -7.97 -1.34
CA GLU A 20 12.53 -7.41 -0.95
C GLU A 20 12.62 -5.98 -1.43
N ILE A 21 11.53 -5.21 -1.30
CA ILE A 21 11.56 -3.83 -1.71
C ILE A 21 11.98 -3.05 -0.49
N GLU A 22 13.01 -2.18 -0.63
CA GLU A 22 13.49 -1.42 0.50
C GLU A 22 12.45 -0.43 0.94
N PRO A 23 12.15 -0.50 2.21
CA PRO A 23 11.19 0.38 2.86
C PRO A 23 11.74 1.78 3.03
N GLU A 24 13.09 1.93 2.98
CA GLU A 24 13.68 3.24 3.13
C GLU A 24 13.39 4.06 1.90
N THR A 25 13.48 3.44 0.70
CA THR A 25 13.21 4.16 -0.53
C THR A 25 11.74 4.48 -0.63
N VAL A 26 10.90 3.49 -0.23
CA VAL A 26 9.45 3.66 -0.25
C VAL A 26 9.06 4.63 0.82
N GLN A 27 8.82 5.89 0.40
CA GLN A 27 8.43 6.90 1.32
C GLN A 27 7.05 7.31 0.90
N LEU A 28 6.53 8.43 1.45
CA LEU A 28 5.21 8.87 1.08
C LEU A 28 5.37 9.78 -0.11
N ASP A 29 6.63 10.07 -0.49
CA ASP A 29 6.89 10.91 -1.62
C ASP A 29 7.42 10.04 -2.74
N SER A 30 7.23 8.71 -2.66
CA SER A 30 7.73 7.84 -3.69
C SER A 30 6.56 7.48 -4.59
N ASN A 31 6.75 7.67 -5.92
CA ASN A 31 5.71 7.35 -6.87
C ASN A 31 5.77 5.86 -7.07
N LEU A 32 4.61 5.19 -7.05
CA LEU A 32 4.59 3.75 -7.17
C LEU A 32 4.84 3.30 -8.58
N TYR A 33 4.06 3.82 -9.56
CA TYR A 33 4.23 3.38 -10.94
C TYR A 33 5.32 4.16 -11.61
N SER A 34 5.34 5.48 -11.39
CA SER A 34 6.32 6.31 -12.03
C SER A 34 7.71 6.04 -11.48
N ASP A 35 7.85 5.95 -10.14
CA ASP A 35 9.17 5.78 -9.58
C ASP A 35 9.51 4.32 -9.35
N LEU A 36 8.57 3.51 -8.82
CA LEU A 36 8.93 2.14 -8.51
C LEU A 36 8.52 1.21 -9.61
N ASP A 37 7.67 1.66 -10.56
CA ASP A 37 7.22 0.80 -11.65
C ASP A 37 6.57 -0.42 -11.04
N VAL A 38 5.47 -0.20 -10.27
CA VAL A 38 4.76 -1.29 -9.63
C VAL A 38 4.16 -2.17 -10.69
N ASP A 39 4.24 -3.52 -10.49
CA ASP A 39 3.72 -4.43 -11.47
C ASP A 39 2.52 -5.12 -10.87
N SER A 40 2.12 -6.26 -11.46
CA SER A 40 0.95 -6.96 -10.98
C SER A 40 1.33 -7.89 -9.85
N ILE A 41 2.64 -8.14 -9.62
CA ILE A 41 3.01 -9.03 -8.53
C ILE A 41 3.05 -8.24 -7.25
N ASP A 42 3.61 -7.00 -7.30
CA ASP A 42 3.67 -6.20 -6.10
C ASP A 42 2.27 -5.81 -5.70
N ALA A 43 1.41 -5.45 -6.69
CA ALA A 43 0.06 -5.04 -6.37
C ALA A 43 -0.76 -6.21 -5.88
N VAL A 44 -0.60 -7.40 -6.51
CA VAL A 44 -1.39 -8.55 -6.10
C VAL A 44 -1.00 -9.00 -4.71
N ASP A 45 0.31 -8.99 -4.38
CA ASP A 45 0.71 -9.45 -3.07
C ASP A 45 0.13 -8.53 -2.01
N LEU A 46 0.15 -7.21 -2.28
CA LEU A 46 -0.35 -6.24 -1.33
C LEU A 46 -1.85 -6.30 -1.22
N VAL A 47 -2.57 -6.59 -2.33
CA VAL A 47 -4.02 -6.64 -2.28
C VAL A 47 -4.47 -7.76 -1.37
N VAL A 48 -3.81 -8.94 -1.44
CA VAL A 48 -4.20 -10.04 -0.60
C VAL A 48 -3.92 -9.73 0.86
N LYS A 49 -2.79 -9.07 1.17
CA LYS A 49 -2.49 -8.79 2.56
C LYS A 49 -3.23 -7.57 3.03
N ILE A 50 -3.83 -6.80 2.10
CA ILE A 50 -4.58 -5.62 2.46
C ILE A 50 -5.99 -6.10 2.77
N LYS A 51 -6.52 -7.03 1.92
CA LYS A 51 -7.84 -7.58 2.12
C LYS A 51 -7.87 -8.37 3.40
N GLU A 52 -6.79 -9.11 3.70
CA GLU A 52 -6.73 -9.91 4.90
C GLU A 52 -6.57 -9.03 6.11
N LEU A 53 -5.75 -7.96 5.99
CA LEU A 53 -5.47 -7.08 7.10
C LEU A 53 -6.72 -6.37 7.61
N THR A 54 -7.62 -5.86 6.71
CA THR A 54 -8.78 -5.16 7.22
C THR A 54 -10.00 -6.06 7.17
N GLY A 55 -10.00 -7.08 6.29
CA GLY A 55 -11.12 -7.98 6.21
C GLY A 55 -12.12 -7.51 5.18
N LYS A 56 -11.79 -6.50 4.35
CA LYS A 56 -12.74 -6.05 3.36
C LYS A 56 -12.12 -6.14 1.99
N GLN A 57 -12.99 -6.33 0.97
CA GLN A 57 -12.53 -6.46 -0.39
C GLN A 57 -12.27 -5.08 -0.94
N VAL A 58 -11.31 -4.99 -1.89
CA VAL A 58 -10.99 -3.71 -2.48
C VAL A 58 -11.43 -3.72 -3.93
N LYS A 59 -11.69 -2.51 -4.50
CA LYS A 59 -12.09 -2.44 -5.87
C LYS A 59 -10.89 -2.01 -6.67
N PRO A 60 -10.82 -2.49 -7.89
CA PRO A 60 -9.70 -2.21 -8.79
C PRO A 60 -9.64 -0.81 -9.34
N GLU A 61 -10.77 -0.07 -9.32
CA GLU A 61 -10.76 1.28 -9.86
C GLU A 61 -10.00 2.19 -8.92
N ASP A 62 -9.96 1.84 -7.62
CA ASP A 62 -9.27 2.67 -6.66
C ASP A 62 -7.79 2.55 -6.88
N PHE A 63 -7.30 1.33 -7.19
CA PHE A 63 -5.87 1.12 -7.40
C PHE A 63 -5.41 1.84 -8.63
N LYS A 64 -6.24 1.91 -9.70
CA LYS A 64 -5.82 2.59 -10.91
C LYS A 64 -5.62 4.06 -10.61
N ASN A 65 -6.51 4.66 -9.77
CA ASN A 65 -6.40 6.07 -9.46
C ASN A 65 -5.21 6.33 -8.54
N VAL A 66 -4.78 5.33 -7.74
CA VAL A 66 -3.67 5.53 -6.81
C VAL A 66 -2.37 5.68 -7.60
N ARG A 67 -1.52 6.65 -7.19
CA ARG A 67 -0.27 6.86 -7.89
C ARG A 67 0.87 7.04 -6.91
N THR A 68 0.58 7.20 -5.59
CA THR A 68 1.67 7.39 -4.64
C THR A 68 1.46 6.53 -3.42
N VAL A 69 2.58 6.27 -2.69
CA VAL A 69 2.53 5.47 -1.48
C VAL A 69 1.64 6.16 -0.45
N LEU A 70 1.73 7.51 -0.34
CA LEU A 70 0.90 8.24 0.61
C LEU A 70 -0.57 7.99 0.31
N ASP A 71 -0.95 7.90 -0.98
CA ASP A 71 -2.34 7.69 -1.33
C ASP A 71 -2.82 6.37 -0.76
N VAL A 72 -1.95 5.33 -0.79
CA VAL A 72 -2.32 4.01 -0.27
C VAL A 72 -2.58 4.08 1.23
N VAL A 73 -1.73 4.79 2.02
CA VAL A 73 -1.96 4.85 3.45
C VAL A 73 -3.14 5.74 3.72
N THR A 74 -3.44 6.71 2.81
CA THR A 74 -4.57 7.59 3.00
C THR A 74 -5.84 6.82 2.77
N VAL A 75 -5.88 5.96 1.73
CA VAL A 75 -7.06 5.17 1.42
C VAL A 75 -7.30 4.16 2.52
N ILE A 76 -6.24 3.55 3.07
CA ILE A 76 -6.41 2.56 4.11
C ILE A 76 -6.98 3.23 5.36
N GLN A 77 -6.46 4.42 5.74
CA GLN A 77 -6.94 5.09 6.94
C GLN A 77 -8.27 5.74 6.67
N ASN A 78 -8.58 6.00 5.39
CA ASN A 78 -9.81 6.63 5.02
C ASN A 78 -10.94 5.66 5.20
N MET A 79 -10.68 4.35 4.93
CA MET A 79 -11.71 3.36 5.03
C MET A 79 -11.74 2.76 6.41
N THR A 80 -10.71 3.00 7.26
CA THR A 80 -10.74 2.44 8.60
C THR A 80 -11.21 3.48 9.58
N ALA A 81 -11.33 4.75 9.14
CA ALA A 81 -11.77 5.77 10.06
C ALA A 81 -13.23 6.03 9.79
N GLU A 82 -14.08 5.63 10.76
CA GLU A 82 -15.49 5.83 10.60
C GLU A 82 -16.13 5.97 11.98
N MET A 1 -9.32 2.85 15.12
CA MET A 1 -8.69 3.80 14.16
C MET A 1 -7.22 3.51 14.01
N LEU A 2 -6.71 3.57 12.76
CA LEU A 2 -5.31 3.31 12.52
C LEU A 2 -4.73 4.52 11.83
N SER A 3 -3.42 4.76 12.04
CA SER A 3 -2.77 5.92 11.43
C SER A 3 -2.00 5.48 10.22
N GLN A 4 -1.71 6.47 9.34
CA GLN A 4 -0.99 6.22 8.11
C GLN A 4 0.47 5.97 8.43
N GLU A 5 0.96 6.53 9.57
CA GLU A 5 2.35 6.36 9.93
C GLU A 5 2.61 4.93 10.35
N GLN A 6 1.73 4.36 11.21
CA GLN A 6 1.90 3.00 11.65
C GLN A 6 1.60 2.08 10.50
N VAL A 7 0.61 2.46 9.65
CA VAL A 7 0.25 1.66 8.51
C VAL A 7 1.40 1.61 7.54
N LEU A 8 2.13 2.73 7.36
CA LEU A 8 3.26 2.74 6.45
C LEU A 8 4.30 1.76 6.93
N THR A 9 4.54 1.66 8.26
CA THR A 9 5.54 0.73 8.76
C THR A 9 5.16 -0.69 8.40
N LYS A 10 3.88 -1.09 8.57
CA LYS A 10 3.49 -2.46 8.22
C LYS A 10 3.60 -2.65 6.72
N LEU A 11 3.22 -1.60 5.93
CA LEU A 11 3.27 -1.69 4.48
C LEU A 11 4.70 -1.89 4.03
N ARG A 12 5.64 -1.15 4.63
CA ARG A 12 7.04 -1.23 4.25
C ARG A 12 7.60 -2.60 4.57
N GLU A 13 7.23 -3.15 5.76
CA GLU A 13 7.77 -4.43 6.17
C GLU A 13 7.27 -5.56 5.30
N TRP A 14 5.99 -5.54 4.89
CA TRP A 14 5.45 -6.63 4.09
C TRP A 14 6.00 -6.62 2.69
N MET A 15 6.25 -5.43 2.12
CA MET A 15 6.74 -5.38 0.76
C MET A 15 8.20 -5.77 0.74
N GLU A 16 8.93 -5.61 1.88
CA GLU A 16 10.33 -5.99 1.91
C GLU A 16 10.42 -7.48 2.16
N ASP A 17 9.48 -8.00 2.97
CA ASP A 17 9.46 -9.39 3.30
C ASP A 17 9.11 -10.22 2.07
N LEU A 18 8.21 -9.69 1.20
CA LEU A 18 7.77 -10.45 0.06
C LEU A 18 8.69 -10.29 -1.13
N PHE A 19 8.82 -9.04 -1.67
CA PHE A 19 9.62 -8.86 -2.87
C PHE A 19 10.95 -8.24 -2.53
N GLU A 20 11.24 -8.04 -1.22
CA GLU A 20 12.51 -7.46 -0.81
C GLU A 20 12.60 -6.05 -1.30
N ILE A 21 11.49 -5.29 -1.21
CA ILE A 21 11.52 -3.90 -1.62
C ILE A 21 11.96 -3.10 -0.42
N GLU A 22 12.96 -2.21 -0.60
CA GLU A 22 13.46 -1.43 0.51
C GLU A 22 12.42 -0.47 0.99
N PRO A 23 12.13 -0.57 2.26
CA PRO A 23 11.17 0.30 2.93
C PRO A 23 11.69 1.70 3.10
N GLU A 24 13.04 1.85 3.05
CA GLU A 24 13.64 3.17 3.21
C GLU A 24 13.34 4.02 1.99
N THR A 25 13.41 3.41 0.78
CA THR A 25 13.15 4.15 -0.43
C THR A 25 11.66 4.46 -0.51
N VAL A 26 10.82 3.46 -0.13
CA VAL A 26 9.39 3.62 -0.15
C VAL A 26 8.99 4.57 0.94
N GLN A 27 8.74 5.83 0.55
CA GLN A 27 8.34 6.84 1.48
C GLN A 27 6.97 7.29 1.05
N LEU A 28 6.47 8.41 1.59
CA LEU A 28 5.17 8.88 1.20
C LEU A 28 5.36 9.79 0.02
N ASP A 29 6.64 10.03 -0.36
CA ASP A 29 6.92 10.87 -1.49
C ASP A 29 7.46 10.01 -2.61
N SER A 30 7.20 8.68 -2.57
CA SER A 30 7.73 7.83 -3.61
C SER A 30 6.57 7.47 -4.52
N ASN A 31 6.77 7.68 -5.85
CA ASN A 31 5.74 7.35 -6.82
C ASN A 31 5.79 5.86 -7.00
N LEU A 32 4.61 5.20 -7.05
CA LEU A 32 4.59 3.76 -7.15
C LEU A 32 4.87 3.29 -8.55
N TYR A 33 4.08 3.76 -9.55
CA TYR A 33 4.27 3.29 -10.90
C TYR A 33 5.34 4.09 -11.58
N SER A 34 5.35 5.40 -11.34
CA SER A 34 6.33 6.25 -12.00
C SER A 34 7.71 6.01 -11.43
N ASP A 35 7.85 5.91 -10.09
CA ASP A 35 9.17 5.78 -9.52
C ASP A 35 9.52 4.32 -9.28
N LEU A 36 8.58 3.51 -8.73
CA LEU A 36 8.93 2.14 -8.41
C LEU A 36 8.58 1.21 -9.53
N ASP A 37 7.74 1.66 -10.50
CA ASP A 37 7.34 0.79 -11.60
C ASP A 37 6.70 -0.46 -11.02
N VAL A 38 5.60 -0.27 -10.27
CA VAL A 38 4.91 -1.39 -9.65
C VAL A 38 4.24 -2.20 -10.74
N ASP A 39 4.31 -3.56 -10.62
CA ASP A 39 3.73 -4.40 -11.62
C ASP A 39 2.53 -5.08 -11.01
N SER A 40 2.10 -6.21 -11.64
CA SER A 40 0.93 -6.90 -11.15
C SER A 40 1.30 -7.86 -10.06
N ILE A 41 2.60 -8.15 -9.83
CA ILE A 41 2.97 -9.07 -8.78
C ILE A 41 3.04 -8.33 -7.48
N ASP A 42 3.62 -7.10 -7.47
CA ASP A 42 3.70 -6.33 -6.26
C ASP A 42 2.30 -5.93 -5.85
N ALA A 43 1.45 -5.52 -6.83
CA ALA A 43 0.11 -5.09 -6.50
C ALA A 43 -0.72 -6.26 -6.02
N VAL A 44 -0.59 -7.45 -6.66
CA VAL A 44 -1.37 -8.59 -6.26
C VAL A 44 -0.99 -9.06 -4.88
N ASP A 45 0.33 -9.07 -4.54
CA ASP A 45 0.72 -9.54 -3.24
C ASP A 45 0.15 -8.63 -2.17
N LEU A 46 0.16 -7.31 -2.43
CA LEU A 46 -0.32 -6.34 -1.47
C LEU A 46 -1.83 -6.40 -1.36
N VAL A 47 -2.55 -6.71 -2.46
CA VAL A 47 -4.01 -6.76 -2.40
C VAL A 47 -4.44 -7.86 -1.47
N VAL A 48 -3.78 -9.03 -1.53
CA VAL A 48 -4.15 -10.12 -0.68
C VAL A 48 -3.85 -9.79 0.78
N LYS A 49 -2.72 -9.12 1.07
CA LYS A 49 -2.39 -8.83 2.45
C LYS A 49 -3.14 -7.60 2.92
N ILE A 50 -3.76 -6.84 1.98
CA ILE A 50 -4.52 -5.66 2.35
C ILE A 50 -5.92 -6.14 2.68
N LYS A 51 -6.45 -7.09 1.86
CA LYS A 51 -7.76 -7.64 2.07
C LYS A 51 -7.78 -8.42 3.36
N GLU A 52 -6.69 -9.17 3.65
CA GLU A 52 -6.61 -9.96 4.86
C GLU A 52 -6.44 -9.06 6.06
N LEU A 53 -5.63 -7.97 5.91
CA LEU A 53 -5.33 -7.08 7.01
C LEU A 53 -6.59 -6.39 7.54
N THR A 54 -7.50 -5.89 6.67
CA THR A 54 -8.67 -5.21 7.19
C THR A 54 -9.87 -6.12 7.16
N GLY A 55 -9.86 -7.15 6.30
CA GLY A 55 -10.98 -8.06 6.25
C GLY A 55 -12.00 -7.62 5.24
N LYS A 56 -11.69 -6.61 4.38
CA LYS A 56 -12.66 -6.18 3.41
C LYS A 56 -12.05 -6.24 2.04
N GLN A 57 -12.94 -6.42 1.02
CA GLN A 57 -12.50 -6.52 -0.35
C GLN A 57 -12.23 -5.14 -0.87
N VAL A 58 -11.29 -5.03 -1.83
CA VAL A 58 -10.96 -3.74 -2.39
C VAL A 58 -11.44 -3.72 -3.83
N LYS A 59 -11.70 -2.50 -4.37
CA LYS A 59 -12.14 -2.39 -5.73
C LYS A 59 -10.95 -1.97 -6.54
N PRO A 60 -10.92 -2.43 -7.77
CA PRO A 60 -9.83 -2.14 -8.69
C PRO A 60 -9.80 -0.72 -9.20
N GLU A 61 -10.93 0.01 -9.08
CA GLU A 61 -11.00 1.37 -9.55
C GLU A 61 -10.11 2.23 -8.69
N ASP A 62 -10.07 1.93 -7.37
CA ASP A 62 -9.25 2.71 -6.45
C ASP A 62 -7.79 2.55 -6.79
N PHE A 63 -7.37 1.32 -7.15
CA PHE A 63 -5.98 1.08 -7.47
C PHE A 63 -5.56 1.87 -8.68
N LYS A 64 -6.46 2.03 -9.68
CA LYS A 64 -6.12 2.81 -10.85
C LYS A 64 -5.89 4.25 -10.45
N ASN A 65 -6.68 4.78 -9.48
CA ASN A 65 -6.52 6.16 -9.07
C ASN A 65 -5.31 6.32 -8.17
N VAL A 66 -4.72 5.22 -7.65
CA VAL A 66 -3.55 5.34 -6.78
C VAL A 66 -2.34 5.72 -7.61
N ARG A 67 -1.57 6.74 -7.12
CA ARG A 67 -0.41 7.19 -7.85
C ARG A 67 0.79 7.19 -6.93
N THR A 68 0.59 7.42 -5.60
CA THR A 68 1.72 7.47 -4.69
C THR A 68 1.45 6.63 -3.47
N VAL A 69 2.56 6.33 -2.72
CA VAL A 69 2.47 5.54 -1.50
C VAL A 69 1.59 6.27 -0.49
N LEU A 70 1.69 7.61 -0.41
CA LEU A 70 0.87 8.37 0.52
C LEU A 70 -0.60 8.14 0.21
N ASP A 71 -0.97 8.04 -1.08
CA ASP A 71 -2.35 7.83 -1.45
C ASP A 71 -2.85 6.51 -0.89
N VAL A 72 -2.00 5.45 -0.89
CA VAL A 72 -2.39 4.15 -0.38
C VAL A 72 -2.66 4.20 1.11
N VAL A 73 -1.80 4.90 1.92
CA VAL A 73 -2.04 4.96 3.36
C VAL A 73 -3.22 5.87 3.62
N THR A 74 -3.51 6.82 2.68
CA THR A 74 -4.64 7.71 2.86
C THR A 74 -5.90 6.92 2.69
N VAL A 75 -5.93 6.03 1.68
CA VAL A 75 -7.10 5.22 1.40
C VAL A 75 -7.32 4.18 2.49
N ILE A 76 -6.23 3.55 3.00
CA ILE A 76 -6.39 2.53 4.01
C ILE A 76 -6.91 3.16 5.30
N GLN A 77 -6.32 4.31 5.71
CA GLN A 77 -6.74 4.99 6.92
C GLN A 77 -8.12 5.57 6.74
N ASN A 78 -8.42 6.04 5.51
CA ASN A 78 -9.69 6.64 5.20
C ASN A 78 -10.81 5.63 5.35
N MET A 79 -10.54 4.34 5.02
CA MET A 79 -11.57 3.34 5.09
C MET A 79 -11.61 2.71 6.46
N THR A 80 -10.60 2.96 7.32
CA THR A 80 -10.63 2.38 8.65
C THR A 80 -11.19 3.40 9.62
N ALA A 81 -11.42 4.65 9.17
CA ALA A 81 -11.93 5.64 10.06
C ALA A 81 -13.40 5.77 9.79
N GLU A 82 -14.23 5.31 10.75
CA GLU A 82 -15.65 5.39 10.57
C GLU A 82 -16.30 5.51 11.95
N MET A 1 -9.23 3.16 15.65
CA MET A 1 -8.57 4.02 14.63
C MET A 1 -7.12 3.64 14.48
N LEU A 2 -6.63 3.60 13.21
CA LEU A 2 -5.26 3.24 12.97
C LEU A 2 -4.59 4.42 12.33
N SER A 3 -3.25 4.52 12.51
CA SER A 3 -2.53 5.64 11.94
C SER A 3 -1.90 5.22 10.66
N GLN A 4 -1.78 6.19 9.72
CA GLN A 4 -1.20 5.94 8.42
C GLN A 4 0.29 5.78 8.59
N GLU A 5 0.85 6.35 9.68
CA GLU A 5 2.27 6.25 9.93
C GLU A 5 2.61 4.83 10.34
N GLN A 6 1.78 4.23 11.23
CA GLN A 6 2.03 2.87 11.65
C GLN A 6 1.67 1.96 10.52
N VAL A 7 0.69 2.40 9.68
CA VAL A 7 0.28 1.63 8.54
C VAL A 7 1.41 1.58 7.55
N LEU A 8 2.15 2.71 7.39
CA LEU A 8 3.27 2.73 6.46
C LEU A 8 4.33 1.76 6.90
N THR A 9 4.60 1.66 8.23
CA THR A 9 5.62 0.75 8.72
C THR A 9 5.27 -0.69 8.35
N LYS A 10 4.00 -1.11 8.54
CA LYS A 10 3.61 -2.47 8.19
C LYS A 10 3.68 -2.64 6.69
N LEU A 11 3.28 -1.60 5.92
CA LEU A 11 3.29 -1.68 4.46
C LEU A 11 4.71 -1.86 3.97
N ARG A 12 5.66 -1.12 4.54
CA ARG A 12 7.04 -1.20 4.12
C ARG A 12 7.63 -2.54 4.43
N GLU A 13 7.32 -3.09 5.62
CA GLU A 13 7.87 -4.37 6.02
C GLU A 13 7.31 -5.52 5.21
N TRP A 14 6.00 -5.50 4.84
CA TRP A 14 5.43 -6.60 4.11
C TRP A 14 5.96 -6.62 2.70
N MET A 15 6.23 -5.44 2.11
CA MET A 15 6.70 -5.39 0.76
C MET A 15 8.18 -5.72 0.75
N GLU A 16 8.84 -5.59 1.94
CA GLU A 16 10.25 -5.88 2.04
C GLU A 16 10.42 -7.37 2.27
N ASP A 17 9.41 -7.99 2.89
CA ASP A 17 9.48 -9.38 3.21
C ASP A 17 9.05 -10.21 2.02
N LEU A 18 8.18 -9.65 1.15
CA LEU A 18 7.70 -10.41 0.02
C LEU A 18 8.60 -10.27 -1.18
N PHE A 19 8.95 -9.03 -1.57
CA PHE A 19 9.76 -8.87 -2.75
C PHE A 19 11.06 -8.21 -2.39
N GLU A 20 11.35 -8.05 -1.08
CA GLU A 20 12.59 -7.44 -0.64
C GLU A 20 12.69 -6.03 -1.16
N ILE A 21 11.57 -5.28 -1.13
CA ILE A 21 11.60 -3.91 -1.58
C ILE A 21 12.04 -3.08 -0.40
N GLU A 22 13.04 -2.18 -0.59
CA GLU A 22 13.53 -1.38 0.49
C GLU A 22 12.47 -0.41 0.93
N PRO A 23 12.26 -0.41 2.22
CA PRO A 23 11.29 0.46 2.87
C PRO A 23 11.82 1.86 3.02
N GLU A 24 13.16 2.02 2.91
CA GLU A 24 13.75 3.34 3.02
C GLU A 24 13.41 4.14 1.79
N THR A 25 13.47 3.48 0.59
CA THR A 25 13.17 4.17 -0.65
C THR A 25 11.69 4.46 -0.70
N VAL A 26 10.86 3.48 -0.27
CA VAL A 26 9.41 3.62 -0.28
C VAL A 26 9.06 4.59 0.81
N GLN A 27 8.83 5.86 0.40
CA GLN A 27 8.46 6.87 1.34
C GLN A 27 7.06 7.29 0.96
N LEU A 28 6.59 8.43 1.49
CA LEU A 28 5.26 8.87 1.16
C LEU A 28 5.38 9.81 -0.02
N ASP A 29 6.62 9.99 -0.52
CA ASP A 29 6.81 10.85 -1.64
C ASP A 29 7.39 9.99 -2.75
N SER A 30 7.15 8.66 -2.70
CA SER A 30 7.68 7.81 -3.73
C SER A 30 6.51 7.42 -4.62
N ASN A 31 6.67 7.62 -5.95
CA ASN A 31 5.64 7.28 -6.90
C ASN A 31 5.69 5.80 -7.07
N LEU A 32 4.53 5.12 -7.05
CA LEU A 32 4.52 3.68 -7.16
C LEU A 32 4.75 3.22 -8.57
N TYR A 33 3.97 3.71 -9.55
CA TYR A 33 4.12 3.26 -10.91
C TYR A 33 5.19 4.07 -11.59
N SER A 34 5.17 5.39 -11.37
CA SER A 34 6.14 6.26 -12.02
C SER A 34 7.54 6.01 -11.49
N ASP A 35 7.71 5.91 -10.16
CA ASP A 35 9.05 5.77 -9.63
C ASP A 35 9.41 4.32 -9.40
N LEU A 36 8.50 3.49 -8.84
CA LEU A 36 8.86 2.13 -8.53
C LEU A 36 8.47 1.19 -9.64
N ASP A 37 7.61 1.64 -10.59
CA ASP A 37 7.17 0.76 -11.66
C ASP A 37 6.56 -0.48 -11.06
N VAL A 38 5.47 -0.29 -10.28
CA VAL A 38 4.80 -1.40 -9.62
C VAL A 38 4.25 -2.32 -10.67
N ASP A 39 4.40 -3.66 -10.45
CA ASP A 39 3.93 -4.61 -11.41
C ASP A 39 2.71 -5.28 -10.83
N SER A 40 2.25 -6.38 -11.48
CA SER A 40 1.06 -7.05 -11.01
C SER A 40 1.40 -7.99 -9.88
N ILE A 41 2.69 -8.27 -9.64
CA ILE A 41 3.05 -9.17 -8.56
C ILE A 41 3.10 -8.39 -7.27
N ASP A 42 3.68 -7.17 -7.29
CA ASP A 42 3.74 -6.38 -6.09
C ASP A 42 2.35 -5.99 -5.68
N ALA A 43 1.49 -5.62 -6.67
CA ALA A 43 0.14 -5.21 -6.35
C ALA A 43 -0.68 -6.38 -5.88
N VAL A 44 -0.54 -7.57 -6.50
CA VAL A 44 -1.32 -8.73 -6.10
C VAL A 44 -0.94 -9.17 -4.71
N ASP A 45 0.37 -9.18 -4.36
CA ASP A 45 0.76 -9.62 -3.05
C ASP A 45 0.18 -8.70 -2.00
N LEU A 46 0.21 -7.38 -2.29
CA LEU A 46 -0.29 -6.40 -1.34
C LEU A 46 -1.79 -6.46 -1.23
N VAL A 47 -2.51 -6.76 -2.34
CA VAL A 47 -3.97 -6.80 -2.29
C VAL A 47 -4.43 -7.88 -1.36
N VAL A 48 -3.80 -9.07 -1.40
CA VAL A 48 -4.24 -10.15 -0.54
C VAL A 48 -3.94 -9.81 0.91
N LYS A 49 -2.79 -9.16 1.20
CA LYS A 49 -2.47 -8.87 2.59
C LYS A 49 -3.19 -7.60 3.03
N ILE A 50 -3.77 -6.85 2.08
CA ILE A 50 -4.49 -5.63 2.41
C ILE A 50 -5.91 -6.04 2.72
N LYS A 51 -6.48 -6.97 1.89
CA LYS A 51 -7.82 -7.45 2.11
C LYS A 51 -7.89 -8.20 3.42
N GLU A 52 -6.84 -8.98 3.73
CA GLU A 52 -6.82 -9.74 4.95
C GLU A 52 -6.61 -8.83 6.15
N LEU A 53 -5.74 -7.80 6.00
CA LEU A 53 -5.42 -6.91 7.10
C LEU A 53 -6.62 -6.09 7.53
N THR A 54 -7.43 -5.54 6.59
CA THR A 54 -8.56 -4.72 7.02
C THR A 54 -9.83 -5.53 7.03
N GLY A 55 -9.91 -6.60 6.21
CA GLY A 55 -11.08 -7.44 6.20
C GLY A 55 -12.06 -6.98 5.14
N LYS A 56 -11.67 -6.03 4.26
CA LYS A 56 -12.60 -5.58 3.24
C LYS A 56 -11.97 -5.76 1.88
N GLN A 57 -12.83 -5.89 0.86
CA GLN A 57 -12.37 -6.11 -0.49
C GLN A 57 -12.00 -4.78 -1.10
N VAL A 58 -11.03 -4.83 -2.05
CA VAL A 58 -10.58 -3.62 -2.71
C VAL A 58 -11.00 -3.69 -4.15
N LYS A 59 -11.64 -2.61 -4.65
CA LYS A 59 -12.08 -2.56 -6.02
C LYS A 59 -10.94 -2.03 -6.86
N PRO A 60 -10.93 -2.40 -8.12
CA PRO A 60 -9.90 -2.00 -9.07
C PRO A 60 -9.92 -0.53 -9.42
N GLU A 61 -11.05 0.16 -9.17
CA GLU A 61 -11.16 1.57 -9.48
C GLU A 61 -10.20 2.33 -8.59
N ASP A 62 -10.05 1.87 -7.33
CA ASP A 62 -9.17 2.53 -6.39
C ASP A 62 -7.75 2.44 -6.86
N PHE A 63 -7.34 1.28 -7.43
CA PHE A 63 -5.97 1.11 -7.89
C PHE A 63 -5.67 2.08 -9.01
N LYS A 64 -6.64 2.33 -9.92
CA LYS A 64 -6.39 3.26 -11.00
C LYS A 64 -6.13 4.65 -10.44
N ASN A 65 -6.84 5.04 -9.37
CA ASN A 65 -6.64 6.37 -8.81
C ASN A 65 -5.42 6.41 -7.90
N VAL A 66 -4.81 5.25 -7.56
CA VAL A 66 -3.64 5.25 -6.69
C VAL A 66 -2.43 5.69 -7.50
N ARG A 67 -1.65 6.68 -6.96
CA ARG A 67 -0.51 7.17 -7.69
C ARG A 67 0.72 7.13 -6.79
N THR A 68 0.56 7.40 -5.46
CA THR A 68 1.72 7.43 -4.59
C THR A 68 1.47 6.58 -3.36
N VAL A 69 2.57 6.29 -2.63
CA VAL A 69 2.50 5.49 -1.40
C VAL A 69 1.63 6.19 -0.38
N LEU A 70 1.74 7.54 -0.24
CA LEU A 70 0.91 8.26 0.73
C LEU A 70 -0.55 8.05 0.42
N ASP A 71 -0.92 8.03 -0.88
CA ASP A 71 -2.31 7.85 -1.26
C ASP A 71 -2.82 6.50 -0.75
N VAL A 72 -1.97 5.46 -0.80
CA VAL A 72 -2.37 4.13 -0.33
C VAL A 72 -2.63 4.13 1.17
N VAL A 73 -1.76 4.79 1.98
CA VAL A 73 -1.97 4.78 3.42
C VAL A 73 -3.16 5.66 3.75
N THR A 74 -3.43 6.69 2.90
CA THR A 74 -4.56 7.59 3.14
C THR A 74 -5.84 6.84 2.88
N VAL A 75 -5.89 6.05 1.79
CA VAL A 75 -7.07 5.29 1.43
C VAL A 75 -7.33 4.22 2.46
N ILE A 76 -6.25 3.56 2.96
CA ILE A 76 -6.43 2.50 3.94
C ILE A 76 -7.04 3.07 5.21
N GLN A 77 -6.54 4.23 5.69
CA GLN A 77 -7.05 4.82 6.92
C GLN A 77 -8.37 5.50 6.66
N ASN A 78 -8.65 5.86 5.39
CA ASN A 78 -9.88 6.54 5.05
C ASN A 78 -11.03 5.56 5.11
N MET A 79 -10.82 4.34 4.61
CA MET A 79 -11.87 3.35 4.59
C MET A 79 -11.81 2.50 5.84
N THR A 80 -10.76 2.68 6.67
CA THR A 80 -10.64 1.88 7.86
C THR A 80 -11.24 2.62 9.02
N ALA A 81 -11.01 3.95 9.10
CA ALA A 81 -11.56 4.71 10.20
C ALA A 81 -12.96 5.11 9.85
N GLU A 82 -13.92 4.75 10.74
CA GLU A 82 -15.30 5.09 10.49
C GLU A 82 -16.10 4.58 11.70
N MET A 1 -9.73 2.82 14.79
CA MET A 1 -8.95 3.83 14.03
C MET A 1 -7.48 3.47 14.04
N LEU A 2 -6.85 3.50 12.84
CA LEU A 2 -5.44 3.16 12.75
C LEU A 2 -4.74 4.35 12.16
N SER A 3 -3.42 4.48 12.46
CA SER A 3 -2.67 5.60 11.95
C SER A 3 -2.01 5.21 10.67
N GLN A 4 -1.88 6.20 9.76
CA GLN A 4 -1.29 5.97 8.46
C GLN A 4 0.19 5.82 8.63
N GLU A 5 0.75 6.39 9.72
CA GLU A 5 2.18 6.28 9.97
C GLU A 5 2.52 4.87 10.36
N GLN A 6 1.69 4.25 11.24
CA GLN A 6 1.95 2.90 11.65
C GLN A 6 1.59 1.99 10.50
N VAL A 7 0.62 2.44 9.67
CA VAL A 7 0.20 1.68 8.51
C VAL A 7 1.34 1.64 7.52
N LEU A 8 2.08 2.77 7.37
CA LEU A 8 3.20 2.79 6.45
C LEU A 8 4.25 1.81 6.90
N THR A 9 4.50 1.70 8.23
CA THR A 9 5.52 0.77 8.73
C THR A 9 5.14 -0.65 8.36
N LYS A 10 3.86 -1.07 8.54
CA LYS A 10 3.48 -2.43 8.19
C LYS A 10 3.59 -2.62 6.69
N LEU A 11 3.20 -1.58 5.91
CA LEU A 11 3.25 -1.66 4.46
C LEU A 11 4.68 -1.84 3.99
N ARG A 12 5.62 -1.09 4.60
CA ARG A 12 7.01 -1.15 4.20
C ARG A 12 7.58 -2.52 4.54
N GLU A 13 7.23 -3.06 5.72
CA GLU A 13 7.77 -4.33 6.14
C GLU A 13 7.27 -5.47 5.28
N TRP A 14 5.99 -5.46 4.87
CA TRP A 14 5.45 -6.57 4.09
C TRP A 14 6.00 -6.56 2.69
N MET A 15 6.23 -5.37 2.10
CA MET A 15 6.71 -5.33 0.74
C MET A 15 8.17 -5.72 0.71
N GLU A 16 8.91 -5.54 1.85
CA GLU A 16 10.31 -5.91 1.86
C GLU A 16 10.40 -7.39 2.12
N ASP A 17 9.48 -7.91 2.95
CA ASP A 17 9.46 -9.30 3.28
C ASP A 17 9.09 -10.14 2.06
N LEU A 18 8.20 -9.62 1.19
CA LEU A 18 7.76 -10.39 0.06
C LEU A 18 8.66 -10.24 -1.13
N PHE A 19 8.79 -9.01 -1.70
CA PHE A 19 9.57 -8.84 -2.90
C PHE A 19 10.91 -8.23 -2.57
N GLU A 20 11.20 -7.99 -1.27
CA GLU A 20 12.47 -7.43 -0.87
C GLU A 20 12.57 -6.02 -1.36
N ILE A 21 11.47 -5.26 -1.26
CA ILE A 21 11.49 -3.87 -1.68
C ILE A 21 11.92 -3.08 -0.47
N GLU A 22 12.95 -2.21 -0.64
CA GLU A 22 13.45 -1.44 0.49
C GLU A 22 12.41 -0.45 0.92
N PRO A 23 12.11 -0.51 2.20
CA PRO A 23 11.18 0.38 2.85
C PRO A 23 11.74 1.77 3.00
N GLU A 24 13.09 1.89 2.91
CA GLU A 24 13.72 3.18 3.04
C GLU A 24 13.40 4.03 1.83
N THR A 25 13.46 3.42 0.62
CA THR A 25 13.17 4.15 -0.59
C THR A 25 11.69 4.46 -0.65
N VAL A 26 10.85 3.47 -0.24
CA VAL A 26 9.42 3.63 -0.25
C VAL A 26 9.05 4.60 0.84
N GLN A 27 8.81 5.87 0.43
CA GLN A 27 8.43 6.89 1.35
C GLN A 27 7.06 7.31 0.96
N LEU A 28 6.58 8.46 1.48
CA LEU A 28 5.26 8.91 1.14
C LEU A 28 5.41 9.84 -0.03
N ASP A 29 6.66 10.03 -0.51
CA ASP A 29 6.88 10.90 -1.64
C ASP A 29 7.46 10.05 -2.74
N SER A 30 7.21 8.71 -2.70
CA SER A 30 7.73 7.86 -3.73
C SER A 30 6.58 7.48 -4.63
N ASN A 31 6.77 7.68 -5.97
CA ASN A 31 5.74 7.34 -6.92
C ASN A 31 5.77 5.85 -7.07
N LEU A 32 4.59 5.20 -7.10
CA LEU A 32 4.55 3.75 -7.18
C LEU A 32 4.82 3.26 -8.58
N TYR A 33 4.04 3.71 -9.58
CA TYR A 33 4.23 3.22 -10.93
C TYR A 33 5.31 4.01 -11.61
N SER A 34 5.32 5.33 -11.40
CA SER A 34 6.30 6.18 -12.05
C SER A 34 7.69 5.93 -11.50
N ASP A 35 7.84 5.85 -10.16
CA ASP A 35 9.16 5.71 -9.61
C ASP A 35 9.50 4.26 -9.33
N LEU A 36 8.55 3.47 -8.78
CA LEU A 36 8.89 2.10 -8.43
C LEU A 36 8.54 1.16 -9.55
N ASP A 37 7.71 1.60 -10.53
CA ASP A 37 7.32 0.73 -11.61
C ASP A 37 6.68 -0.51 -11.02
N VAL A 38 5.57 -0.31 -10.29
CA VAL A 38 4.87 -1.42 -9.66
C VAL A 38 4.22 -2.26 -10.72
N ASP A 39 4.34 -3.61 -10.59
CA ASP A 39 3.78 -4.49 -11.57
C ASP A 39 2.56 -5.13 -10.98
N SER A 40 2.07 -6.21 -11.64
CA SER A 40 0.87 -6.86 -11.16
C SER A 40 1.20 -7.82 -10.04
N ILE A 41 2.50 -8.15 -9.83
CA ILE A 41 2.83 -9.08 -8.76
C ILE A 41 2.92 -8.33 -7.46
N ASP A 42 3.55 -7.12 -7.46
CA ASP A 42 3.65 -6.35 -6.24
C ASP A 42 2.27 -5.94 -5.82
N ALA A 43 1.42 -5.52 -6.79
CA ALA A 43 0.08 -5.08 -6.46
C ALA A 43 -0.75 -6.24 -5.98
N VAL A 44 -0.63 -7.43 -6.60
CA VAL A 44 -1.42 -8.59 -6.20
C VAL A 44 -1.03 -9.04 -4.82
N ASP A 45 0.28 -9.05 -4.49
CA ASP A 45 0.70 -9.52 -3.19
C ASP A 45 0.13 -8.60 -2.12
N LEU A 46 0.14 -7.28 -2.39
CA LEU A 46 -0.33 -6.30 -1.44
C LEU A 46 -1.83 -6.35 -1.32
N VAL A 47 -2.57 -6.64 -2.41
CA VAL A 47 -4.03 -6.69 -2.35
C VAL A 47 -4.46 -7.80 -1.43
N VAL A 48 -3.80 -8.97 -1.50
CA VAL A 48 -4.18 -10.08 -0.66
C VAL A 48 -3.89 -9.78 0.79
N LYS A 49 -2.76 -9.09 1.10
CA LYS A 49 -2.43 -8.82 2.49
C LYS A 49 -3.17 -7.58 2.96
N ILE A 50 -3.77 -6.82 2.03
CA ILE A 50 -4.53 -5.64 2.40
C ILE A 50 -5.93 -6.10 2.73
N LYS A 51 -6.46 -7.05 1.89
CA LYS A 51 -7.78 -7.60 2.11
C LYS A 51 -7.80 -8.39 3.39
N GLU A 52 -6.71 -9.14 3.67
CA GLU A 52 -6.63 -9.94 4.87
C GLU A 52 -6.46 -9.06 6.09
N LEU A 53 -5.66 -7.97 5.95
CA LEU A 53 -5.37 -7.10 7.05
C LEU A 53 -6.61 -6.40 7.57
N THR A 54 -7.52 -5.90 6.70
CA THR A 54 -8.69 -5.20 7.22
C THR A 54 -9.90 -6.10 7.19
N GLY A 55 -9.90 -7.13 6.32
CA GLY A 55 -11.01 -8.04 6.27
C GLY A 55 -12.03 -7.58 5.25
N LYS A 56 -11.71 -6.58 4.40
CA LYS A 56 -12.67 -6.14 3.43
C LYS A 56 -12.07 -6.20 2.05
N GLN A 57 -12.95 -6.36 1.03
CA GLN A 57 -12.51 -6.48 -0.34
C GLN A 57 -12.23 -5.09 -0.86
N VAL A 58 -11.28 -4.99 -1.82
CA VAL A 58 -10.94 -3.70 -2.39
C VAL A 58 -11.35 -3.70 -3.84
N LYS A 59 -11.60 -2.48 -4.39
CA LYS A 59 -11.98 -2.37 -5.78
C LYS A 59 -10.74 -1.96 -6.54
N PRO A 60 -10.61 -2.50 -7.73
CA PRO A 60 -9.46 -2.23 -8.59
C PRO A 60 -9.44 -0.85 -9.19
N GLU A 61 -10.61 -0.17 -9.23
CA GLU A 61 -10.66 1.16 -9.80
C GLU A 61 -9.93 2.11 -8.89
N ASP A 62 -10.01 1.88 -7.56
CA ASP A 62 -9.36 2.75 -6.61
C ASP A 62 -7.87 2.65 -6.78
N PHE A 63 -7.33 1.44 -7.05
CA PHE A 63 -5.91 1.26 -7.21
C PHE A 63 -5.41 1.99 -8.43
N LYS A 64 -6.21 2.04 -9.52
CA LYS A 64 -5.79 2.74 -10.71
C LYS A 64 -5.62 4.21 -10.39
N ASN A 65 -6.55 4.77 -9.58
CA ASN A 65 -6.50 6.17 -9.22
C ASN A 65 -5.27 6.48 -8.37
N VAL A 66 -4.84 5.52 -7.51
CA VAL A 66 -3.70 5.72 -6.63
C VAL A 66 -2.43 5.80 -7.45
N ARG A 67 -1.55 6.80 -7.12
CA ARG A 67 -0.31 6.95 -7.87
C ARG A 67 0.84 7.13 -6.90
N THR A 68 0.59 7.31 -5.58
CA THR A 68 1.70 7.49 -4.65
C THR A 68 1.48 6.63 -3.43
N VAL A 69 2.61 6.36 -2.69
CA VAL A 69 2.54 5.56 -1.48
C VAL A 69 1.67 6.24 -0.44
N LEU A 70 1.76 7.60 -0.30
CA LEU A 70 0.94 8.32 0.65
C LEU A 70 -0.52 8.08 0.35
N ASP A 71 -0.90 8.03 -0.95
CA ASP A 71 -2.28 7.83 -1.32
C ASP A 71 -2.78 6.49 -0.79
N VAL A 72 -1.93 5.44 -0.83
CA VAL A 72 -2.31 4.11 -0.33
C VAL A 72 -2.57 4.15 1.17
N VAL A 73 -1.72 4.83 1.97
CA VAL A 73 -1.96 4.86 3.41
C VAL A 73 -3.15 5.75 3.69
N THR A 74 -3.44 6.74 2.80
CA THR A 74 -4.58 7.62 2.99
C THR A 74 -5.85 6.85 2.77
N VAL A 75 -5.88 6.00 1.72
CA VAL A 75 -7.06 5.21 1.40
C VAL A 75 -7.29 4.18 2.48
N ILE A 76 -6.22 3.56 3.01
CA ILE A 76 -6.39 2.55 4.03
C ILE A 76 -6.95 3.19 5.30
N GLN A 77 -6.44 4.39 5.69
CA GLN A 77 -6.93 5.04 6.90
C GLN A 77 -8.27 5.68 6.64
N ASN A 78 -8.58 5.96 5.36
CA ASN A 78 -9.83 6.58 4.99
C ASN A 78 -10.95 5.59 5.17
N MET A 79 -10.68 4.30 4.89
CA MET A 79 -11.70 3.30 4.97
C MET A 79 -11.73 2.67 6.36
N THR A 80 -10.69 2.89 7.20
CA THR A 80 -10.71 2.31 8.53
C THR A 80 -11.26 3.32 9.49
N ALA A 81 -11.25 4.61 9.12
CA ALA A 81 -11.76 5.61 9.99
C ALA A 81 -13.15 5.92 9.54
N GLU A 82 -14.10 5.98 10.52
CA GLU A 82 -15.48 6.27 10.21
C GLU A 82 -16.16 4.95 9.84
N MET A 1 -9.15 2.66 15.67
CA MET A 1 -8.57 3.58 14.65
C MET A 1 -7.11 3.28 14.43
N LEU A 2 -6.67 3.31 13.14
CA LEU A 2 -5.30 3.03 12.84
C LEU A 2 -4.73 4.25 12.15
N SER A 3 -3.41 4.48 12.29
CA SER A 3 -2.79 5.63 11.68
C SER A 3 -2.10 5.22 10.43
N GLN A 4 -1.91 6.20 9.52
CA GLN A 4 -1.26 5.97 8.25
C GLN A 4 0.22 5.81 8.48
N GLU A 5 0.76 6.41 9.58
CA GLU A 5 2.17 6.30 9.86
C GLU A 5 2.50 4.90 10.29
N GLN A 6 1.68 4.30 11.17
CA GLN A 6 1.94 2.94 11.61
C GLN A 6 1.61 2.00 10.48
N VAL A 7 0.64 2.41 9.62
CA VAL A 7 0.25 1.61 8.48
C VAL A 7 1.41 1.59 7.50
N LEU A 8 2.13 2.73 7.34
CA LEU A 8 3.25 2.78 6.42
C LEU A 8 4.31 1.80 6.88
N THR A 9 4.56 1.71 8.22
CA THR A 9 5.58 0.79 8.72
C THR A 9 5.24 -0.63 8.34
N LYS A 10 3.97 -1.07 8.51
CA LYS A 10 3.60 -2.44 8.18
C LYS A 10 3.67 -2.61 6.67
N LEU A 11 3.27 -1.57 5.90
CA LEU A 11 3.29 -1.64 4.45
C LEU A 11 4.70 -1.84 3.95
N ARG A 12 5.66 -1.09 4.53
CA ARG A 12 7.04 -1.15 4.11
C ARG A 12 7.63 -2.51 4.43
N GLU A 13 7.33 -3.05 5.63
CA GLU A 13 7.89 -4.32 6.03
C GLU A 13 7.33 -5.47 5.23
N TRP A 14 6.02 -5.45 4.87
CA TRP A 14 5.44 -6.55 4.15
C TRP A 14 5.93 -6.58 2.72
N MET A 15 6.22 -5.41 2.13
CA MET A 15 6.68 -5.38 0.76
C MET A 15 8.15 -5.69 0.77
N GLU A 16 8.81 -5.57 1.94
CA GLU A 16 10.22 -5.87 2.04
C GLU A 16 10.38 -7.35 2.29
N ASP A 17 9.37 -7.97 2.92
CA ASP A 17 9.42 -9.37 3.24
C ASP A 17 9.00 -10.19 2.05
N LEU A 18 8.15 -9.64 1.15
CA LEU A 18 7.68 -10.41 0.03
C LEU A 18 8.58 -10.26 -1.16
N PHE A 19 8.93 -9.02 -1.55
CA PHE A 19 9.75 -8.85 -2.72
C PHE A 19 11.06 -8.19 -2.35
N GLU A 20 11.33 -8.03 -1.04
CA GLU A 20 12.56 -7.43 -0.59
C GLU A 20 12.68 -6.02 -1.12
N ILE A 21 11.55 -5.27 -1.11
CA ILE A 21 11.60 -3.90 -1.56
C ILE A 21 12.02 -3.06 -0.39
N GLU A 22 13.03 -2.18 -0.59
CA GLU A 22 13.53 -1.36 0.50
C GLU A 22 12.46 -0.39 0.93
N PRO A 23 12.24 -0.40 2.23
CA PRO A 23 11.27 0.47 2.87
C PRO A 23 11.81 1.87 3.01
N GLU A 24 13.15 2.04 2.91
CA GLU A 24 13.74 3.35 3.03
C GLU A 24 13.41 4.14 1.79
N THR A 25 13.47 3.49 0.60
CA THR A 25 13.18 4.17 -0.65
C THR A 25 11.70 4.45 -0.71
N VAL A 26 10.87 3.48 -0.28
CA VAL A 26 9.43 3.63 -0.28
C VAL A 26 9.06 4.60 0.79
N GLN A 27 8.83 5.86 0.37
CA GLN A 27 8.46 6.89 1.29
C GLN A 27 7.08 7.31 0.88
N LEU A 28 6.59 8.45 1.42
CA LEU A 28 5.28 8.90 1.06
C LEU A 28 5.43 9.80 -0.14
N ASP A 29 6.69 10.05 -0.56
CA ASP A 29 6.94 10.89 -1.69
C ASP A 29 7.45 10.02 -2.80
N SER A 30 7.24 8.68 -2.72
CA SER A 30 7.73 7.80 -3.75
C SER A 30 6.55 7.43 -4.63
N ASN A 31 6.73 7.61 -5.96
CA ASN A 31 5.69 7.28 -6.91
C ASN A 31 5.74 5.78 -7.08
N LEU A 32 4.58 5.11 -7.07
CA LEU A 32 4.56 3.66 -7.16
C LEU A 32 4.82 3.19 -8.57
N TYR A 33 4.03 3.66 -9.55
CA TYR A 33 4.20 3.19 -10.91
C TYR A 33 5.27 3.99 -11.60
N SER A 34 5.25 5.31 -11.39
CA SER A 34 6.22 6.17 -12.04
C SER A 34 7.61 5.93 -11.51
N ASP A 35 7.78 5.85 -10.18
CA ASP A 35 9.11 5.70 -9.63
C ASP A 35 9.48 4.26 -9.39
N LEU A 36 8.55 3.44 -8.83
CA LEU A 36 8.93 2.08 -8.51
C LEU A 36 8.55 1.13 -9.62
N ASP A 37 7.68 1.57 -10.56
CA ASP A 37 7.26 0.70 -11.65
C ASP A 37 6.66 -0.55 -11.04
N VAL A 38 5.56 -0.36 -10.27
CA VAL A 38 4.90 -1.48 -9.61
C VAL A 38 4.32 -2.39 -10.66
N ASP A 39 4.49 -3.72 -10.47
CA ASP A 39 4.00 -4.68 -11.43
C ASP A 39 2.76 -5.31 -10.85
N SER A 40 2.28 -6.39 -11.52
CA SER A 40 1.08 -7.05 -11.05
C SER A 40 1.39 -7.98 -9.92
N ILE A 41 2.68 -8.32 -9.67
CA ILE A 41 3.00 -9.21 -8.58
C ILE A 41 3.07 -8.43 -7.30
N ASP A 42 3.67 -7.22 -7.32
CA ASP A 42 3.74 -6.43 -6.12
C ASP A 42 2.34 -6.02 -5.71
N ALA A 43 1.50 -5.63 -6.70
CA ALA A 43 0.14 -5.21 -6.39
C ALA A 43 -0.69 -6.37 -5.91
N VAL A 44 -0.55 -7.56 -6.53
CA VAL A 44 -1.35 -8.70 -6.14
C VAL A 44 -0.98 -9.15 -4.74
N ASP A 45 0.33 -9.16 -4.40
CA ASP A 45 0.72 -9.61 -3.09
C ASP A 45 0.14 -8.68 -2.03
N LEU A 46 0.17 -7.36 -2.32
CA LEU A 46 -0.32 -6.38 -1.38
C LEU A 46 -1.82 -6.42 -1.28
N VAL A 47 -2.54 -6.69 -2.38
CA VAL A 47 -4.00 -6.72 -2.35
C VAL A 47 -4.47 -7.82 -1.44
N VAL A 48 -3.84 -9.01 -1.48
CA VAL A 48 -4.27 -10.10 -0.65
C VAL A 48 -3.98 -9.79 0.81
N LYS A 49 -2.83 -9.15 1.12
CA LYS A 49 -2.51 -8.88 2.52
C LYS A 49 -3.21 -7.62 2.97
N ILE A 50 -3.79 -6.86 2.03
CA ILE A 50 -4.52 -5.65 2.39
C ILE A 50 -5.93 -6.08 2.71
N LYS A 51 -6.49 -7.01 1.90
CA LYS A 51 -7.82 -7.52 2.12
C LYS A 51 -7.87 -8.28 3.42
N GLU A 52 -6.80 -9.04 3.70
CA GLU A 52 -6.74 -9.83 4.93
C GLU A 52 -6.56 -8.92 6.13
N LEU A 53 -5.71 -7.87 5.98
CA LEU A 53 -5.40 -6.99 7.08
C LEU A 53 -6.62 -6.21 7.55
N THR A 54 -7.46 -5.68 6.63
CA THR A 54 -8.61 -4.90 7.09
C THR A 54 -9.84 -5.77 7.13
N GLY A 55 -9.88 -6.85 6.31
CA GLY A 55 -11.01 -7.73 6.31
C GLY A 55 -12.03 -7.30 5.29
N LYS A 56 -11.71 -6.32 4.42
CA LYS A 56 -12.68 -5.90 3.43
C LYS A 56 -12.06 -5.99 2.06
N GLN A 57 -12.94 -6.19 1.04
CA GLN A 57 -12.50 -6.32 -0.33
C GLN A 57 -12.21 -4.95 -0.88
N VAL A 58 -11.25 -4.88 -1.84
CA VAL A 58 -10.91 -3.61 -2.41
C VAL A 58 -11.36 -3.60 -3.86
N LYS A 59 -11.64 -2.40 -4.40
CA LYS A 59 -12.07 -2.31 -5.78
C LYS A 59 -10.89 -1.82 -6.59
N PRO A 60 -10.84 -2.27 -7.83
CA PRO A 60 -9.76 -1.91 -8.75
C PRO A 60 -9.78 -0.48 -9.22
N GLU A 61 -10.94 0.21 -9.10
CA GLU A 61 -11.03 1.58 -9.53
C GLU A 61 -10.15 2.44 -8.66
N ASP A 62 -10.08 2.11 -7.35
CA ASP A 62 -9.29 2.88 -6.43
C ASP A 62 -7.83 2.76 -6.78
N PHE A 63 -7.38 1.55 -7.20
CA PHE A 63 -5.98 1.34 -7.53
C PHE A 63 -5.59 2.22 -8.69
N LYS A 64 -6.48 2.39 -9.70
CA LYS A 64 -6.15 3.23 -10.83
C LYS A 64 -5.94 4.65 -10.35
N ASN A 65 -6.76 5.12 -9.37
CA ASN A 65 -6.59 6.46 -8.87
C ASN A 65 -5.37 6.53 -7.96
N VAL A 66 -4.81 5.36 -7.56
CA VAL A 66 -3.64 5.33 -6.70
C VAL A 66 -2.42 5.72 -7.52
N ARG A 67 -1.61 6.69 -7.01
CA ARG A 67 -0.45 7.14 -7.75
C ARG A 67 0.76 7.14 -6.83
N THR A 68 0.59 7.41 -5.52
CA THR A 68 1.73 7.47 -4.63
C THR A 68 1.48 6.63 -3.40
N VAL A 69 2.59 6.32 -2.67
CA VAL A 69 2.50 5.53 -1.45
C VAL A 69 1.62 6.23 -0.43
N LEU A 70 1.74 7.59 -0.29
CA LEU A 70 0.91 8.32 0.66
C LEU A 70 -0.55 8.11 0.34
N ASP A 71 -0.92 8.07 -0.96
CA ASP A 71 -2.31 7.89 -1.33
C ASP A 71 -2.82 6.56 -0.82
N VAL A 72 -1.97 5.50 -0.86
CA VAL A 72 -2.37 4.17 -0.38
C VAL A 72 -2.66 4.20 1.11
N VAL A 73 -1.82 4.87 1.92
CA VAL A 73 -2.05 4.89 3.37
C VAL A 73 -3.22 5.81 3.66
N THR A 74 -3.48 6.80 2.78
CA THR A 74 -4.60 7.71 2.99
C THR A 74 -5.89 6.95 2.78
N VAL A 75 -5.93 6.12 1.72
CA VAL A 75 -7.11 5.34 1.39
C VAL A 75 -7.34 4.25 2.41
N ILE A 76 -6.25 3.58 2.88
CA ILE A 76 -6.42 2.48 3.83
C ILE A 76 -7.00 3.00 5.13
N GLN A 77 -6.42 4.09 5.68
CA GLN A 77 -6.88 4.65 6.94
C GLN A 77 -8.23 5.30 6.74
N ASN A 78 -8.46 5.92 5.56
CA ASN A 78 -9.72 6.60 5.28
C ASN A 78 -10.89 5.63 5.29
N MET A 79 -10.72 4.44 4.69
CA MET A 79 -11.81 3.49 4.62
C MET A 79 -11.77 2.56 5.82
N THR A 80 -10.72 2.66 6.64
CA THR A 80 -10.60 1.78 7.79
C THR A 80 -11.22 2.46 8.99
N ALA A 81 -11.09 3.79 9.10
CA ALA A 81 -11.65 4.49 10.22
C ALA A 81 -13.09 4.78 9.93
N GLU A 82 -14.00 4.29 10.80
CA GLU A 82 -15.40 4.49 10.60
C GLU A 82 -16.14 3.81 11.76
N MET A 1 -9.20 3.12 15.65
CA MET A 1 -8.52 4.02 14.66
C MET A 1 -7.06 3.64 14.51
N LEU A 2 -6.58 3.60 13.24
CA LEU A 2 -5.21 3.24 13.00
C LEU A 2 -4.55 4.44 12.36
N SER A 3 -3.21 4.55 12.52
CA SER A 3 -2.50 5.68 11.95
C SER A 3 -1.88 5.25 10.67
N GLN A 4 -1.78 6.23 9.73
CA GLN A 4 -1.21 5.98 8.43
C GLN A 4 0.28 5.84 8.58
N GLU A 5 0.86 6.41 9.67
CA GLU A 5 2.28 6.32 9.88
C GLU A 5 2.62 4.91 10.31
N GLN A 6 1.80 4.31 11.21
CA GLN A 6 2.06 2.96 11.65
C GLN A 6 1.70 2.03 10.52
N VAL A 7 0.71 2.46 9.69
CA VAL A 7 0.28 1.68 8.56
C VAL A 7 1.40 1.63 7.55
N LEU A 8 2.14 2.76 7.38
CA LEU A 8 3.25 2.77 6.43
C LEU A 8 4.32 1.79 6.90
N THR A 9 4.58 1.70 8.22
CA THR A 9 5.61 0.79 8.70
C THR A 9 5.24 -0.63 8.34
N LYS A 10 3.97 -1.06 8.55
CA LYS A 10 3.58 -2.42 8.21
C LYS A 10 3.64 -2.61 6.71
N LEU A 11 3.24 -1.57 5.93
CA LEU A 11 3.25 -1.66 4.49
C LEU A 11 4.66 -1.85 3.98
N ARG A 12 5.63 -1.11 4.55
CA ARG A 12 7.00 -1.19 4.12
C ARG A 12 7.57 -2.56 4.43
N GLU A 13 7.26 -3.09 5.62
CA GLU A 13 7.81 -4.38 6.02
C GLU A 13 7.24 -5.52 5.20
N TRP A 14 5.94 -5.48 4.83
CA TRP A 14 5.36 -6.59 4.08
C TRP A 14 5.89 -6.60 2.67
N MET A 15 6.15 -5.42 2.09
CA MET A 15 6.63 -5.37 0.73
C MET A 15 8.10 -5.70 0.73
N GLU A 16 8.76 -5.59 1.91
CA GLU A 16 10.17 -5.89 2.01
C GLU A 16 10.33 -7.37 2.24
N ASP A 17 9.32 -7.99 2.86
CA ASP A 17 9.36 -9.40 3.16
C ASP A 17 8.95 -10.21 1.96
N LEU A 18 8.10 -9.65 1.09
CA LEU A 18 7.62 -10.41 -0.04
C LEU A 18 8.52 -10.25 -1.24
N PHE A 19 8.88 -9.01 -1.62
CA PHE A 19 9.68 -8.84 -2.79
C PHE A 19 10.99 -8.18 -2.44
N GLU A 20 11.27 -8.03 -1.12
CA GLU A 20 12.51 -7.43 -0.67
C GLU A 20 12.62 -6.01 -1.18
N ILE A 21 11.49 -5.26 -1.15
CA ILE A 21 11.52 -3.90 -1.60
C ILE A 21 11.97 -3.07 -0.42
N GLU A 22 12.98 -2.19 -0.63
CA GLU A 22 13.48 -1.37 0.46
C GLU A 22 12.44 -0.41 0.91
N PRO A 23 12.21 -0.42 2.20
CA PRO A 23 11.26 0.44 2.85
C PRO A 23 11.79 1.84 3.01
N GLU A 24 13.13 2.00 2.92
CA GLU A 24 13.73 3.31 3.03
C GLU A 24 13.40 4.12 1.81
N THR A 25 13.45 3.48 0.61
CA THR A 25 13.15 4.18 -0.62
C THR A 25 11.67 4.47 -0.67
N VAL A 26 10.84 3.48 -0.25
CA VAL A 26 9.41 3.63 -0.25
C VAL A 26 9.04 4.61 0.84
N GLN A 27 8.80 5.87 0.42
CA GLN A 27 8.42 6.89 1.34
C GLN A 27 7.05 7.33 0.93
N LEU A 28 6.57 8.45 1.45
CA LEU A 28 5.26 8.90 1.09
C LEU A 28 5.40 9.82 -0.10
N ASP A 29 6.68 10.07 -0.50
CA ASP A 29 6.93 10.91 -1.64
C ASP A 29 7.43 10.04 -2.76
N SER A 30 7.22 8.69 -2.66
CA SER A 30 7.70 7.82 -3.71
C SER A 30 6.53 7.47 -4.59
N ASN A 31 6.71 7.65 -5.93
CA ASN A 31 5.66 7.33 -6.88
C ASN A 31 5.69 5.84 -7.05
N LEU A 32 4.51 5.20 -7.06
CA LEU A 32 4.46 3.75 -7.15
C LEU A 32 4.74 3.27 -8.56
N TYR A 33 3.99 3.77 -9.56
CA TYR A 33 4.18 3.29 -10.93
C TYR A 33 5.28 4.07 -11.58
N SER A 34 5.30 5.39 -11.37
CA SER A 34 6.30 6.22 -12.01
C SER A 34 7.67 5.95 -11.45
N ASP A 35 7.81 5.87 -10.10
CA ASP A 35 9.12 5.69 -9.53
C ASP A 35 9.44 4.23 -9.28
N LEU A 36 8.48 3.43 -8.76
CA LEU A 36 8.81 2.06 -8.43
C LEU A 36 8.43 1.13 -9.55
N ASP A 37 7.59 1.58 -10.51
CA ASP A 37 7.16 0.72 -11.60
C ASP A 37 6.50 -0.50 -11.00
N VAL A 38 5.41 -0.28 -10.24
CA VAL A 38 4.69 -1.38 -9.61
C VAL A 38 4.10 -2.27 -10.68
N ASP A 39 4.21 -3.61 -10.49
CA ASP A 39 3.70 -4.53 -11.47
C ASP A 39 2.50 -5.21 -10.89
N SER A 40 2.09 -6.36 -11.50
CA SER A 40 0.92 -7.06 -11.03
C SER A 40 1.29 -8.00 -9.91
N ILE A 41 2.59 -8.27 -9.68
CA ILE A 41 2.96 -9.18 -8.61
C ILE A 41 3.03 -8.40 -7.32
N ASP A 42 3.61 -7.17 -7.36
CA ASP A 42 3.69 -6.37 -6.16
C ASP A 42 2.29 -5.97 -5.75
N ALA A 43 1.43 -5.60 -6.73
CA ALA A 43 0.08 -5.17 -6.42
C ALA A 43 -0.75 -6.34 -5.93
N VAL A 44 -0.62 -7.53 -6.55
CA VAL A 44 -1.41 -8.68 -6.14
C VAL A 44 -1.02 -9.12 -4.76
N ASP A 45 0.29 -9.13 -4.43
CA ASP A 45 0.70 -9.58 -3.11
C ASP A 45 0.13 -8.66 -2.06
N LEU A 46 0.15 -7.34 -2.35
CA LEU A 46 -0.33 -6.36 -1.40
C LEU A 46 -1.83 -6.41 -1.28
N VAL A 47 -2.56 -6.70 -2.37
CA VAL A 47 -4.02 -6.73 -2.32
C VAL A 47 -4.48 -7.83 -1.39
N VAL A 48 -3.84 -9.02 -1.46
CA VAL A 48 -4.26 -10.11 -0.62
C VAL A 48 -3.95 -9.81 0.84
N LYS A 49 -2.81 -9.16 1.14
CA LYS A 49 -2.48 -8.88 2.53
C LYS A 49 -3.18 -7.63 2.99
N ILE A 50 -3.77 -6.85 2.06
CA ILE A 50 -4.50 -5.64 2.41
C ILE A 50 -5.90 -6.07 2.75
N LYS A 51 -6.46 -7.01 1.94
CA LYS A 51 -7.80 -7.51 2.18
C LYS A 51 -7.84 -8.28 3.47
N GLU A 52 -6.75 -9.04 3.75
CA GLU A 52 -6.69 -9.81 4.97
C GLU A 52 -6.50 -8.91 6.17
N LEU A 53 -5.65 -7.86 6.02
CA LEU A 53 -5.35 -6.98 7.13
C LEU A 53 -6.56 -6.17 7.58
N THR A 54 -7.38 -5.63 6.64
CA THR A 54 -8.52 -4.83 7.09
C THR A 54 -9.76 -5.68 7.13
N GLY A 55 -9.81 -6.76 6.33
CA GLY A 55 -10.97 -7.63 6.33
C GLY A 55 -11.99 -7.19 5.31
N LYS A 56 -11.64 -6.23 4.42
CA LYS A 56 -12.60 -5.79 3.43
C LYS A 56 -11.99 -5.92 2.06
N GLN A 57 -12.87 -6.12 1.04
CA GLN A 57 -12.44 -6.28 -0.32
C GLN A 57 -12.16 -4.92 -0.90
N VAL A 58 -11.20 -4.85 -1.86
CA VAL A 58 -10.87 -3.59 -2.47
C VAL A 58 -11.26 -3.64 -3.93
N LYS A 59 -11.55 -2.46 -4.53
CA LYS A 59 -11.92 -2.42 -5.93
C LYS A 59 -10.72 -1.94 -6.70
N PRO A 60 -10.60 -2.44 -7.91
CA PRO A 60 -9.48 -2.11 -8.80
C PRO A 60 -9.51 -0.71 -9.36
N GLU A 61 -10.69 -0.05 -9.35
CA GLU A 61 -10.80 1.29 -9.88
C GLU A 61 -10.00 2.23 -8.99
N ASP A 62 -10.05 2.01 -7.66
CA ASP A 62 -9.35 2.86 -6.73
C ASP A 62 -7.86 2.74 -6.93
N PHE A 63 -7.36 1.50 -7.21
CA PHE A 63 -5.94 1.30 -7.39
C PHE A 63 -5.43 2.05 -8.60
N LYS A 64 -6.22 2.11 -9.70
CA LYS A 64 -5.78 2.82 -10.88
C LYS A 64 -5.61 4.29 -10.55
N ASN A 65 -6.53 4.85 -9.74
CA ASN A 65 -6.46 6.27 -9.38
C ASN A 65 -5.27 6.54 -8.48
N VAL A 66 -4.82 5.53 -7.68
CA VAL A 66 -3.71 5.73 -6.76
C VAL A 66 -2.42 5.87 -7.53
N ARG A 67 -1.56 6.86 -7.13
CA ARG A 67 -0.31 7.05 -7.85
C ARG A 67 0.83 7.20 -6.86
N THR A 68 0.56 7.36 -5.53
CA THR A 68 1.65 7.53 -4.60
C THR A 68 1.44 6.66 -3.37
N VAL A 69 2.55 6.38 -2.65
CA VAL A 69 2.50 5.57 -1.44
C VAL A 69 1.62 6.25 -0.40
N LEU A 70 1.71 7.60 -0.25
CA LEU A 70 0.88 8.30 0.72
C LEU A 70 -0.59 8.08 0.41
N ASP A 71 -0.96 8.04 -0.89
CA ASP A 71 -2.34 7.83 -1.26
C ASP A 71 -2.83 6.50 -0.74
N VAL A 72 -1.98 5.46 -0.78
CA VAL A 72 -2.36 4.13 -0.31
C VAL A 72 -2.61 4.14 1.19
N VAL A 73 -1.75 4.80 2.00
CA VAL A 73 -1.96 4.81 3.44
C VAL A 73 -3.16 5.67 3.77
N THR A 74 -3.44 6.70 2.93
CA THR A 74 -4.58 7.57 3.18
C THR A 74 -5.86 6.82 2.91
N VAL A 75 -5.89 6.03 1.82
CA VAL A 75 -7.07 5.26 1.46
C VAL A 75 -7.33 4.18 2.49
N ILE A 76 -6.25 3.54 2.98
CA ILE A 76 -6.41 2.47 3.95
C ILE A 76 -7.03 3.03 5.23
N GLN A 77 -6.54 4.19 5.72
CA GLN A 77 -7.07 4.78 6.94
C GLN A 77 -8.40 5.45 6.68
N ASN A 78 -8.66 5.83 5.42
CA ASN A 78 -9.89 6.50 5.08
C ASN A 78 -11.05 5.54 5.14
N MET A 79 -10.84 4.31 4.63
CA MET A 79 -11.90 3.33 4.60
C MET A 79 -11.83 2.46 5.84
N THR A 80 -10.77 2.62 6.65
CA THR A 80 -10.65 1.81 7.84
C THR A 80 -11.29 2.54 9.00
N ALA A 81 -10.99 3.85 9.14
CA ALA A 81 -11.58 4.61 10.22
C ALA A 81 -13.01 4.88 9.84
N GLU A 82 -13.90 4.90 10.87
CA GLU A 82 -15.31 5.16 10.63
C GLU A 82 -15.94 3.88 10.07
N MET A 1 -9.07 2.82 15.84
CA MET A 1 -8.53 3.70 14.77
C MET A 1 -7.08 3.38 14.48
N LEU A 2 -6.70 3.44 13.19
CA LEU A 2 -5.34 3.14 12.82
C LEU A 2 -4.77 4.36 12.14
N SER A 3 -3.45 4.58 12.27
CA SER A 3 -2.82 5.74 11.68
C SER A 3 -2.12 5.32 10.42
N GLN A 4 -1.95 6.31 9.51
CA GLN A 4 -1.31 6.06 8.24
C GLN A 4 0.18 5.93 8.45
N GLU A 5 0.71 6.54 9.54
CA GLU A 5 2.13 6.47 9.81
C GLU A 5 2.49 5.06 10.24
N GLN A 6 1.69 4.46 11.16
CA GLN A 6 1.98 3.11 11.60
C GLN A 6 1.63 2.16 10.49
N VAL A 7 0.64 2.54 9.65
CA VAL A 7 0.23 1.72 8.54
C VAL A 7 1.37 1.68 7.54
N LEU A 8 2.09 2.81 7.34
CA LEU A 8 3.21 2.82 6.41
C LEU A 8 4.26 1.85 6.88
N THR A 9 4.52 1.77 8.21
CA THR A 9 5.54 0.85 8.71
C THR A 9 5.17 -0.57 8.36
N LYS A 10 3.88 -0.99 8.56
CA LYS A 10 3.51 -2.36 8.22
C LYS A 10 3.60 -2.57 6.73
N LEU A 11 3.21 -1.53 5.94
CA LEU A 11 3.23 -1.64 4.48
C LEU A 11 4.66 -1.84 4.01
N ARG A 12 5.61 -1.09 4.59
CA ARG A 12 6.99 -1.17 4.19
C ARG A 12 7.57 -2.53 4.53
N GLU A 13 7.22 -3.06 5.72
CA GLU A 13 7.76 -4.33 6.16
C GLU A 13 7.27 -5.48 5.32
N TRP A 14 5.98 -5.47 4.91
CA TRP A 14 5.45 -6.59 4.15
C TRP A 14 5.99 -6.60 2.75
N MET A 15 6.23 -5.42 2.15
CA MET A 15 6.69 -5.39 0.79
C MET A 15 8.16 -5.78 0.76
N GLU A 16 8.90 -5.61 1.89
CA GLU A 16 10.30 -5.99 1.92
C GLU A 16 10.38 -7.47 2.21
N ASP A 17 9.44 -7.97 3.02
CA ASP A 17 9.42 -9.37 3.37
C ASP A 17 9.05 -10.21 2.16
N LEU A 18 8.16 -9.68 1.29
CA LEU A 18 7.71 -10.46 0.16
C LEU A 18 8.63 -10.31 -1.04
N PHE A 19 8.76 -9.09 -1.60
CA PHE A 19 9.54 -8.92 -2.79
C PHE A 19 10.89 -8.31 -2.47
N GLU A 20 11.19 -8.10 -1.17
CA GLU A 20 12.45 -7.54 -0.76
C GLU A 20 12.57 -6.12 -1.27
N ILE A 21 11.47 -5.34 -1.18
CA ILE A 21 11.52 -3.96 -1.61
C ILE A 21 11.95 -3.16 -0.41
N GLU A 22 12.97 -2.28 -0.59
CA GLU A 22 13.47 -1.49 0.52
C GLU A 22 12.43 -0.49 0.94
N PRO A 23 12.12 -0.55 2.21
CA PRO A 23 11.18 0.35 2.85
C PRO A 23 11.75 1.73 3.01
N GLU A 24 13.10 1.86 2.92
CA GLU A 24 13.74 3.14 3.05
C GLU A 24 13.43 3.98 1.83
N THR A 25 13.48 3.37 0.62
CA THR A 25 13.19 4.11 -0.60
C THR A 25 11.72 4.42 -0.66
N VAL A 26 10.87 3.44 -0.25
CA VAL A 26 9.43 3.61 -0.25
C VAL A 26 9.08 4.59 0.83
N GLN A 27 8.85 5.84 0.42
CA GLN A 27 8.47 6.87 1.35
C GLN A 27 7.10 7.32 0.92
N LEU A 28 6.62 8.45 1.47
CA LEU A 28 5.32 8.93 1.10
C LEU A 28 5.50 9.83 -0.09
N ASP A 29 6.77 10.07 -0.50
CA ASP A 29 7.04 10.92 -1.63
C ASP A 29 7.54 10.05 -2.74
N SER A 30 7.31 8.71 -2.67
CA SER A 30 7.80 7.84 -3.72
C SER A 30 6.63 7.50 -4.61
N ASN A 31 6.81 7.69 -5.93
CA ASN A 31 5.76 7.38 -6.89
C ASN A 31 5.79 5.89 -7.06
N LEU A 32 4.60 5.24 -7.07
CA LEU A 32 4.57 3.78 -7.16
C LEU A 32 4.81 3.31 -8.57
N TYR A 33 4.02 3.78 -9.55
CA TYR A 33 4.17 3.30 -10.91
C TYR A 33 5.25 4.08 -11.61
N SER A 34 5.27 5.39 -11.39
CA SER A 34 6.25 6.22 -12.06
C SER A 34 7.64 5.97 -11.52
N ASP A 35 7.80 5.90 -10.19
CA ASP A 35 9.12 5.75 -9.64
C ASP A 35 9.48 4.30 -9.38
N LEU A 36 8.54 3.50 -8.82
CA LEU A 36 8.88 2.13 -8.49
C LEU A 36 8.51 1.19 -9.60
N ASP A 37 7.66 1.63 -10.55
CA ASP A 37 7.25 0.77 -11.64
C ASP A 37 6.63 -0.47 -11.06
N VAL A 38 5.53 -0.29 -10.28
CA VAL A 38 4.85 -1.41 -9.66
C VAL A 38 4.18 -2.23 -10.73
N ASP A 39 4.28 -3.58 -10.62
CA ASP A 39 3.69 -4.45 -11.61
C ASP A 39 2.49 -5.11 -10.98
N SER A 40 2.00 -6.21 -11.61
CA SER A 40 0.83 -6.89 -11.11
C SER A 40 1.21 -7.87 -10.03
N ILE A 41 2.50 -8.17 -9.83
CA ILE A 41 2.87 -9.11 -8.78
C ILE A 41 2.98 -8.38 -7.47
N ASP A 42 3.52 -7.15 -7.48
CA ASP A 42 3.64 -6.41 -6.25
C ASP A 42 2.26 -5.97 -5.82
N ALA A 43 1.41 -5.54 -6.78
CA ALA A 43 0.07 -5.10 -6.44
C ALA A 43 -0.76 -6.26 -5.96
N VAL A 44 -0.63 -7.45 -6.60
CA VAL A 44 -1.43 -8.60 -6.20
C VAL A 44 -1.04 -9.07 -4.83
N ASP A 45 0.28 -9.09 -4.50
CA ASP A 45 0.68 -9.58 -3.19
C ASP A 45 0.12 -8.67 -2.12
N LEU A 46 0.14 -7.35 -2.38
CA LEU A 46 -0.33 -6.38 -1.42
C LEU A 46 -1.83 -6.43 -1.31
N VAL A 47 -2.56 -6.76 -2.39
CA VAL A 47 -4.02 -6.81 -2.33
C VAL A 47 -4.44 -7.90 -1.38
N VAL A 48 -3.78 -9.07 -1.43
CA VAL A 48 -4.17 -10.16 -0.56
C VAL A 48 -3.87 -9.81 0.89
N LYS A 49 -2.74 -9.13 1.18
CA LYS A 49 -2.41 -8.82 2.56
C LYS A 49 -3.16 -7.57 3.00
N ILE A 50 -3.77 -6.84 2.05
CA ILE A 50 -4.52 -5.65 2.39
C ILE A 50 -5.92 -6.10 2.72
N LYS A 51 -6.46 -7.06 1.92
CA LYS A 51 -7.79 -7.58 2.16
C LYS A 51 -7.82 -8.32 3.46
N GLU A 52 -6.73 -9.07 3.77
CA GLU A 52 -6.67 -9.83 4.99
C GLU A 52 -6.50 -8.90 6.17
N LEU A 53 -5.69 -7.84 6.01
CA LEU A 53 -5.40 -6.92 7.09
C LEU A 53 -6.65 -6.17 7.54
N THR A 54 -7.53 -5.70 6.62
CA THR A 54 -8.69 -4.95 7.06
C THR A 54 -9.92 -5.84 7.11
N GLY A 55 -9.96 -6.91 6.28
CA GLY A 55 -11.08 -7.82 6.32
C GLY A 55 -12.09 -7.50 5.25
N LYS A 56 -11.83 -6.52 4.34
CA LYS A 56 -12.81 -6.24 3.32
C LYS A 56 -12.15 -6.21 1.96
N GLN A 57 -12.94 -6.55 0.92
CA GLN A 57 -12.44 -6.60 -0.44
C GLN A 57 -12.21 -5.19 -0.92
N VAL A 58 -11.21 -5.04 -1.83
CA VAL A 58 -10.90 -3.73 -2.35
C VAL A 58 -11.35 -3.69 -3.79
N LYS A 59 -11.63 -2.47 -4.31
CA LYS A 59 -12.05 -2.34 -5.68
C LYS A 59 -10.84 -1.92 -6.47
N PRO A 60 -10.74 -2.41 -7.69
CA PRO A 60 -9.63 -2.14 -8.58
C PRO A 60 -9.60 -0.73 -9.13
N GLU A 61 -10.76 -0.03 -9.07
CA GLU A 61 -10.82 1.32 -9.58
C GLU A 61 -9.98 2.22 -8.69
N ASP A 62 -9.97 1.93 -7.37
CA ASP A 62 -9.23 2.74 -6.43
C ASP A 62 -7.75 2.61 -6.70
N PHE A 63 -7.27 1.39 -7.06
CA PHE A 63 -5.87 1.18 -7.31
C PHE A 63 -5.43 1.96 -8.53
N LYS A 64 -6.30 2.07 -9.54
CA LYS A 64 -5.94 2.84 -10.73
C LYS A 64 -5.73 4.29 -10.35
N ASN A 65 -6.59 4.82 -9.43
CA ASN A 65 -6.48 6.20 -9.01
C ASN A 65 -5.24 6.43 -8.17
N VAL A 66 -4.69 5.36 -7.52
CA VAL A 66 -3.51 5.53 -6.67
C VAL A 66 -2.31 5.90 -7.52
N ARG A 67 -1.54 6.92 -7.05
CA ARG A 67 -0.36 7.36 -7.78
C ARG A 67 0.84 7.33 -6.87
N THR A 68 0.66 7.57 -5.54
CA THR A 68 1.80 7.59 -4.64
C THR A 68 1.52 6.75 -3.42
N VAL A 69 2.62 6.43 -2.68
CA VAL A 69 2.53 5.64 -1.47
C VAL A 69 1.64 6.34 -0.44
N LEU A 70 1.76 7.68 -0.30
CA LEU A 70 0.94 8.41 0.67
C LEU A 70 -0.53 8.20 0.33
N ASP A 71 -0.89 8.16 -0.96
CA ASP A 71 -2.28 7.98 -1.34
C ASP A 71 -2.80 6.64 -0.84
N VAL A 72 -1.95 5.58 -0.88
CA VAL A 72 -2.36 4.26 -0.42
C VAL A 72 -2.64 4.27 1.08
N VAL A 73 -1.79 4.92 1.91
CA VAL A 73 -2.02 4.93 3.35
C VAL A 73 -3.20 5.84 3.66
N THR A 74 -3.45 6.85 2.79
CA THR A 74 -4.57 7.76 3.00
C THR A 74 -5.86 6.99 2.81
N VAL A 75 -5.91 6.17 1.74
CA VAL A 75 -7.10 5.41 1.42
C VAL A 75 -7.32 4.28 2.42
N ILE A 76 -6.23 3.60 2.87
CA ILE A 76 -6.38 2.49 3.80
C ILE A 76 -6.96 3.00 5.11
N GLN A 77 -6.39 4.08 5.67
CA GLN A 77 -6.85 4.65 6.92
C GLN A 77 -8.22 5.29 6.74
N ASN A 78 -8.46 5.91 5.56
CA ASN A 78 -9.71 6.59 5.29
C ASN A 78 -10.87 5.61 5.29
N MET A 79 -10.69 4.41 4.70
CA MET A 79 -11.76 3.45 4.64
C MET A 79 -11.72 2.53 5.83
N THR A 80 -10.66 2.64 6.66
CA THR A 80 -10.54 1.78 7.82
C THR A 80 -11.18 2.47 9.00
N ALA A 81 -10.97 3.79 9.15
CA ALA A 81 -11.54 4.50 10.26
C ALA A 81 -12.94 4.90 9.88
N GLU A 82 -13.88 4.75 10.85
CA GLU A 82 -15.25 5.11 10.58
C GLU A 82 -15.91 5.44 11.92
#